data_8TAO
#
_entry.id   8TAO
#
_cell.length_a   1.00
_cell.length_b   1.00
_cell.length_c   1.00
_cell.angle_alpha   90.00
_cell.angle_beta   90.00
_cell.angle_gamma   90.00
#
_symmetry.space_group_name_H-M   'P 1'
#
loop_
_entity.id
_entity.type
_entity.pdbx_description
1 polymer 'Metabotropic glutamate receptor 5'
2 polymer Nb43
3 non-polymer '(S)-2-AMINO-3-(3,5-DIOXO-[1,2,4]OXADIAZOLIDIN-2-YL)-PROPIONIC ACID'
4 non-polymer 3-cyano-N-(1,3-diphenyl-1H-pyrazol-5-yl)benzamide
#
loop_
_entity_poly.entity_id
_entity_poly.type
_entity_poly.pdbx_seq_one_letter_code
_entity_poly.pdbx_strand_id
1 'polypeptide(L)'
;MKTIIALSYIFCLVFADYKDDDDAAQSSERRVVAHMPGDIIIGALFSVHHQPTVDKVHERKCGAVREQYGIQRVEAMLHT
LERINSDPTLLPNITLGCEIRDSCWHSAVALEQSIEFIRDSLISSEEEEGLVRCVDGSSSSFRSKKPIVGVIGPGSSSVA
IQVQNLLQLFNIPQIAYSATSMDLSDKTLFKYFMRVVPSDAQQARAMVDIVKRYNWTYVSAVHTEGNYGESGMEAFKDMS
AKEGICIAHSYKIYSNAGEQSFDKLLKKLTSHLPKARVVACFCEGMTVRGLLMAMRRLGLAGEFLLLGSDGWADRYDVTD
GYQREAVGGITIKLQSPDVKWFDDYYLKLRPETNHRNPWFQEFWQHRFQCRLEGFPQENSKYNKTCNSSLTLKTHHVQDS
KMGFVINAIYSMAYGLHNMQMSLCPGYAGLCDAMKPIDGRKLLESLMKTNFTGVSGDTILFDENGDSPGRYEIMNFKEMG
KDYFDYINVGSWDNGELKMDDDEVWSKKSNIIRSVCSEPCEKGQIKVIRKGEVSCCWTCTPCKENEYVFDEYTCKACQLG
SWPTDDLTGCDLIPVQYLRWGDPEPIAAVVFACLGLLATLFVTVVFIIYRDTPVVKSSSRELCYIILAGICLGYLCTFCL
IAKPKQIYCYLQRIGIGLSPAMSYSALVTKTNRIARILAGSKKKICTKKPRFMSACAQLVIAFILICIQLGIIVALFIME
PPDIMHDYPSIREVYLICNTTNLGVVTPLGYNGLLILSCTFYAFKTRNVPANFNEAKYIAFTMYTTCIIWLAFVPIYFGS
NYKIITMCFSVSLSATVALGCMFVPKVYIILAKPERNVRSAFTTSTVVRMHVGDGKSSSAASRSSSLVNLWKRRGSSGET
L
;
A,B
2 'polypeptide(L)'
;QVQLVESGGGLVQAGGSLRLSCAASGRTFTSYAMGWFRQAPGKERESVAAISSSGGSTHYADSVKGRFTISRDNSKNTVY
LQMNSLKPEDTAVYYCAAAMYGSRWPDWEYDYWGQGTQVTVSS
;
C,D
#
# COMPACT_ATOMS: atom_id res chain seq x y z
N SER A 28 -3.32 -48.43 13.00
CA SER A 28 -3.72 -49.81 13.26
C SER A 28 -3.88 -50.07 14.76
N GLU A 29 -3.27 -49.21 15.57
CA GLU A 29 -3.35 -49.30 17.02
C GLU A 29 -4.10 -48.10 17.56
N ARG A 30 -5.15 -48.35 18.34
CA ARG A 30 -5.95 -47.27 18.88
C ARG A 30 -5.19 -46.51 19.95
N ARG A 31 -5.54 -45.24 20.11
CA ARG A 31 -4.97 -44.42 21.17
C ARG A 31 -5.75 -44.67 22.47
N VAL A 32 -5.19 -44.15 23.56
CA VAL A 32 -5.74 -44.37 24.89
C VAL A 32 -6.63 -43.19 25.26
N VAL A 33 -7.72 -43.47 25.98
CA VAL A 33 -8.70 -42.46 26.36
C VAL A 33 -8.89 -42.52 27.87
N ALA A 34 -9.13 -41.36 28.50
CA ALA A 34 -9.34 -41.28 29.93
C ALA A 34 -10.83 -41.07 30.18
N HIS A 35 -11.49 -42.07 30.75
CA HIS A 35 -12.95 -42.05 30.88
C HIS A 35 -13.37 -42.06 32.34
N MET A 36 -14.52 -41.45 32.61
CA MET A 36 -15.11 -41.38 33.94
C MET A 36 -16.61 -41.63 33.81
N PRO A 37 -17.16 -42.59 34.55
CA PRO A 37 -18.57 -42.93 34.38
C PRO A 37 -19.50 -41.85 34.90
N GLY A 38 -20.70 -41.83 34.35
CA GLY A 38 -21.72 -40.88 34.78
C GLY A 38 -22.98 -41.05 33.96
N ASP A 39 -24.00 -40.26 34.33
CA ASP A 39 -25.25 -40.26 33.59
C ASP A 39 -25.12 -39.49 32.28
N ILE A 40 -24.37 -38.39 32.29
CA ILE A 40 -24.13 -37.57 31.11
C ILE A 40 -22.64 -37.55 30.83
N ILE A 41 -22.26 -37.82 29.59
CA ILE A 41 -20.86 -37.94 29.19
C ILE A 41 -20.49 -36.71 28.38
N ILE A 42 -19.35 -36.11 28.72
CA ILE A 42 -18.85 -34.90 28.06
C ILE A 42 -17.45 -35.18 27.54
N GLY A 43 -17.23 -34.92 26.25
CA GLY A 43 -15.93 -35.16 25.68
C GLY A 43 -14.97 -34.01 25.91
N ALA A 44 -13.68 -34.28 25.70
CA ALA A 44 -12.66 -33.26 25.81
C ALA A 44 -11.46 -33.67 24.96
N LEU A 45 -10.81 -32.70 24.33
CA LEU A 45 -9.63 -32.91 23.50
C LEU A 45 -8.49 -32.07 24.05
N PHE A 46 -7.42 -32.72 24.49
CA PHE A 46 -6.28 -32.02 25.05
C PHE A 46 -5.00 -32.44 24.35
N SER A 47 -4.04 -31.52 24.30
CA SER A 47 -2.77 -31.75 23.61
C SER A 47 -1.77 -32.32 24.60
N VAL A 48 -1.93 -33.61 24.90
CA VAL A 48 -1.07 -34.28 25.86
C VAL A 48 0.34 -34.43 25.30
N HIS A 49 0.47 -34.68 24.00
CA HIS A 49 1.76 -34.92 23.36
C HIS A 49 2.06 -33.82 22.35
N HIS A 50 3.34 -33.71 22.00
CA HIS A 50 3.77 -32.78 20.97
C HIS A 50 3.32 -33.27 19.59
N GLN A 51 3.15 -32.33 18.67
CA GLN A 51 2.65 -32.68 17.35
C GLN A 51 3.69 -33.46 16.56
N PRO A 52 3.26 -34.28 15.61
CA PRO A 52 4.22 -35.02 14.78
C PRO A 52 5.13 -34.07 14.01
N THR A 53 6.40 -34.46 13.91
CA THR A 53 7.37 -33.69 13.14
C THR A 53 7.27 -34.04 11.66
N VAL A 54 7.97 -33.26 10.84
CA VAL A 54 8.05 -33.58 9.42
C VAL A 54 8.69 -34.94 9.24
N ASP A 55 8.32 -35.62 8.15
CA ASP A 55 8.67 -37.01 7.88
C ASP A 55 8.01 -37.98 8.86
N LYS A 56 7.06 -37.49 9.67
CA LYS A 56 6.29 -38.35 10.56
C LYS A 56 4.81 -37.97 10.59
N VAL A 57 4.38 -36.98 9.81
CA VAL A 57 2.98 -36.56 9.85
C VAL A 57 2.07 -37.60 9.19
N HIS A 58 2.57 -38.29 8.16
CA HIS A 58 1.73 -39.26 7.47
C HIS A 58 1.35 -40.43 8.37
N GLU A 59 2.30 -40.91 9.18
CA GLU A 59 2.00 -41.95 10.14
C GLU A 59 1.25 -41.43 11.36
N ARG A 60 1.23 -40.11 11.57
CA ARG A 60 0.58 -39.49 12.71
C ARG A 60 1.16 -40.00 14.02
N LYS A 61 2.47 -39.81 14.17
CA LYS A 61 3.22 -40.25 15.34
C LYS A 61 3.57 -39.03 16.18
N CYS A 62 2.98 -38.95 17.38
CA CYS A 62 3.13 -37.78 18.22
C CYS A 62 4.48 -37.79 18.93
N GLY A 63 4.78 -36.67 19.58
CA GLY A 63 6.06 -36.49 20.25
C GLY A 63 6.07 -36.91 21.71
N ALA A 64 6.53 -36.02 22.58
CA ALA A 64 6.66 -36.29 24.00
C ALA A 64 5.56 -35.59 24.78
N VAL A 65 5.43 -35.98 26.06
CA VAL A 65 4.35 -35.44 26.89
C VAL A 65 4.60 -33.98 27.20
N ARG A 66 3.57 -33.32 27.71
CA ARG A 66 3.60 -31.91 28.04
C ARG A 66 3.20 -31.70 29.50
N GLU A 67 3.78 -30.68 30.11
CA GLU A 67 3.54 -30.38 31.52
C GLU A 67 2.24 -29.59 31.72
N GLN A 68 2.16 -28.40 31.15
CA GLN A 68 1.04 -27.51 31.38
C GLN A 68 -0.08 -27.73 30.38
N TYR A 69 0.24 -27.90 29.10
CA TYR A 69 -0.77 -28.02 28.07
C TYR A 69 -1.40 -29.41 28.00
N GLY A 70 -0.75 -30.43 28.57
CA GLY A 70 -1.27 -31.77 28.39
C GLY A 70 -1.71 -32.54 29.60
N ILE A 71 -1.07 -32.36 30.75
CA ILE A 71 -1.29 -33.23 31.89
C ILE A 71 -1.99 -32.52 33.05
N GLN A 72 -1.84 -31.20 33.17
CA GLN A 72 -2.56 -30.48 34.21
C GLN A 72 -4.04 -30.32 33.87
N ARG A 73 -4.35 -30.22 32.57
CA ARG A 73 -5.74 -29.99 32.15
C ARG A 73 -6.58 -31.24 32.33
N VAL A 74 -6.00 -32.42 32.13
CA VAL A 74 -6.73 -33.67 32.34
C VAL A 74 -7.14 -33.80 33.81
N GLU A 75 -6.17 -33.60 34.71
CA GLU A 75 -6.47 -33.67 36.14
C GLU A 75 -7.43 -32.57 36.55
N ALA A 76 -7.29 -31.39 35.95
CA ALA A 76 -8.22 -30.29 36.27
C ALA A 76 -9.64 -30.66 35.88
N MET A 77 -9.85 -31.25 34.70
CA MET A 77 -11.19 -31.64 34.31
C MET A 77 -11.74 -32.74 35.20
N LEU A 78 -10.91 -33.74 35.52
CA LEU A 78 -11.36 -34.82 36.39
C LEU A 78 -11.80 -34.27 37.76
N HIS A 79 -10.98 -33.41 38.36
CA HIS A 79 -11.31 -32.88 39.67
C HIS A 79 -12.48 -31.90 39.61
N THR A 80 -12.62 -31.14 38.51
CA THR A 80 -13.77 -30.24 38.39
C THR A 80 -15.06 -31.02 38.31
N LEU A 81 -15.09 -32.11 37.52
CA LEU A 81 -16.28 -32.94 37.48
C LEU A 81 -16.55 -33.60 38.82
N GLU A 82 -15.49 -34.03 39.51
CA GLU A 82 -15.66 -34.62 40.84
C GLU A 82 -16.27 -33.62 41.81
N ARG A 83 -15.81 -32.37 41.75
CA ARG A 83 -16.35 -31.32 42.61
C ARG A 83 -17.80 -30.99 42.27
N ILE A 84 -18.12 -30.98 40.97
CA ILE A 84 -19.50 -30.73 40.55
C ILE A 84 -20.42 -31.83 41.06
N ASN A 85 -19.96 -33.08 40.98
CA ASN A 85 -20.78 -34.20 41.42
C ASN A 85 -21.08 -34.16 42.91
N SER A 86 -20.26 -33.47 43.70
CA SER A 86 -20.48 -33.33 45.12
C SER A 86 -21.29 -32.09 45.48
N ASP A 87 -21.66 -31.28 44.50
CA ASP A 87 -22.43 -30.07 44.75
C ASP A 87 -23.91 -30.38 44.64
N PRO A 88 -24.69 -30.29 45.72
CA PRO A 88 -26.13 -30.57 45.61
C PRO A 88 -26.92 -29.45 44.98
N THR A 89 -26.42 -28.21 44.98
CA THR A 89 -27.15 -27.11 44.38
C THR A 89 -27.10 -27.13 42.86
N LEU A 90 -26.03 -27.68 42.29
CA LEU A 90 -25.83 -27.71 40.84
C LEU A 90 -26.05 -29.13 40.35
N LEU A 91 -27.04 -29.30 39.48
CA LEU A 91 -27.40 -30.59 38.90
C LEU A 91 -27.61 -31.68 39.96
N PRO A 92 -28.58 -31.51 40.85
CA PRO A 92 -28.80 -32.51 41.90
C PRO A 92 -29.28 -33.83 41.32
N ASN A 93 -28.83 -34.92 41.95
CA ASN A 93 -29.23 -36.28 41.61
C ASN A 93 -28.88 -36.61 40.15
N ILE A 94 -27.76 -36.07 39.67
CA ILE A 94 -27.25 -36.38 38.33
C ILE A 94 -25.74 -36.50 38.43
N THR A 95 -25.18 -37.53 37.78
CA THR A 95 -23.75 -37.79 37.77
C THR A 95 -23.19 -37.47 36.39
N LEU A 96 -21.99 -36.88 36.37
CA LEU A 96 -21.34 -36.46 35.13
C LEU A 96 -20.11 -37.32 34.87
N GLY A 97 -20.05 -37.89 33.67
CA GLY A 97 -18.87 -38.58 33.21
C GLY A 97 -18.12 -37.78 32.15
N CYS A 98 -17.04 -38.37 31.66
CA CYS A 98 -16.22 -37.66 30.68
C CYS A 98 -15.36 -38.64 29.91
N GLU A 99 -14.84 -38.17 28.77
CA GLU A 99 -13.82 -38.86 27.98
C GLU A 99 -12.83 -37.83 27.48
N ILE A 100 -11.59 -37.91 27.97
CA ILE A 100 -10.50 -37.07 27.51
C ILE A 100 -9.71 -37.85 26.46
N ARG A 101 -9.48 -37.20 25.32
CA ARG A 101 -8.70 -37.75 24.22
C ARG A 101 -7.56 -36.80 23.87
N ASP A 102 -6.63 -37.30 23.08
CA ASP A 102 -5.41 -36.58 22.73
C ASP A 102 -5.56 -35.99 21.33
N SER A 103 -5.41 -34.68 21.22
CA SER A 103 -5.42 -34.00 19.92
C SER A 103 -4.03 -33.79 19.34
N CYS A 104 -3.00 -33.77 20.20
CA CYS A 104 -1.60 -33.65 19.79
C CYS A 104 -1.31 -32.36 19.04
N TRP A 105 -2.17 -31.35 19.19
CA TRP A 105 -2.02 -30.08 18.48
C TRP A 105 -1.96 -30.27 16.97
N HIS A 106 -2.65 -31.30 16.47
CA HIS A 106 -2.64 -31.64 15.06
C HIS A 106 -4.07 -31.84 14.57
N SER A 107 -4.32 -31.45 13.32
CA SER A 107 -5.67 -31.50 12.78
C SER A 107 -6.11 -32.93 12.47
N ALA A 108 -5.21 -33.75 11.93
CA ALA A 108 -5.59 -35.11 11.55
C ALA A 108 -5.89 -35.98 12.76
N VAL A 109 -5.06 -35.88 13.80
CA VAL A 109 -5.28 -36.66 15.02
C VAL A 109 -6.59 -36.24 15.68
N ALA A 110 -6.84 -34.93 15.74
CA ALA A 110 -8.08 -34.45 16.33
C ALA A 110 -9.29 -34.86 15.51
N LEU A 111 -9.16 -34.90 14.18
CA LEU A 111 -10.24 -35.39 13.34
C LEU A 111 -10.53 -36.86 13.62
N GLU A 112 -9.47 -37.66 13.78
CA GLU A 112 -9.66 -39.07 14.14
C GLU A 112 -10.38 -39.21 15.47
N GLN A 113 -9.96 -38.43 16.47
CA GLN A 113 -10.60 -38.53 17.78
C GLN A 113 -12.04 -38.04 17.75
N SER A 114 -12.35 -37.03 16.92
CA SER A 114 -13.72 -36.57 16.77
C SER A 114 -14.59 -37.63 16.08
N ILE A 115 -14.02 -38.32 15.09
CA ILE A 115 -14.73 -39.44 14.47
C ILE A 115 -15.01 -40.52 15.50
N GLU A 116 -14.04 -40.77 16.39
CA GLU A 116 -14.28 -41.72 17.48
C GLU A 116 -15.39 -41.24 18.40
N PHE A 117 -15.44 -39.93 18.66
CA PHE A 117 -16.52 -39.36 19.47
C PHE A 117 -17.88 -39.63 18.85
N ILE A 118 -17.99 -39.36 17.54
CA ILE A 118 -19.29 -39.44 16.87
C ILE A 118 -19.67 -40.82 16.39
N ARG A 119 -18.75 -41.79 16.47
CA ARG A 119 -19.03 -43.14 15.99
C ARG A 119 -20.20 -43.78 16.72
N ASP A 120 -20.37 -43.48 18.00
CA ASP A 120 -21.48 -44.05 18.76
C ASP A 120 -22.81 -43.64 18.15
N SER A 121 -23.01 -42.34 17.96
CA SER A 121 -24.24 -41.86 17.34
C SER A 121 -24.38 -42.35 15.90
N LEU A 122 -23.27 -42.41 15.17
CA LEU A 122 -23.32 -42.86 13.79
C LEU A 122 -23.80 -44.30 13.70
N ILE A 123 -23.33 -45.17 14.59
CA ILE A 123 -23.79 -46.55 14.62
C ILE A 123 -25.24 -46.63 15.11
N SER A 124 -25.58 -45.84 16.14
CA SER A 124 -26.93 -45.89 16.68
C SER A 124 -27.97 -45.43 15.67
N SER A 125 -27.58 -44.55 14.74
CA SER A 125 -28.53 -44.10 13.72
C SER A 125 -28.98 -45.26 12.83
N GLU A 126 -28.06 -46.13 12.45
CA GLU A 126 -28.39 -47.28 11.61
C GLU A 126 -28.80 -48.48 12.46
N LYS A 145 -23.07 -47.85 23.96
CA LYS A 145 -22.54 -46.90 24.93
C LYS A 145 -23.46 -45.68 25.05
N LYS A 146 -22.90 -44.58 25.57
CA LYS A 146 -23.68 -43.35 25.72
C LYS A 146 -23.18 -42.28 24.77
N PRO A 147 -24.08 -41.46 24.23
CA PRO A 147 -23.65 -40.40 23.32
C PRO A 147 -22.96 -39.26 24.06
N ILE A 148 -22.21 -38.47 23.30
CA ILE A 148 -21.53 -37.29 23.82
C ILE A 148 -22.43 -36.09 23.61
N VAL A 149 -22.68 -35.34 24.69
CA VAL A 149 -23.57 -34.18 24.60
C VAL A 149 -22.83 -32.88 24.29
N GLY A 150 -21.52 -32.82 24.55
CA GLY A 150 -20.76 -31.62 24.27
C GLY A 150 -19.28 -31.90 24.39
N VAL A 151 -18.50 -31.05 23.72
CA VAL A 151 -17.05 -31.20 23.63
C VAL A 151 -16.40 -29.91 24.12
N ILE A 152 -15.33 -30.05 24.89
CA ILE A 152 -14.56 -28.93 25.42
C ILE A 152 -13.18 -28.95 24.76
N GLY A 153 -12.86 -27.89 24.04
CA GLY A 153 -11.63 -27.81 23.29
C GLY A 153 -11.88 -27.89 21.80
N PRO A 154 -10.81 -27.93 20.99
CA PRO A 154 -9.41 -27.91 21.41
C PRO A 154 -8.88 -26.50 21.66
N GLY A 155 -7.55 -26.34 21.64
CA GLY A 155 -6.93 -25.09 22.01
C GLY A 155 -6.39 -24.25 20.88
N SER A 156 -6.44 -24.76 19.64
CA SER A 156 -5.92 -24.03 18.49
C SER A 156 -7.05 -23.78 17.50
N SER A 157 -6.92 -22.68 16.76
CA SER A 157 -8.02 -22.20 15.93
C SER A 157 -8.29 -23.12 14.75
N SER A 158 -7.24 -23.52 14.04
CA SER A 158 -7.44 -24.36 12.85
C SER A 158 -7.99 -25.72 13.23
N VAL A 159 -7.44 -26.33 14.29
CA VAL A 159 -7.95 -27.61 14.75
C VAL A 159 -9.39 -27.47 15.27
N ALA A 160 -9.69 -26.35 15.92
CA ALA A 160 -11.06 -26.10 16.38
C ALA A 160 -12.02 -26.02 15.20
N ILE A 161 -11.61 -25.34 14.13
CA ILE A 161 -12.45 -25.27 12.94
C ILE A 161 -12.66 -26.65 12.33
N GLN A 162 -11.58 -27.44 12.25
CA GLN A 162 -11.68 -28.77 11.68
C GLN A 162 -12.63 -29.65 12.50
N VAL A 163 -12.57 -29.55 13.82
CA VAL A 163 -13.46 -30.34 14.67
C VAL A 163 -14.89 -29.83 14.56
N GLN A 164 -15.07 -28.51 14.50
CA GLN A 164 -16.41 -27.93 14.46
C GLN A 164 -17.14 -28.30 13.18
N ASN A 165 -16.42 -28.35 12.06
CA ASN A 165 -17.06 -28.73 10.80
C ASN A 165 -17.72 -30.10 10.89
N LEU A 166 -17.05 -31.05 11.53
CA LEU A 166 -17.64 -32.38 11.72
C LEU A 166 -18.72 -32.36 12.79
N LEU A 167 -18.50 -31.63 13.88
CA LEU A 167 -19.42 -31.68 15.02
C LEU A 167 -20.77 -31.04 14.70
N GLN A 168 -20.79 -30.00 13.88
CA GLN A 168 -22.03 -29.26 13.65
C GLN A 168 -23.07 -30.08 12.88
N LEU A 169 -22.66 -31.14 12.18
CA LEU A 169 -23.61 -31.99 11.48
C LEU A 169 -24.40 -32.89 12.42
N PHE A 170 -23.91 -33.13 13.63
CA PHE A 170 -24.55 -34.00 14.59
C PHE A 170 -25.17 -33.24 15.76
N ASN A 171 -25.19 -31.91 15.71
CA ASN A 171 -25.80 -31.07 16.73
C ASN A 171 -25.15 -31.30 18.10
N ILE A 172 -23.85 -31.04 18.15
CA ILE A 172 -23.09 -31.16 19.40
C ILE A 172 -22.45 -29.81 19.71
N PRO A 173 -22.93 -29.09 20.71
CA PRO A 173 -22.30 -27.81 21.07
C PRO A 173 -20.86 -28.01 21.52
N GLN A 174 -20.00 -27.05 21.17
CA GLN A 174 -18.58 -27.12 21.48
C GLN A 174 -18.13 -25.79 22.05
N ILE A 175 -17.44 -25.84 23.20
CA ILE A 175 -16.96 -24.66 23.91
C ILE A 175 -15.45 -24.72 23.98
N ALA A 176 -14.80 -23.66 23.49
CA ALA A 176 -13.35 -23.54 23.50
C ALA A 176 -12.92 -22.57 24.59
N TYR A 177 -11.66 -22.70 25.00
CA TYR A 177 -11.10 -21.88 26.07
C TYR A 177 -9.88 -21.07 25.68
N SER A 178 -9.24 -21.39 24.55
CA SER A 178 -8.08 -20.62 24.10
C SER A 178 -8.03 -20.36 22.61
N ALA A 179 -9.04 -20.77 21.84
CA ALA A 179 -9.08 -20.53 20.40
C ALA A 179 -9.71 -19.15 20.18
N THR A 180 -8.89 -18.16 19.86
CA THR A 180 -9.32 -16.77 19.79
C THR A 180 -9.22 -16.20 18.37
N SER A 181 -9.49 -17.03 17.36
CA SER A 181 -9.46 -16.53 15.99
C SER A 181 -10.63 -15.59 15.74
N MET A 182 -10.42 -14.62 14.85
CA MET A 182 -11.43 -13.62 14.57
C MET A 182 -12.56 -14.16 13.70
N ASP A 183 -12.28 -15.17 12.88
CA ASP A 183 -13.27 -15.69 11.93
C ASP A 183 -14.11 -16.82 12.50
N LEU A 184 -13.92 -17.18 13.77
CA LEU A 184 -14.74 -18.19 14.43
C LEU A 184 -16.02 -17.60 15.01
N SER A 185 -16.25 -16.31 14.86
CA SER A 185 -17.42 -15.63 15.41
C SER A 185 -18.54 -15.48 14.39
N ASP A 186 -18.44 -16.16 13.25
CA ASP A 186 -19.48 -16.14 12.22
C ASP A 186 -20.40 -17.32 12.45
N LYS A 187 -21.55 -17.07 13.08
CA LYS A 187 -22.48 -18.14 13.40
C LYS A 187 -23.16 -18.73 12.17
N THR A 188 -23.04 -18.08 11.02
CA THR A 188 -23.55 -18.69 9.79
C THR A 188 -22.80 -19.97 9.46
N LEU A 189 -21.48 -19.95 9.62
CA LEU A 189 -20.65 -21.13 9.35
C LEU A 189 -20.44 -21.97 10.61
N PHE A 190 -20.02 -21.33 11.71
CA PHE A 190 -19.74 -22.01 12.97
C PHE A 190 -20.85 -21.67 13.94
N LYS A 191 -21.93 -22.46 13.91
CA LYS A 191 -23.11 -22.16 14.72
C LYS A 191 -23.03 -22.75 16.11
N TYR A 192 -22.51 -23.97 16.25
CA TYR A 192 -22.46 -24.65 17.54
C TYR A 192 -21.17 -24.37 18.30
N PHE A 193 -20.52 -23.24 18.03
CA PHE A 193 -19.24 -22.90 18.65
C PHE A 193 -19.42 -21.76 19.63
N MET A 194 -18.87 -21.92 20.82
CA MET A 194 -18.86 -20.87 21.84
C MET A 194 -17.48 -20.84 22.48
N ARG A 195 -17.15 -19.71 23.10
CA ARG A 195 -15.87 -19.59 23.78
C ARG A 195 -15.99 -18.61 24.93
N VAL A 196 -15.18 -18.82 25.96
CA VAL A 196 -15.16 -17.96 27.13
C VAL A 196 -14.03 -16.93 27.05
N VAL A 197 -13.49 -16.70 25.86
CA VAL A 197 -12.40 -15.75 25.67
C VAL A 197 -12.75 -14.82 24.51
N PRO A 198 -12.22 -13.60 24.47
CA PRO A 198 -12.49 -12.70 23.35
C PRO A 198 -11.68 -13.08 22.12
N SER A 199 -12.03 -12.43 21.01
CA SER A 199 -11.31 -12.63 19.75
C SER A 199 -10.00 -11.86 19.75
N ASP A 200 -9.18 -12.09 18.72
CA ASP A 200 -7.86 -11.50 18.65
C ASP A 200 -7.84 -10.11 18.02
N ALA A 201 -9.01 -9.58 17.64
CA ALA A 201 -9.06 -8.20 17.17
C ALA A 201 -8.60 -7.24 18.24
N GLN A 202 -8.99 -7.50 19.50
CA GLN A 202 -8.53 -6.66 20.60
C GLN A 202 -7.02 -6.82 20.80
N GLN A 203 -6.47 -8.01 20.58
CA GLN A 203 -5.03 -8.18 20.64
C GLN A 203 -4.32 -7.37 19.57
N ALA A 204 -4.86 -7.37 18.35
CA ALA A 204 -4.28 -6.56 17.29
C ALA A 204 -4.34 -5.08 17.63
N ARG A 205 -5.46 -4.63 18.19
CA ARG A 205 -5.59 -3.23 18.59
C ARG A 205 -4.58 -2.87 19.67
N ALA A 206 -4.40 -3.77 20.64
CA ALA A 206 -3.42 -3.52 21.71
C ALA A 206 -2.01 -3.45 21.17
N MET A 207 -1.66 -4.36 20.24
CA MET A 207 -0.33 -4.34 19.65
C MET A 207 -0.10 -3.05 18.86
N VAL A 208 -1.11 -2.61 18.12
CA VAL A 208 -0.99 -1.36 17.36
C VAL A 208 -0.81 -0.19 18.31
N ASP A 209 -1.55 -0.18 19.42
CA ASP A 209 -1.38 0.89 20.41
C ASP A 209 0.03 0.88 20.99
N ILE A 210 0.56 -0.32 21.28
CA ILE A 210 1.90 -0.41 21.86
C ILE A 210 2.94 0.11 20.88
N VAL A 211 2.83 -0.26 19.60
CA VAL A 211 3.82 0.22 18.63
C VAL A 211 3.65 1.70 18.38
N LYS A 212 2.43 2.22 18.46
CA LYS A 212 2.22 3.66 18.30
C LYS A 212 2.84 4.45 19.45
N ARG A 213 2.71 3.95 20.67
CA ARG A 213 3.16 4.73 21.84
C ARG A 213 4.65 4.98 21.80
N TYR A 214 5.44 3.98 21.43
CA TYR A 214 6.89 4.09 21.42
C TYR A 214 7.45 4.53 20.07
N ASN A 215 6.58 4.96 19.15
CA ASN A 215 6.99 5.55 17.87
C ASN A 215 7.72 4.56 16.98
N TRP A 216 7.35 3.28 17.03
CA TRP A 216 7.80 2.35 16.01
C TRP A 216 7.07 2.62 14.71
N THR A 217 7.80 3.02 13.68
CA THR A 217 7.21 3.31 12.38
C THR A 217 7.72 2.45 11.24
N TYR A 218 8.85 1.76 11.42
CA TYR A 218 9.42 0.86 10.41
C TYR A 218 9.63 -0.49 11.09
N VAL A 219 8.58 -1.29 11.12
CA VAL A 219 8.56 -2.53 11.89
C VAL A 219 8.41 -3.71 10.92
N SER A 220 9.20 -4.75 11.15
CA SER A 220 9.03 -5.99 10.40
C SER A 220 7.92 -6.82 11.02
N ALA A 221 7.38 -7.74 10.23
CA ALA A 221 6.25 -8.55 10.67
C ALA A 221 6.50 -10.03 10.35
N VAL A 222 5.97 -10.90 11.21
CA VAL A 222 6.03 -12.34 10.97
C VAL A 222 4.87 -12.99 11.71
N HIS A 223 4.27 -14.00 11.07
CA HIS A 223 3.19 -14.77 11.65
C HIS A 223 3.42 -16.24 11.31
N THR A 224 2.51 -17.10 11.77
CA THR A 224 2.62 -18.53 11.58
C THR A 224 1.44 -19.03 10.74
N GLU A 225 1.65 -20.18 10.09
CA GLU A 225 0.61 -20.77 9.26
C GLU A 225 -0.62 -21.11 10.08
N GLY A 226 -1.80 -20.83 9.52
CA GLY A 226 -3.04 -21.16 10.18
C GLY A 226 -4.02 -20.02 10.25
N ASN A 227 -5.23 -20.29 10.75
CA ASN A 227 -6.25 -19.25 10.86
C ASN A 227 -5.83 -18.15 11.82
N TYR A 228 -5.27 -18.54 12.97
CA TYR A 228 -4.94 -17.58 14.02
C TYR A 228 -3.94 -16.54 13.54
N GLY A 229 -2.77 -17.00 13.08
CA GLY A 229 -1.73 -16.08 12.67
C GLY A 229 -2.15 -15.23 11.49
N GLU A 230 -2.79 -15.84 10.49
CA GLU A 230 -3.20 -15.11 9.30
C GLU A 230 -4.21 -14.02 9.63
N SER A 231 -5.24 -14.36 10.41
CA SER A 231 -6.26 -13.38 10.75
C SER A 231 -5.68 -12.25 11.58
N GLY A 232 -4.88 -12.58 12.59
CA GLY A 232 -4.30 -11.54 13.43
C GLY A 232 -3.36 -10.64 12.66
N MET A 233 -2.56 -11.21 11.75
CA MET A 233 -1.65 -10.38 10.96
C MET A 233 -2.41 -9.51 9.98
N GLU A 234 -3.53 -10.01 9.44
CA GLU A 234 -4.36 -9.17 8.58
C GLU A 234 -4.91 -7.98 9.36
N ALA A 235 -5.43 -8.23 10.56
CA ALA A 235 -5.97 -7.15 11.37
C ALA A 235 -4.88 -6.14 11.74
N PHE A 236 -3.70 -6.64 12.12
CA PHE A 236 -2.59 -5.75 12.47
C PHE A 236 -2.16 -4.91 11.28
N LYS A 237 -2.09 -5.52 10.09
CA LYS A 237 -1.71 -4.78 8.89
C LYS A 237 -2.72 -3.67 8.61
N ASP A 238 -4.01 -3.99 8.70
CA ASP A 238 -5.04 -2.99 8.44
C ASP A 238 -4.95 -1.82 9.42
N MET A 239 -4.87 -2.13 10.72
CA MET A 239 -4.82 -1.07 11.71
C MET A 239 -3.56 -0.23 11.58
N SER A 240 -2.41 -0.87 11.33
CA SER A 240 -1.17 -0.14 11.14
C SER A 240 -1.23 0.76 9.92
N ALA A 241 -1.82 0.28 8.82
CA ALA A 241 -1.97 1.12 7.65
C ALA A 241 -2.87 2.32 7.94
N LYS A 242 -3.94 2.10 8.71
CA LYS A 242 -4.80 3.23 9.08
C LYS A 242 -4.05 4.25 9.93
N GLU A 243 -3.24 3.77 10.88
CA GLU A 243 -2.59 4.68 11.82
C GLU A 243 -1.27 5.24 11.30
N GLY A 244 -0.81 4.82 10.12
CA GLY A 244 0.40 5.39 9.55
C GLY A 244 1.67 4.72 10.03
N ILE A 245 1.74 3.40 9.91
CA ILE A 245 2.91 2.62 10.28
C ILE A 245 3.31 1.77 9.07
N CYS A 246 4.57 1.87 8.68
CA CYS A 246 5.07 1.17 7.50
C CYS A 246 5.72 -0.14 7.90
N ILE A 247 5.37 -1.21 7.21
CA ILE A 247 5.89 -2.54 7.46
C ILE A 247 7.00 -2.82 6.45
N ALA A 248 8.18 -3.19 6.94
CA ALA A 248 9.30 -3.47 6.05
C ALA A 248 9.00 -4.67 5.16
N HIS A 249 8.60 -5.79 5.76
CA HIS A 249 8.25 -6.98 5.01
C HIS A 249 7.44 -7.91 5.91
N SER A 250 6.76 -8.86 5.28
CA SER A 250 5.93 -9.83 5.97
C SER A 250 6.39 -11.24 5.65
N TYR A 251 6.44 -12.09 6.68
CA TYR A 251 6.89 -13.46 6.52
C TYR A 251 5.95 -14.40 7.26
N LYS A 252 5.92 -15.65 6.80
CA LYS A 252 5.14 -16.70 7.44
C LYS A 252 5.96 -17.99 7.42
N ILE A 253 5.70 -18.85 8.39
CA ILE A 253 6.46 -20.09 8.53
C ILE A 253 5.66 -21.06 9.39
N TYR A 254 5.78 -22.35 9.09
CA TYR A 254 5.20 -23.37 9.93
C TYR A 254 5.99 -23.53 11.22
N SER A 255 5.29 -23.80 12.32
CA SER A 255 5.96 -24.14 13.57
C SER A 255 6.58 -25.53 13.52
N ASN A 256 6.28 -26.32 12.49
CA ASN A 256 6.84 -27.66 12.31
C ASN A 256 8.02 -27.66 11.35
N ALA A 257 8.47 -26.49 10.90
CA ALA A 257 9.54 -26.42 9.93
C ALA A 257 10.88 -26.83 10.55
N GLY A 258 11.84 -27.14 9.69
CA GLY A 258 13.16 -27.55 10.12
C GLY A 258 14.05 -26.37 10.45
N GLU A 259 15.33 -26.68 10.66
CA GLU A 259 16.30 -25.66 11.03
C GLU A 259 16.66 -24.77 9.84
N GLN A 260 16.71 -25.34 8.63
CA GLN A 260 17.08 -24.55 7.46
C GLN A 260 16.06 -23.45 7.19
N SER A 261 14.77 -23.75 7.36
CA SER A 261 13.73 -22.74 7.13
C SER A 261 13.87 -21.59 8.11
N PHE A 262 14.12 -21.89 9.39
CA PHE A 262 14.28 -20.82 10.38
C PHE A 262 15.56 -20.03 10.14
N ASP A 263 16.62 -20.68 9.68
CA ASP A 263 17.84 -19.97 9.35
C ASP A 263 17.61 -19.01 8.18
N LYS A 264 16.90 -19.46 7.15
CA LYS A 264 16.59 -18.59 6.02
C LYS A 264 15.71 -17.42 6.47
N LEU A 265 14.74 -17.69 7.33
CA LEU A 265 13.88 -16.63 7.86
C LEU A 265 14.70 -15.60 8.63
N LEU A 266 15.64 -16.06 9.45
CA LEU A 266 16.47 -15.14 10.22
C LEU A 266 17.37 -14.31 9.29
N LYS A 267 17.92 -14.93 8.24
CA LYS A 267 18.73 -14.17 7.30
C LYS A 267 17.89 -13.11 6.60
N LYS A 268 16.67 -13.45 6.19
CA LYS A 268 15.79 -12.47 5.58
C LYS A 268 15.48 -11.32 6.54
N LEU A 269 15.24 -11.65 7.82
CA LEU A 269 14.97 -10.61 8.80
C LEU A 269 16.17 -9.68 8.98
N THR A 270 17.37 -10.25 9.06
CA THR A 270 18.57 -9.45 9.23
C THR A 270 18.94 -8.66 7.98
N SER A 271 18.39 -9.03 6.82
CA SER A 271 18.64 -8.26 5.61
C SER A 271 18.11 -6.83 5.72
N HIS A 272 17.13 -6.58 6.58
CA HIS A 272 16.56 -5.25 6.75
C HIS A 272 17.24 -4.44 7.85
N LEU A 273 18.20 -5.01 8.57
CA LEU A 273 18.88 -4.27 9.61
C LEU A 273 19.76 -3.18 9.01
N PRO A 274 20.04 -2.09 9.76
CA PRO A 274 19.58 -1.81 11.12
C PRO A 274 18.30 -0.98 11.17
N LYS A 275 17.66 -0.78 10.01
CA LYS A 275 16.46 0.06 9.96
C LYS A 275 15.34 -0.52 10.82
N ALA A 276 14.87 -1.71 10.47
CA ALA A 276 13.76 -2.34 11.18
C ALA A 276 14.31 -3.13 12.35
N ARG A 277 14.39 -2.47 13.50
CA ARG A 277 14.92 -3.09 14.72
C ARG A 277 13.85 -3.82 15.53
N VAL A 278 12.58 -3.73 15.13
CA VAL A 278 11.48 -4.32 15.88
C VAL A 278 10.72 -5.25 14.95
N VAL A 279 10.42 -6.45 15.45
CA VAL A 279 9.67 -7.46 14.72
C VAL A 279 8.40 -7.78 15.49
N ALA A 280 7.25 -7.64 14.83
CA ALA A 280 5.97 -8.04 15.40
C ALA A 280 5.73 -9.49 15.03
N CYS A 281 5.82 -10.37 16.04
CA CYS A 281 5.69 -11.81 15.84
C CYS A 281 4.34 -12.24 16.39
N PHE A 282 3.35 -12.37 15.51
CA PHE A 282 2.03 -12.81 15.95
C PHE A 282 1.91 -14.33 15.72
N CYS A 283 2.79 -15.06 16.38
CA CYS A 283 2.98 -16.48 16.12
C CYS A 283 2.91 -17.27 17.43
N GLU A 284 3.00 -18.59 17.30
CA GLU A 284 2.88 -19.49 18.44
C GLU A 284 4.19 -19.57 19.22
N GLY A 285 4.18 -20.34 20.31
CA GLY A 285 5.38 -20.46 21.13
C GLY A 285 6.50 -21.20 20.43
N MET A 286 6.15 -22.25 19.67
CA MET A 286 7.18 -23.05 19.01
C MET A 286 7.90 -22.27 17.93
N THR A 287 7.18 -21.40 17.22
CA THR A 287 7.83 -20.54 16.24
C THR A 287 8.83 -19.59 16.89
N VAL A 288 8.45 -19.02 18.04
CA VAL A 288 9.36 -18.12 18.75
C VAL A 288 10.58 -18.89 19.24
N ARG A 289 10.37 -20.11 19.76
CA ARG A 289 11.50 -20.92 20.21
C ARG A 289 12.44 -21.26 19.05
N GLY A 290 11.87 -21.60 17.89
CA GLY A 290 12.70 -21.84 16.72
C GLY A 290 13.48 -20.62 16.30
N LEU A 291 12.86 -19.44 16.38
CA LEU A 291 13.57 -18.19 16.10
C LEU A 291 14.73 -18.00 17.07
N LEU A 292 14.52 -18.27 18.35
CA LEU A 292 15.59 -18.13 19.33
C LEU A 292 16.73 -19.10 19.06
N MET A 293 16.40 -20.35 18.72
CA MET A 293 17.45 -21.32 18.39
C MET A 293 18.23 -20.90 17.16
N ALA A 294 17.54 -20.38 16.14
CA ALA A 294 18.23 -19.89 14.96
C ALA A 294 19.14 -18.71 15.31
N MET A 295 18.67 -17.81 16.18
CA MET A 295 19.49 -16.67 16.57
C MET A 295 20.74 -17.12 17.32
N ARG A 296 20.61 -18.13 18.18
CA ARG A 296 21.80 -18.68 18.84
C ARG A 296 22.75 -19.30 17.82
N ARG A 297 22.21 -20.05 16.86
CA ARG A 297 23.07 -20.70 15.87
C ARG A 297 23.81 -19.68 15.02
N LEU A 298 23.16 -18.57 14.67
CA LEU A 298 23.78 -17.53 13.87
C LEU A 298 24.57 -16.53 14.70
N GLY A 299 24.62 -16.70 16.02
CA GLY A 299 25.39 -15.81 16.86
C GLY A 299 24.86 -14.39 16.92
N LEU A 300 23.54 -14.24 17.02
CA LEU A 300 22.89 -12.94 17.08
C LEU A 300 22.19 -12.79 18.42
N ALA A 301 22.41 -11.65 19.08
CA ALA A 301 21.79 -11.37 20.36
C ALA A 301 21.81 -9.87 20.59
N GLY A 302 20.64 -9.28 20.83
CA GLY A 302 20.52 -7.86 21.03
C GLY A 302 20.20 -7.07 19.78
N GLU A 303 20.27 -7.69 18.61
CA GLU A 303 19.97 -7.02 17.35
C GLU A 303 18.49 -6.89 17.07
N PHE A 304 17.62 -7.52 17.86
CA PHE A 304 16.20 -7.49 17.59
C PHE A 304 15.43 -7.26 18.87
N LEU A 305 14.22 -6.71 18.74
CA LEU A 305 13.26 -6.60 19.83
C LEU A 305 11.94 -7.13 19.29
N LEU A 306 11.67 -8.41 19.51
CA LEU A 306 10.48 -9.05 18.99
C LEU A 306 9.32 -8.87 19.96
N LEU A 307 8.18 -8.48 19.42
CA LEU A 307 6.98 -8.20 20.21
C LEU A 307 5.94 -9.27 19.92
N GLY A 308 5.60 -10.06 20.95
CA GLY A 308 4.81 -11.25 20.77
C GLY A 308 3.35 -11.08 21.15
N SER A 309 2.63 -12.20 21.09
CA SER A 309 1.19 -12.25 21.35
C SER A 309 0.90 -13.32 22.40
N ASP A 310 -0.37 -13.68 22.57
CA ASP A 310 -0.73 -14.62 23.62
C ASP A 310 -0.16 -16.02 23.39
N GLY A 311 0.34 -16.31 22.19
CA GLY A 311 1.03 -17.57 21.97
C GLY A 311 2.27 -17.70 22.84
N TRP A 312 3.07 -16.64 22.91
CA TRP A 312 4.21 -16.54 23.82
C TRP A 312 3.86 -15.43 24.81
N ALA A 313 3.30 -15.80 25.96
CA ALA A 313 2.75 -14.83 26.89
C ALA A 313 3.57 -14.73 28.17
N ASP A 314 3.68 -15.82 28.93
CA ASP A 314 4.67 -15.89 30.00
C ASP A 314 5.24 -17.30 30.14
N ARG A 315 5.21 -18.08 29.06
CA ARG A 315 5.61 -19.48 29.13
C ARG A 315 7.14 -19.59 29.22
N TYR A 316 7.61 -20.35 30.19
CA TYR A 316 9.04 -20.62 30.32
C TYR A 316 9.51 -21.69 29.36
N ASP A 317 8.59 -22.34 28.64
CA ASP A 317 8.99 -23.38 27.69
C ASP A 317 9.80 -22.78 26.54
N VAL A 318 9.42 -21.59 26.08
CA VAL A 318 10.04 -21.02 24.89
C VAL A 318 11.38 -20.36 25.18
N THR A 319 11.66 -20.02 26.44
CA THR A 319 12.87 -19.30 26.80
C THR A 319 13.67 -20.08 27.83
N ASP A 320 13.79 -21.39 27.64
CA ASP A 320 14.61 -22.24 28.51
C ASP A 320 15.89 -22.58 27.76
N GLY A 321 17.01 -22.10 28.28
CA GLY A 321 18.29 -22.26 27.64
C GLY A 321 18.59 -21.23 26.57
N TYR A 322 17.66 -20.33 26.27
CA TYR A 322 17.84 -19.27 25.29
C TYR A 322 17.36 -17.94 25.85
N GLN A 323 17.58 -17.73 27.16
CA GLN A 323 17.16 -16.48 27.78
C GLN A 323 17.89 -15.29 27.21
N ARG A 324 19.20 -15.44 26.95
CA ARG A 324 20.00 -14.33 26.45
C ARG A 324 19.51 -13.81 25.10
N GLU A 325 18.80 -14.63 24.34
CA GLU A 325 18.29 -14.23 23.03
C GLU A 325 16.91 -13.58 23.11
N ALA A 326 16.29 -13.54 24.27
CA ALA A 326 14.93 -13.03 24.40
C ALA A 326 14.82 -11.91 25.44
N VAL A 327 15.93 -11.37 25.92
CA VAL A 327 15.89 -10.30 26.92
C VAL A 327 15.34 -9.03 26.27
N GLY A 328 14.42 -8.38 26.95
CA GLY A 328 13.83 -7.15 26.46
C GLY A 328 12.61 -7.33 25.59
N GLY A 329 12.16 -8.55 25.35
CA GLY A 329 10.97 -8.76 24.54
C GLY A 329 9.70 -8.45 25.32
N ILE A 330 8.78 -7.74 24.64
CA ILE A 330 7.51 -7.34 25.22
C ILE A 330 6.43 -8.23 24.64
N THR A 331 5.54 -8.73 25.50
CA THR A 331 4.51 -9.66 25.09
C THR A 331 3.19 -9.30 25.76
N ILE A 332 2.11 -9.90 25.28
CA ILE A 332 0.76 -9.64 25.78
C ILE A 332 0.11 -10.96 26.14
N LYS A 333 -0.66 -10.95 27.24
CA LYS A 333 -1.30 -12.16 27.73
C LYS A 333 -2.71 -11.83 28.21
N LEU A 334 -3.55 -12.85 28.29
CA LEU A 334 -4.87 -12.69 28.86
C LEU A 334 -4.79 -12.60 30.37
N GLN A 335 -5.78 -11.95 30.97
CA GLN A 335 -5.81 -11.73 32.41
C GLN A 335 -6.52 -12.89 33.08
N SER A 336 -5.79 -13.67 33.88
CA SER A 336 -6.35 -14.82 34.57
C SER A 336 -5.53 -15.14 35.82
N PRO A 337 -6.11 -15.00 37.00
CA PRO A 337 -5.37 -15.32 38.23
C PRO A 337 -5.28 -16.82 38.46
N ASP A 338 -4.44 -17.19 39.43
CA ASP A 338 -4.22 -18.59 39.75
C ASP A 338 -5.42 -19.17 40.50
N VAL A 339 -5.56 -20.49 40.44
CA VAL A 339 -6.58 -21.24 41.15
C VAL A 339 -5.89 -22.02 42.24
N LYS A 340 -6.38 -21.90 43.48
CA LYS A 340 -5.69 -22.45 44.63
C LYS A 340 -6.07 -23.90 44.92
N TRP A 341 -7.36 -24.24 44.83
CA TRP A 341 -7.76 -25.62 45.11
C TRP A 341 -7.20 -26.58 44.07
N PHE A 342 -7.00 -26.12 42.84
CA PHE A 342 -6.32 -26.96 41.85
C PHE A 342 -4.91 -27.29 42.29
N ASP A 343 -4.17 -26.30 42.81
CA ASP A 343 -2.84 -26.57 43.33
C ASP A 343 -2.89 -27.54 44.51
N ASP A 344 -3.85 -27.33 45.42
CA ASP A 344 -3.98 -28.20 46.58
C ASP A 344 -4.20 -29.65 46.15
N TYR A 345 -5.06 -29.87 45.16
CA TYR A 345 -5.30 -31.23 44.68
C TYR A 345 -4.11 -31.78 43.92
N TYR A 346 -3.50 -30.95 43.07
CA TYR A 346 -2.48 -31.43 42.13
C TYR A 346 -1.16 -31.77 42.82
N LEU A 347 -0.73 -30.95 43.77
CA LEU A 347 0.60 -31.17 44.34
C LEU A 347 0.68 -32.39 45.26
N LYS A 348 -0.34 -33.24 45.34
CA LYS A 348 -0.30 -34.42 46.19
C LYS A 348 -0.45 -35.71 45.41
N LEU A 349 -0.36 -35.67 44.08
CA LEU A 349 -0.57 -36.86 43.27
C LEU A 349 0.70 -37.69 43.21
N ARG A 350 0.55 -39.00 43.32
CA ARG A 350 1.65 -39.95 43.25
C ARG A 350 1.39 -40.99 42.18
N PRO A 351 2.43 -41.49 41.53
CA PRO A 351 2.22 -42.46 40.44
C PRO A 351 1.59 -43.76 40.89
N GLU A 352 1.87 -44.22 42.09
CA GLU A 352 1.42 -45.54 42.53
C GLU A 352 -0.03 -45.56 42.99
N THR A 353 -0.67 -44.40 43.14
CA THR A 353 -2.05 -44.33 43.60
C THR A 353 -2.97 -43.62 42.64
N ASN A 354 -2.48 -43.15 41.50
CA ASN A 354 -3.30 -42.46 40.50
C ASN A 354 -3.77 -43.49 39.50
N HIS A 355 -5.05 -43.88 39.61
CA HIS A 355 -5.66 -44.87 38.73
C HIS A 355 -6.72 -44.24 37.83
N ARG A 356 -6.48 -43.01 37.38
CA ARG A 356 -7.43 -42.33 36.51
C ARG A 356 -6.73 -41.79 35.26
N ASN A 357 -5.46 -41.43 35.38
CA ASN A 357 -4.72 -40.84 34.27
C ASN A 357 -3.86 -41.90 33.61
N PRO A 358 -4.14 -42.28 32.37
CA PRO A 358 -3.29 -43.28 31.69
C PRO A 358 -1.93 -42.74 31.26
N TRP A 359 -1.71 -41.43 31.29
CA TRP A 359 -0.46 -40.82 30.85
C TRP A 359 0.36 -40.30 32.02
N PHE A 360 0.17 -40.85 33.21
CA PHE A 360 0.81 -40.28 34.40
C PHE A 360 2.15 -40.90 34.72
N GLN A 361 2.31 -42.22 34.52
CA GLN A 361 3.61 -42.84 34.78
C GLN A 361 4.66 -42.37 33.78
N GLU A 362 4.28 -42.28 32.51
CA GLU A 362 5.17 -41.73 31.49
C GLU A 362 5.52 -40.27 31.81
N PHE A 363 4.52 -39.50 32.26
CA PHE A 363 4.77 -38.14 32.71
C PHE A 363 5.79 -38.09 33.84
N TRP A 364 5.61 -38.93 34.86
CA TRP A 364 6.51 -38.92 36.01
C TRP A 364 7.93 -39.25 35.58
N GLN A 365 8.08 -40.29 34.76
CA GLN A 365 9.42 -40.69 34.31
C GLN A 365 10.06 -39.61 33.45
N HIS A 366 9.30 -39.01 32.54
CA HIS A 366 9.85 -37.97 31.67
C HIS A 366 10.25 -36.74 32.47
N ARG A 367 9.42 -36.33 33.43
CA ARG A 367 9.73 -35.12 34.19
C ARG A 367 10.91 -35.32 35.12
N PHE A 368 10.94 -36.44 35.84
CA PHE A 368 12.00 -36.65 36.83
C PHE A 368 13.20 -37.40 36.25
N GLN A 369 13.18 -37.73 34.96
CA GLN A 369 14.30 -38.39 34.28
C GLN A 369 14.69 -39.69 34.98
N CYS A 370 13.71 -40.38 35.53
CA CYS A 370 13.92 -41.62 36.28
C CYS A 370 13.18 -42.75 35.58
N ARG A 371 13.27 -43.95 36.18
CA ARG A 371 12.44 -45.07 35.75
C ARG A 371 11.89 -45.76 36.98
N LEU A 372 10.58 -45.98 37.00
CA LEU A 372 9.93 -46.65 38.11
C LEU A 372 10.24 -48.15 38.03
N GLU A 373 10.76 -48.71 39.12
CA GLU A 373 11.41 -50.01 39.06
C GLU A 373 10.47 -51.10 38.55
N GLY A 374 9.43 -51.41 39.30
CA GLY A 374 8.51 -52.48 38.95
C GLY A 374 7.18 -52.05 38.40
N PHE A 375 7.01 -50.76 38.09
CA PHE A 375 5.71 -50.27 37.65
C PHE A 375 5.38 -50.82 36.25
N PRO A 376 4.09 -51.03 35.96
CA PRO A 376 3.72 -51.60 34.66
C PRO A 376 4.17 -50.76 33.48
N GLN A 377 4.07 -49.44 33.56
CA GLN A 377 4.49 -48.57 32.48
C GLN A 377 5.91 -48.08 32.70
N GLU A 378 6.85 -49.00 32.82
CA GLU A 378 8.25 -48.66 33.04
C GLU A 378 8.97 -48.44 31.71
N ASN A 379 9.74 -47.36 31.65
CA ASN A 379 10.56 -47.03 30.49
C ASN A 379 12.01 -47.27 30.85
N SER A 380 12.66 -48.19 30.13
CA SER A 380 14.05 -48.54 30.44
C SER A 380 15.05 -47.65 29.72
N LYS A 381 14.60 -46.64 28.98
CA LYS A 381 15.53 -45.70 28.37
C LYS A 381 16.35 -44.97 29.42
N TYR A 382 15.71 -44.54 30.51
CA TYR A 382 16.39 -43.82 31.57
C TYR A 382 17.19 -44.80 32.44
N ASN A 383 17.91 -44.24 33.41
CA ASN A 383 18.70 -45.02 34.33
C ASN A 383 18.56 -44.40 35.72
N LYS A 384 19.44 -44.82 36.64
CA LYS A 384 19.54 -44.32 38.00
C LYS A 384 18.28 -44.60 38.84
N THR A 385 17.31 -45.31 38.27
CA THR A 385 16.03 -45.62 38.94
C THR A 385 15.34 -44.36 39.42
N CYS A 386 14.31 -44.51 40.25
CA CYS A 386 13.48 -43.38 40.66
C CYS A 386 13.32 -43.40 42.17
N ASN A 387 13.59 -42.26 42.80
CA ASN A 387 13.56 -42.16 44.25
C ASN A 387 12.13 -42.14 44.77
N SER A 388 11.98 -42.51 46.04
CA SER A 388 10.69 -42.46 46.71
C SER A 388 10.41 -41.13 47.40
N SER A 389 11.40 -40.24 47.47
CA SER A 389 11.23 -38.92 48.06
C SER A 389 10.96 -37.84 47.02
N LEU A 390 10.90 -38.20 45.74
CA LEU A 390 10.59 -37.23 44.70
C LEU A 390 9.17 -36.71 44.88
N THR A 391 9.02 -35.39 44.78
CA THR A 391 7.72 -34.75 44.95
C THR A 391 7.47 -33.81 43.78
N LEU A 392 6.19 -33.60 43.49
CA LEU A 392 5.78 -32.78 42.36
C LEU A 392 5.72 -31.29 42.72
N LYS A 393 5.99 -30.95 43.97
CA LYS A 393 5.94 -29.55 44.40
C LYS A 393 7.12 -28.73 43.90
N THR A 394 8.30 -29.34 43.78
CA THR A 394 9.50 -28.60 43.39
C THR A 394 9.39 -28.12 41.95
N HIS A 395 9.80 -26.88 41.73
CA HIS A 395 9.82 -26.25 40.40
C HIS A 395 8.43 -26.28 39.76
N HIS A 396 7.41 -26.04 40.58
CA HIS A 396 6.03 -26.07 40.10
C HIS A 396 5.63 -24.71 39.56
N VAL A 397 5.15 -24.70 38.32
CA VAL A 397 4.52 -23.53 37.72
C VAL A 397 3.20 -23.96 37.10
N GLN A 398 2.15 -23.21 37.36
CA GLN A 398 0.80 -23.57 36.95
C GLN A 398 0.48 -23.00 35.58
N ASP A 399 -0.42 -23.67 34.87
CA ASP A 399 -0.85 -23.21 33.56
C ASP A 399 -1.47 -21.82 33.67
N SER A 400 -1.11 -20.95 32.72
CA SER A 400 -1.56 -19.56 32.76
C SER A 400 -2.99 -19.38 32.26
N LYS A 401 -3.56 -20.39 31.60
CA LYS A 401 -4.95 -20.35 31.13
C LYS A 401 -5.85 -21.24 31.97
N MET A 402 -5.35 -21.72 33.12
CA MET A 402 -6.01 -22.82 33.82
C MET A 402 -7.45 -22.46 34.16
N GLY A 403 -7.67 -21.29 34.75
CA GLY A 403 -9.02 -20.89 35.11
C GLY A 403 -9.96 -20.90 33.93
N PHE A 404 -9.50 -20.42 32.78
CA PHE A 404 -10.32 -20.46 31.57
C PHE A 404 -10.85 -21.87 31.34
N VAL A 405 -9.96 -22.86 31.40
CA VAL A 405 -10.37 -24.25 31.20
C VAL A 405 -11.48 -24.61 32.17
N ILE A 406 -11.28 -24.28 33.45
CA ILE A 406 -12.28 -24.61 34.45
C ILE A 406 -13.60 -23.93 34.13
N ASN A 407 -13.54 -22.68 33.67
CA ASN A 407 -14.76 -21.99 33.27
C ASN A 407 -15.47 -22.75 32.17
N ALA A 408 -14.73 -23.23 31.18
CA ALA A 408 -15.33 -23.97 30.07
C ALA A 408 -16.01 -25.24 30.54
N ILE A 409 -15.66 -25.74 31.72
CA ILE A 409 -16.34 -26.91 32.25
C ILE A 409 -17.58 -26.53 33.04
N TYR A 410 -17.58 -25.37 33.70
CA TYR A 410 -18.77 -24.93 34.41
C TYR A 410 -19.82 -24.39 33.45
N SER A 411 -19.40 -23.67 32.42
CA SER A 411 -20.33 -23.08 31.46
C SER A 411 -21.24 -24.13 30.85
N MET A 412 -20.68 -25.29 30.50
CA MET A 412 -21.50 -26.40 30.03
C MET A 412 -22.47 -26.87 31.11
N ALA A 413 -21.95 -27.11 32.31
CA ALA A 413 -22.75 -27.75 33.35
C ALA A 413 -24.00 -26.93 33.65
N TYR A 414 -23.81 -25.64 33.95
CA TYR A 414 -24.96 -24.78 34.22
C TYR A 414 -25.96 -24.83 33.08
N GLY A 415 -25.48 -24.87 31.83
CA GLY A 415 -26.36 -24.98 30.70
C GLY A 415 -27.28 -26.15 30.86
N LEU A 416 -26.71 -27.34 31.09
CA LEU A 416 -27.52 -28.52 31.33
C LEU A 416 -28.50 -28.28 32.46
N HIS A 417 -28.01 -27.72 33.57
CA HIS A 417 -28.87 -27.43 34.70
C HIS A 417 -30.06 -26.58 34.26
N ASN A 418 -29.79 -25.51 33.52
CA ASN A 418 -30.87 -24.63 33.07
C ASN A 418 -31.86 -25.42 32.24
N MET A 419 -31.38 -26.28 31.34
CA MET A 419 -32.27 -27.10 30.54
C MET A 419 -33.14 -27.98 31.43
N GLN A 420 -32.53 -28.60 32.44
CA GLN A 420 -33.29 -29.47 33.33
C GLN A 420 -34.32 -28.68 34.14
N MET A 421 -34.14 -27.37 34.27
CA MET A 421 -35.12 -26.57 34.98
C MET A 421 -36.32 -26.20 34.14
N SER A 422 -36.25 -26.39 32.82
CA SER A 422 -37.35 -26.03 31.93
C SER A 422 -38.12 -27.23 31.40
N LEU A 423 -37.44 -28.33 31.08
CA LEU A 423 -38.13 -29.49 30.55
C LEU A 423 -38.89 -30.25 31.64
N CYS A 424 -38.30 -30.39 32.82
CA CYS A 424 -38.93 -31.07 33.96
C CYS A 424 -38.86 -30.17 35.17
N PRO A 425 -39.89 -29.34 35.39
CA PRO A 425 -39.83 -28.34 36.46
C PRO A 425 -39.73 -28.94 37.86
N GLY A 426 -40.69 -29.78 38.22
CA GLY A 426 -40.73 -30.28 39.59
C GLY A 426 -39.84 -31.47 39.86
N TYR A 427 -39.52 -32.24 38.83
CA TYR A 427 -38.76 -33.48 39.02
C TYR A 427 -37.29 -33.17 39.28
N ALA A 428 -36.63 -34.10 39.97
CA ALA A 428 -35.20 -34.05 40.23
C ALA A 428 -34.54 -35.26 39.58
N GLY A 429 -33.62 -35.01 38.67
CA GLY A 429 -32.95 -36.06 37.93
C GLY A 429 -33.43 -36.11 36.49
N LEU A 430 -32.84 -37.04 35.74
CA LEU A 430 -33.20 -37.23 34.34
C LEU A 430 -34.64 -37.75 34.24
N CYS A 431 -35.34 -37.31 33.21
CA CYS A 431 -36.74 -37.64 33.02
C CYS A 431 -37.00 -37.96 31.56
N ASP A 432 -38.19 -38.49 31.29
CA ASP A 432 -38.56 -38.88 29.93
C ASP A 432 -38.69 -37.69 29.00
N ALA A 433 -38.91 -36.49 29.54
CA ALA A 433 -39.01 -35.31 28.69
C ALA A 433 -37.65 -34.88 28.14
N MET A 434 -36.56 -35.28 28.79
CA MET A 434 -35.21 -34.92 28.38
C MET A 434 -34.38 -36.19 28.20
N LYS A 435 -34.94 -37.14 27.46
CA LYS A 435 -34.28 -38.41 27.14
C LYS A 435 -34.58 -38.77 25.69
N PRO A 436 -33.62 -38.60 24.76
CA PRO A 436 -32.26 -38.09 25.01
C PRO A 436 -32.18 -36.57 24.98
N ILE A 437 -31.02 -36.04 25.38
CA ILE A 437 -30.81 -34.60 25.38
C ILE A 437 -30.75 -34.10 23.94
N ASP A 438 -31.51 -33.04 23.66
CA ASP A 438 -31.53 -32.46 22.32
C ASP A 438 -30.39 -31.47 22.15
N GLY A 439 -29.73 -31.55 20.99
CA GLY A 439 -28.61 -30.65 20.73
C GLY A 439 -29.03 -29.20 20.57
N ARG A 440 -30.17 -28.97 19.91
CA ARG A 440 -30.63 -27.60 19.67
C ARG A 440 -31.09 -26.93 20.96
N LYS A 441 -31.83 -27.67 21.79
CA LYS A 441 -32.24 -27.13 23.08
C LYS A 441 -31.04 -26.84 23.97
N LEU A 442 -30.06 -27.73 23.98
CA LEU A 442 -28.84 -27.51 24.76
C LEU A 442 -28.09 -26.28 24.24
N LEU A 443 -28.01 -26.11 22.92
CA LEU A 443 -27.31 -24.96 22.37
C LEU A 443 -28.02 -23.65 22.73
N GLU A 444 -29.36 -23.63 22.63
CA GLU A 444 -30.09 -22.41 22.95
C GLU A 444 -30.09 -22.14 24.45
N SER A 445 -29.92 -23.15 25.29
CA SER A 445 -29.76 -22.93 26.71
C SER A 445 -28.36 -22.42 27.04
N LEU A 446 -27.35 -22.94 26.34
CA LEU A 446 -25.97 -22.48 26.57
C LEU A 446 -25.78 -21.04 26.11
N MET A 447 -26.42 -20.66 25.00
CA MET A 447 -26.31 -19.30 24.50
C MET A 447 -26.93 -18.28 25.44
N LYS A 448 -27.71 -18.72 26.43
CA LYS A 448 -28.39 -17.84 27.36
C LYS A 448 -27.79 -17.90 28.75
N THR A 449 -26.69 -18.64 28.93
CA THR A 449 -26.16 -18.89 30.26
C THR A 449 -25.48 -17.65 30.82
N ASN A 450 -25.40 -17.60 32.15
CA ASN A 450 -24.78 -16.48 32.86
C ASN A 450 -24.49 -16.94 34.28
N PHE A 451 -23.23 -16.85 34.69
CA PHE A 451 -22.86 -17.30 36.04
C PHE A 451 -21.63 -16.51 36.50
N THR A 452 -21.05 -16.93 37.61
CA THR A 452 -19.88 -16.28 38.18
C THR A 452 -18.69 -17.23 38.09
N GLY A 453 -17.56 -16.72 37.61
CA GLY A 453 -16.40 -17.53 37.38
C GLY A 453 -15.61 -17.81 38.65
N VAL A 454 -14.50 -18.53 38.47
CA VAL A 454 -13.65 -18.90 39.60
C VAL A 454 -12.95 -17.68 40.18
N SER A 455 -12.70 -16.65 39.37
CA SER A 455 -12.00 -15.46 39.80
C SER A 455 -12.95 -14.39 40.34
N GLY A 456 -14.24 -14.68 40.44
CA GLY A 456 -15.21 -13.73 40.93
C GLY A 456 -15.84 -12.86 39.86
N ASP A 457 -15.36 -12.92 38.62
CA ASP A 457 -15.97 -12.17 37.53
C ASP A 457 -17.26 -12.86 37.09
N THR A 458 -17.91 -12.30 36.08
CA THR A 458 -19.14 -12.85 35.55
C THR A 458 -18.91 -13.37 34.13
N ILE A 459 -19.43 -14.57 33.87
CA ILE A 459 -19.30 -15.23 32.58
C ILE A 459 -20.66 -15.21 31.91
N LEU A 460 -20.74 -14.61 30.73
CA LEU A 460 -21.96 -14.53 29.94
C LEU A 460 -21.57 -14.27 28.50
N PHE A 461 -22.23 -14.97 27.57
CA PHE A 461 -21.90 -14.88 26.16
C PHE A 461 -22.71 -13.78 25.48
N ASP A 462 -22.11 -13.20 24.44
CA ASP A 462 -22.77 -12.19 23.63
C ASP A 462 -23.48 -12.85 22.45
N GLU A 463 -23.92 -12.03 21.49
CA GLU A 463 -24.67 -12.56 20.35
C GLU A 463 -23.83 -13.48 19.47
N ASN A 464 -22.51 -13.37 19.52
CA ASN A 464 -21.62 -14.21 18.73
C ASN A 464 -20.99 -15.33 19.55
N GLY A 465 -21.48 -15.58 20.75
CA GLY A 465 -20.92 -16.62 21.60
C GLY A 465 -19.51 -16.36 22.08
N ASP A 466 -19.17 -15.09 22.33
CA ASP A 466 -17.88 -14.71 22.88
C ASP A 466 -18.07 -14.17 24.29
N SER A 467 -16.95 -14.00 24.99
CA SER A 467 -16.97 -13.49 26.34
C SER A 467 -15.95 -12.37 26.50
N PRO A 468 -16.26 -11.35 27.30
CA PRO A 468 -15.34 -10.22 27.43
C PRO A 468 -14.07 -10.59 28.20
N GLY A 469 -13.06 -9.75 28.04
CA GLY A 469 -11.79 -9.97 28.72
C GLY A 469 -10.87 -8.78 28.54
N ARG A 470 -9.77 -8.81 29.29
CA ARG A 470 -8.76 -7.76 29.26
C ARG A 470 -7.39 -8.40 29.13
N TYR A 471 -6.36 -7.56 28.97
CA TYR A 471 -5.03 -8.06 28.68
C TYR A 471 -3.99 -7.40 29.58
N GLU A 472 -2.91 -8.15 29.82
CA GLU A 472 -1.75 -7.67 30.56
C GLU A 472 -0.55 -7.63 29.62
N ILE A 473 0.33 -6.66 29.85
CA ILE A 473 1.54 -6.47 29.06
C ILE A 473 2.72 -6.86 29.93
N MET A 474 3.46 -7.88 29.49
CA MET A 474 4.53 -8.52 30.23
C MET A 474 5.86 -8.19 29.55
N ASN A 475 6.93 -8.13 30.34
CA ASN A 475 8.27 -7.84 29.85
C ASN A 475 9.24 -8.88 30.38
N PHE A 476 9.98 -9.52 29.46
CA PHE A 476 10.99 -10.50 29.84
C PHE A 476 12.33 -9.80 29.98
N LYS A 477 12.96 -9.93 31.15
CA LYS A 477 14.20 -9.23 31.43
C LYS A 477 15.03 -10.03 32.42
N GLU A 478 16.28 -9.61 32.58
CA GLU A 478 17.19 -10.22 33.54
C GLU A 478 17.14 -9.45 34.85
N MET A 479 16.88 -10.15 35.95
CA MET A 479 16.74 -9.51 37.25
C MET A 479 18.04 -9.54 38.04
N GLY A 480 18.58 -10.73 38.28
CA GLY A 480 19.83 -10.86 39.00
C GLY A 480 20.96 -11.35 38.13
N LYS A 481 21.82 -12.21 38.69
CA LYS A 481 22.93 -12.79 37.94
C LYS A 481 22.48 -14.14 37.39
N ASP A 482 22.42 -14.24 36.07
CA ASP A 482 21.91 -15.43 35.39
C ASP A 482 20.51 -15.78 35.86
N TYR A 483 19.68 -14.75 36.05
CA TYR A 483 18.31 -14.91 36.52
C TYR A 483 17.39 -14.06 35.66
N PHE A 484 16.44 -14.70 35.00
CA PHE A 484 15.51 -14.04 34.09
C PHE A 484 14.09 -14.34 34.51
N ASP A 485 13.20 -13.39 34.27
CA ASP A 485 11.80 -13.54 34.67
C ASP A 485 10.93 -12.61 33.85
N TYR A 486 9.62 -12.88 33.90
CA TYR A 486 8.63 -12.02 33.25
C TYR A 486 8.09 -11.02 34.27
N ILE A 487 8.08 -9.75 33.91
CA ILE A 487 7.66 -8.66 34.78
C ILE A 487 6.41 -8.02 34.19
N ASN A 488 5.38 -7.87 35.01
CA ASN A 488 4.15 -7.24 34.56
C ASN A 488 4.36 -5.73 34.51
N VAL A 489 4.24 -5.15 33.32
CA VAL A 489 4.51 -3.73 33.12
C VAL A 489 3.32 -2.96 32.58
N GLY A 490 2.23 -3.61 32.19
CA GLY A 490 1.12 -2.79 31.72
C GLY A 490 -0.18 -3.55 31.63
N SER A 491 -1.22 -2.83 31.22
CA SER A 491 -2.55 -3.40 31.07
C SER A 491 -3.26 -2.72 29.90
N TRP A 492 -4.19 -3.45 29.30
CA TRP A 492 -5.03 -2.95 28.22
C TRP A 492 -6.44 -3.47 28.43
N ASP A 493 -7.41 -2.56 28.36
CA ASP A 493 -8.80 -2.91 28.65
C ASP A 493 -9.73 -1.87 28.04
N ASN A 494 -10.68 -2.35 27.23
CA ASN A 494 -11.74 -1.50 26.66
C ASN A 494 -11.17 -0.30 25.91
N GLY A 495 -10.11 -0.53 25.15
CA GLY A 495 -9.49 0.54 24.39
C GLY A 495 -8.55 1.43 25.16
N GLU A 496 -8.31 1.16 26.44
CA GLU A 496 -7.44 1.97 27.26
C GLU A 496 -6.17 1.20 27.59
N LEU A 497 -5.02 1.78 27.26
CA LEU A 497 -3.72 1.19 27.53
C LEU A 497 -3.01 2.01 28.60
N LYS A 498 -2.46 1.33 29.59
CA LYS A 498 -1.67 2.01 30.62
C LYS A 498 -0.44 1.17 30.93
N MET A 499 0.73 1.80 30.80
CA MET A 499 2.01 1.14 31.04
C MET A 499 2.91 2.08 31.81
N ASP A 500 3.87 1.50 32.53
CA ASP A 500 4.91 2.29 33.19
C ASP A 500 6.20 2.14 32.38
N ASP A 501 6.78 3.27 32.01
CA ASP A 501 7.93 3.28 31.10
C ASP A 501 9.26 3.33 31.84
N ASP A 502 9.26 3.50 33.16
CA ASP A 502 10.49 3.45 33.92
C ASP A 502 10.88 2.03 34.31
N GLU A 503 10.00 1.05 34.07
CA GLU A 503 10.34 -0.35 34.30
C GLU A 503 10.92 -0.99 33.05
N VAL A 504 10.51 -0.53 31.87
CA VAL A 504 11.08 -0.98 30.60
C VAL A 504 12.24 -0.05 30.26
N TRP A 505 13.40 -0.65 30.02
CA TRP A 505 14.66 0.05 29.70
C TRP A 505 15.23 0.76 30.93
N SER A 506 14.46 0.79 32.02
CA SER A 506 14.91 1.30 33.32
C SER A 506 15.50 2.70 33.25
N LYS A 507 15.22 3.45 32.18
CA LYS A 507 15.78 4.78 31.99
C LYS A 507 15.02 5.46 30.84
N LYS A 508 15.44 6.69 30.53
CA LYS A 508 14.81 7.46 29.47
C LYS A 508 15.51 7.30 28.12
N SER A 509 16.61 6.54 28.06
CA SER A 509 17.31 6.31 26.80
C SER A 509 16.66 5.09 26.13
N ASN A 510 15.56 5.34 25.45
CA ASN A 510 14.84 4.28 24.76
C ASN A 510 15.66 3.72 23.62
N ILE A 511 15.41 2.45 23.29
CA ILE A 511 16.05 1.84 22.13
C ILE A 511 15.78 2.68 20.90
N ILE A 512 16.77 2.78 20.02
CA ILE A 512 16.68 3.62 18.83
C ILE A 512 15.43 3.21 18.04
N ARG A 513 14.51 4.15 17.87
CA ARG A 513 13.22 3.85 17.29
C ARG A 513 13.37 3.35 15.86
N SER A 514 12.51 2.41 15.48
CA SER A 514 12.55 1.80 14.16
C SER A 514 11.99 2.79 13.15
N VAL A 515 12.88 3.48 12.45
CA VAL A 515 12.50 4.45 11.42
C VAL A 515 13.33 4.18 10.17
N CYS A 516 12.68 4.26 9.01
CA CYS A 516 13.40 4.12 7.76
C CYS A 516 14.21 5.37 7.45
N SER A 517 13.68 6.54 7.79
CA SER A 517 14.33 7.81 7.49
C SER A 517 14.21 8.73 8.69
N GLU A 518 15.28 9.47 8.96
CA GLU A 518 15.32 10.42 10.06
C GLU A 518 14.58 11.71 9.69
N PRO A 519 13.89 12.32 10.67
CA PRO A 519 13.13 13.56 10.39
C PRO A 519 14.07 14.75 10.22
N CYS A 520 14.19 15.22 8.98
CA CYS A 520 15.05 16.34 8.63
C CYS A 520 14.25 17.52 8.08
N GLU A 521 13.10 17.81 8.69
CA GLU A 521 12.32 19.00 8.33
C GLU A 521 12.64 20.09 9.35
N LYS A 522 13.49 21.04 8.94
CA LYS A 522 13.96 22.09 9.83
C LYS A 522 13.27 23.43 9.58
N GLY A 523 12.17 23.44 8.83
CA GLY A 523 11.46 24.66 8.51
C GLY A 523 11.83 25.26 7.17
N GLN A 524 12.84 24.72 6.49
CA GLN A 524 13.21 25.19 5.17
C GLN A 524 13.50 24.04 4.22
N ILE A 525 13.22 22.80 4.60
CA ILE A 525 13.62 21.61 3.88
C ILE A 525 12.35 20.80 3.59
N LYS A 526 12.18 20.36 2.34
CA LYS A 526 11.03 19.53 1.99
C LYS A 526 11.47 18.07 1.90
N VAL A 527 10.59 17.18 2.29
CA VAL A 527 10.79 15.75 2.07
C VAL A 527 10.18 15.37 0.73
N ILE A 528 10.80 14.41 0.04
CA ILE A 528 10.27 13.88 -1.20
C ILE A 528 10.36 12.36 -1.15
N ARG A 529 9.45 11.72 -1.89
CA ARG A 529 9.25 10.28 -1.86
C ARG A 529 9.74 9.66 -3.16
N LYS A 530 10.29 8.45 -3.04
CA LYS A 530 10.70 7.66 -4.20
C LYS A 530 9.62 6.69 -4.66
N GLY A 531 8.46 6.67 -3.99
CA GLY A 531 7.35 5.83 -4.39
C GLY A 531 7.33 4.46 -3.74
N GLU A 532 8.39 4.07 -3.03
CA GLU A 532 8.44 2.73 -2.46
C GLU A 532 7.69 2.65 -1.13
N VAL A 533 8.14 3.39 -0.13
CA VAL A 533 7.53 3.39 1.20
C VAL A 533 7.41 4.83 1.66
N SER A 534 6.25 5.16 2.27
CA SER A 534 6.03 6.51 2.74
C SER A 534 7.00 6.89 3.84
N CYS A 535 7.33 5.94 4.73
CA CYS A 535 8.25 6.22 5.82
C CYS A 535 9.67 6.47 5.34
N CYS A 536 9.99 6.15 4.09
CA CYS A 536 11.31 6.37 3.53
C CYS A 536 11.23 7.58 2.60
N TRP A 537 12.11 8.57 2.83
CA TRP A 537 12.09 9.79 2.04
C TRP A 537 13.47 10.41 2.03
N THR A 538 13.68 11.34 1.11
CA THR A 538 14.91 12.13 1.05
C THR A 538 14.55 13.61 1.09
N CYS A 539 15.30 14.38 1.86
CA CYS A 539 14.95 15.78 2.10
C CYS A 539 15.94 16.72 1.42
N THR A 540 15.41 17.74 0.77
CA THR A 540 16.18 18.71 -0.02
C THR A 540 15.67 20.11 0.27
N PRO A 541 16.52 21.12 0.17
CA PRO A 541 16.08 22.50 0.38
C PRO A 541 15.34 23.08 -0.82
N CYS A 542 14.55 24.10 -0.55
CA CYS A 542 13.88 24.90 -1.57
C CYS A 542 14.53 26.28 -1.64
N LYS A 543 13.96 27.15 -2.48
CA LYS A 543 14.53 28.47 -2.70
C LYS A 543 14.44 29.30 -1.42
N GLU A 544 15.38 30.24 -1.28
CA GLU A 544 15.44 31.06 -0.08
C GLU A 544 14.20 31.95 0.07
N ASN A 545 13.66 32.44 -1.04
CA ASN A 545 12.45 33.25 -1.00
C ASN A 545 11.18 32.40 -0.91
N GLU A 546 11.29 31.08 -1.05
CA GLU A 546 10.13 30.20 -0.96
C GLU A 546 9.87 29.82 0.49
N TYR A 547 8.63 30.02 0.93
CA TYR A 547 8.21 29.64 2.27
C TYR A 547 7.48 28.30 2.22
N VAL A 548 7.63 27.53 3.30
CA VAL A 548 7.12 26.17 3.34
C VAL A 548 5.62 26.19 3.63
N PHE A 549 4.80 26.23 2.57
CA PHE A 549 3.35 26.18 2.75
C PHE A 549 2.89 24.80 3.15
N ASP A 550 3.42 23.76 2.51
CA ASP A 550 3.07 22.38 2.81
C ASP A 550 4.34 21.61 3.18
N GLU A 551 4.16 20.58 3.99
CA GLU A 551 5.32 19.79 4.43
C GLU A 551 5.97 19.03 3.29
N TYR A 552 5.31 18.94 2.13
CA TYR A 552 5.87 18.28 0.96
C TYR A 552 6.39 19.23 -0.11
N THR A 553 6.05 20.52 -0.05
CA THR A 553 6.47 21.44 -1.11
C THR A 553 6.60 22.85 -0.55
N CYS A 554 7.42 23.65 -1.21
CA CYS A 554 7.62 25.06 -0.88
C CYS A 554 6.95 25.94 -1.91
N LYS A 555 6.47 27.10 -1.45
CA LYS A 555 5.78 28.06 -2.30
C LYS A 555 6.50 29.41 -2.23
N ALA A 556 6.64 30.05 -3.39
CA ALA A 556 7.30 31.34 -3.45
C ALA A 556 6.32 32.48 -3.15
N CYS A 557 6.85 33.51 -2.52
CA CYS A 557 6.04 34.69 -2.21
C CYS A 557 5.90 35.58 -3.45
N GLN A 558 4.91 36.47 -3.39
CA GLN A 558 4.70 37.42 -4.47
C GLN A 558 5.66 38.60 -4.32
N LEU A 559 5.62 39.48 -5.32
CA LEU A 559 6.47 40.67 -5.30
C LEU A 559 6.12 41.57 -4.13
N GLY A 560 7.13 42.14 -3.50
CA GLY A 560 6.93 43.01 -2.36
C GLY A 560 6.71 42.31 -1.04
N SER A 561 6.90 40.99 -0.98
CA SER A 561 6.71 40.24 0.25
C SER A 561 7.90 39.32 0.46
N TRP A 562 8.25 39.09 1.73
CA TRP A 562 9.40 38.28 2.08
C TRP A 562 9.00 37.22 3.12
N PRO A 563 9.59 36.03 3.06
CA PRO A 563 9.30 35.02 4.07
C PRO A 563 9.80 35.44 5.45
N THR A 564 9.09 34.98 6.47
CA THR A 564 9.40 35.33 7.84
C THR A 564 10.50 34.42 8.38
N ASP A 565 10.72 34.45 9.69
CA ASP A 565 11.83 33.72 10.29
C ASP A 565 11.69 32.21 10.10
N ASP A 566 10.49 31.67 10.31
CA ASP A 566 10.24 30.25 10.19
C ASP A 566 9.63 29.86 8.85
N LEU A 567 9.72 30.75 7.85
CA LEU A 567 9.25 30.47 6.50
C LEU A 567 7.76 30.10 6.48
N THR A 568 6.95 30.86 7.21
CA THR A 568 5.50 30.66 7.25
C THR A 568 4.84 32.04 7.27
N GLY A 569 4.52 32.56 6.09
CA GLY A 569 3.91 33.86 5.98
C GLY A 569 4.80 34.89 5.29
N CYS A 570 4.35 35.38 4.14
CA CYS A 570 5.11 36.36 3.36
C CYS A 570 4.50 37.74 3.60
N ASP A 571 4.94 38.37 4.68
CA ASP A 571 4.45 39.71 5.01
C ASP A 571 5.02 40.74 4.06
N LEU A 572 4.29 41.86 3.90
CA LEU A 572 4.71 42.90 2.98
C LEU A 572 5.99 43.57 3.45
N ILE A 573 6.92 43.74 2.53
CA ILE A 573 8.20 44.39 2.87
C ILE A 573 7.98 45.88 3.07
N PRO A 574 8.48 46.46 4.17
CA PRO A 574 8.28 47.90 4.38
C PRO A 574 8.97 48.71 3.30
N VAL A 575 8.37 49.85 2.97
CA VAL A 575 8.87 50.74 1.92
C VAL A 575 9.70 51.85 2.57
N GLN A 576 10.90 52.05 2.05
CA GLN A 576 11.80 53.09 2.55
C GLN A 576 11.73 54.28 1.59
N TYR A 577 11.22 55.41 2.08
CA TYR A 577 11.04 56.59 1.24
C TYR A 577 11.60 57.84 1.93
N LEU A 578 11.65 57.82 3.26
CA LEU A 578 12.08 59.00 4.00
C LEU A 578 13.55 59.29 3.75
N ARG A 579 13.85 60.54 3.38
CA ARG A 579 15.22 60.94 3.12
C ARG A 579 15.52 62.34 3.65
N TRP A 580 14.68 62.88 4.54
CA TRP A 580 14.94 64.20 5.10
C TRP A 580 16.23 64.22 5.89
N GLY A 581 16.46 63.20 6.71
CA GLY A 581 17.68 63.08 7.48
C GLY A 581 18.84 62.43 6.77
N ASP A 582 18.66 62.02 5.52
CA ASP A 582 19.74 61.41 4.77
C ASP A 582 20.84 62.43 4.50
N PRO A 583 22.11 62.02 4.56
CA PRO A 583 23.21 62.99 4.44
C PRO A 583 23.28 63.68 3.08
N GLU A 584 23.17 62.89 2.00
CA GLU A 584 23.34 63.46 0.66
C GLU A 584 22.30 64.51 0.31
N PRO A 585 20.99 64.29 0.48
CA PRO A 585 20.04 65.36 0.10
C PRO A 585 20.03 66.53 1.07
N ILE A 586 20.05 66.25 2.37
CA ILE A 586 19.90 67.32 3.37
C ILE A 586 21.00 68.35 3.22
N ALA A 587 22.25 67.89 3.04
CA ALA A 587 23.35 68.82 2.82
C ALA A 587 23.09 69.71 1.61
N ALA A 588 22.56 69.12 0.53
CA ALA A 588 22.18 69.92 -0.63
C ALA A 588 21.18 71.01 -0.25
N VAL A 589 20.22 70.65 0.60
CA VAL A 589 19.26 71.65 1.09
C VAL A 589 20.00 72.81 1.76
N VAL A 590 21.02 72.50 2.55
CA VAL A 590 21.83 73.54 3.17
C VAL A 590 22.41 74.46 2.10
N PHE A 591 22.93 73.86 1.03
CA PHE A 591 23.39 74.66 -0.10
C PHE A 591 22.27 75.55 -0.63
N ALA A 592 21.09 74.96 -0.85
CA ALA A 592 19.93 75.75 -1.25
C ALA A 592 19.64 76.84 -0.22
N CYS A 593 19.79 76.52 1.07
CA CYS A 593 19.61 77.53 2.10
C CYS A 593 20.56 78.69 1.88
N LEU A 594 21.82 78.40 1.56
CA LEU A 594 22.76 79.48 1.24
C LEU A 594 22.24 80.29 0.05
N GLY A 595 21.74 79.61 -0.97
CA GLY A 595 21.15 80.32 -2.09
C GLY A 595 20.02 81.22 -1.67
N LEU A 596 19.23 80.78 -0.68
CA LEU A 596 18.17 81.64 -0.15
C LEU A 596 18.75 82.96 0.34
N LEU A 597 19.87 82.91 1.06
CA LEU A 597 20.53 84.15 1.47
C LEU A 597 20.92 84.97 0.25
N ALA A 598 21.45 84.31 -0.78
CA ALA A 598 21.81 85.02 -2.00
C ALA A 598 20.59 85.69 -2.63
N THR A 599 19.40 85.12 -2.42
CA THR A 599 18.19 85.78 -2.90
C THR A 599 17.80 86.95 -2.00
N LEU A 600 18.00 86.81 -0.69
CA LEU A 600 17.54 87.84 0.24
C LEU A 600 18.43 89.07 0.20
N PHE A 601 19.75 88.88 0.17
CA PHE A 601 20.66 90.03 0.22
C PHE A 601 20.63 90.83 -1.07
N VAL A 602 20.62 90.15 -2.22
CA VAL A 602 20.64 90.84 -3.50
C VAL A 602 19.36 91.64 -3.70
N THR A 603 18.20 91.04 -3.38
CA THR A 603 16.93 91.73 -3.56
C THR A 603 16.84 92.96 -2.66
N VAL A 604 17.30 92.84 -1.41
CA VAL A 604 17.23 93.96 -0.48
C VAL A 604 18.10 95.11 -0.95
N VAL A 605 19.31 94.81 -1.40
CA VAL A 605 20.22 95.86 -1.85
C VAL A 605 19.66 96.56 -3.10
N PHE A 606 19.16 95.77 -4.07
CA PHE A 606 18.65 96.35 -5.30
C PHE A 606 17.40 97.18 -5.06
N ILE A 607 16.55 96.76 -4.13
CA ILE A 607 15.30 97.47 -3.88
C ILE A 607 15.57 98.87 -3.34
N ILE A 608 16.50 99.00 -2.38
CA ILE A 608 16.74 100.30 -1.74
C ILE A 608 17.67 101.19 -2.55
N TYR A 609 18.14 100.74 -3.71
CA TYR A 609 19.07 101.50 -4.54
C TYR A 609 18.40 101.98 -5.83
N ARG A 610 17.14 102.40 -5.74
CA ARG A 610 16.45 102.91 -6.92
C ARG A 610 17.07 104.20 -7.44
N ASP A 611 17.58 105.04 -6.54
CA ASP A 611 18.15 106.31 -6.94
C ASP A 611 19.44 106.15 -7.74
N THR A 612 20.10 105.00 -7.65
CA THR A 612 21.34 104.78 -8.38
C THR A 612 21.06 104.77 -9.88
N PRO A 613 21.93 105.41 -10.68
CA PRO A 613 21.71 105.42 -12.14
C PRO A 613 21.74 104.03 -12.76
N VAL A 614 22.54 103.10 -12.22
CA VAL A 614 22.62 101.76 -12.78
C VAL A 614 21.28 101.06 -12.68
N VAL A 615 20.62 101.15 -11.53
CA VAL A 615 19.31 100.54 -11.37
C VAL A 615 18.30 101.22 -12.29
N LYS A 616 18.32 102.55 -12.34
CA LYS A 616 17.40 103.28 -13.21
C LYS A 616 17.72 103.12 -14.68
N SER A 617 18.92 102.63 -15.01
CA SER A 617 19.29 102.44 -16.41
C SER A 617 18.41 101.39 -17.08
N SER A 618 18.12 100.30 -16.37
CA SER A 618 17.31 99.21 -16.88
C SER A 618 15.97 99.17 -16.14
N SER A 619 14.97 98.59 -16.80
CA SER A 619 13.64 98.49 -16.20
C SER A 619 13.69 97.61 -14.95
N ARG A 620 13.03 98.07 -13.89
CA ARG A 620 13.00 97.31 -12.65
C ARG A 620 12.07 96.11 -12.72
N GLU A 621 11.18 96.08 -13.71
CA GLU A 621 10.25 94.95 -13.83
C GLU A 621 10.99 93.65 -14.14
N LEU A 622 11.96 93.69 -15.06
CA LEU A 622 12.68 92.47 -15.41
C LEU A 622 13.51 91.96 -14.24
N CYS A 623 14.13 92.87 -13.48
CA CYS A 623 14.90 92.45 -12.33
C CYS A 623 14.02 91.79 -11.28
N TYR A 624 12.85 92.37 -11.00
CA TYR A 624 11.93 91.76 -10.04
C TYR A 624 11.44 90.42 -10.54
N ILE A 625 11.16 90.30 -11.85
CA ILE A 625 10.70 89.04 -12.40
C ILE A 625 11.77 87.96 -12.25
N ILE A 626 13.03 88.29 -12.57
CA ILE A 626 14.08 87.29 -12.48
C ILE A 626 14.35 86.93 -11.01
N LEU A 627 14.22 87.90 -10.10
CA LEU A 627 14.39 87.59 -8.68
C LEU A 627 13.29 86.66 -8.19
N ALA A 628 12.04 86.91 -8.60
CA ALA A 628 10.95 86.03 -8.24
C ALA A 628 11.14 84.64 -8.81
N GLY A 629 11.62 84.55 -10.06
CA GLY A 629 11.90 83.26 -10.65
C GLY A 629 12.96 82.49 -9.89
N ILE A 630 14.05 83.17 -9.51
CA ILE A 630 15.11 82.51 -8.76
C ILE A 630 14.59 82.05 -7.40
N CYS A 631 13.79 82.90 -6.73
CA CYS A 631 13.24 82.52 -5.44
C CYS A 631 12.31 81.30 -5.56
N LEU A 632 11.48 81.28 -6.60
CA LEU A 632 10.58 80.14 -6.79
C LEU A 632 11.37 78.87 -7.13
N GLY A 633 12.45 79.01 -7.90
CA GLY A 633 13.30 77.86 -8.16
C GLY A 633 13.94 77.31 -6.91
N TYR A 634 14.44 78.19 -6.04
CA TYR A 634 15.02 77.73 -4.77
C TYR A 634 13.96 77.08 -3.89
N LEU A 635 12.75 77.65 -3.87
CA LEU A 635 11.66 77.05 -3.09
C LEU A 635 11.31 75.67 -3.61
N CYS A 636 11.27 75.50 -4.94
CA CYS A 636 10.99 74.19 -5.52
C CYS A 636 12.11 73.21 -5.20
N THR A 637 13.36 73.67 -5.23
CA THR A 637 14.48 72.81 -4.86
C THR A 637 14.36 72.34 -3.42
N PHE A 638 14.00 73.25 -2.51
CA PHE A 638 13.82 72.87 -1.11
C PHE A 638 12.65 71.90 -0.95
N CYS A 639 11.56 72.13 -1.68
CA CYS A 639 10.36 71.30 -1.55
C CYS A 639 10.51 69.95 -2.23
N LEU A 640 11.52 69.78 -3.09
CA LEU A 640 11.68 68.52 -3.81
C LEU A 640 11.95 67.36 -2.85
N ILE A 641 12.76 67.59 -1.82
CA ILE A 641 13.05 66.57 -0.82
C ILE A 641 11.92 66.53 0.18
N ALA A 642 10.92 65.69 -0.09
CA ALA A 642 9.75 65.58 0.79
C ALA A 642 9.10 64.23 0.55
N LYS A 643 8.18 63.88 1.45
CA LYS A 643 7.45 62.62 1.31
C LYS A 643 6.60 62.66 0.05
N PRO A 644 6.48 61.54 -0.66
CA PRO A 644 5.75 61.55 -1.94
C PRO A 644 4.23 61.64 -1.76
N LYS A 645 3.77 62.71 -1.15
CA LYS A 645 2.33 62.93 -1.00
C LYS A 645 1.75 63.47 -2.31
N GLN A 646 0.42 63.37 -2.42
CA GLN A 646 -0.25 63.87 -3.61
C GLN A 646 -0.10 65.37 -3.76
N ILE A 647 -0.24 66.11 -2.65
CA ILE A 647 -0.12 67.56 -2.71
C ILE A 647 1.31 67.97 -3.05
N TYR A 648 2.29 67.23 -2.54
CA TYR A 648 3.68 67.53 -2.86
C TYR A 648 3.96 67.36 -4.34
N CYS A 649 3.45 66.28 -4.94
CA CYS A 649 3.64 66.05 -6.37
C CYS A 649 2.73 66.92 -7.23
N TYR A 650 1.72 67.56 -6.64
CA TYR A 650 0.87 68.47 -7.41
C TYR A 650 1.68 69.65 -7.95
N LEU A 651 2.56 70.22 -7.11
CA LEU A 651 3.34 71.39 -7.49
C LEU A 651 4.76 71.05 -7.94
N GLN A 652 5.23 69.83 -7.68
CA GLN A 652 6.58 69.45 -8.08
C GLN A 652 6.74 69.49 -9.60
N ARG A 653 5.76 68.98 -10.33
CA ARG A 653 5.82 69.02 -11.78
C ARG A 653 5.77 70.45 -12.30
N ILE A 654 4.90 71.28 -11.71
CA ILE A 654 4.78 72.67 -12.16
C ILE A 654 6.03 73.47 -11.79
N GLY A 655 6.53 73.30 -10.56
CA GLY A 655 7.66 74.09 -10.11
C GLY A 655 8.93 73.81 -10.86
N ILE A 656 9.14 72.56 -11.29
CA ILE A 656 10.38 72.19 -11.95
C ILE A 656 10.53 72.93 -13.28
N GLY A 657 9.43 73.15 -13.98
CA GLY A 657 9.49 73.76 -15.29
C GLY A 657 9.18 75.25 -15.30
N LEU A 658 8.35 75.71 -14.35
CA LEU A 658 7.93 77.10 -14.34
C LEU A 658 9.09 78.03 -14.01
N SER A 659 9.86 77.70 -12.99
CA SER A 659 10.92 78.60 -12.53
C SER A 659 11.99 78.85 -13.59
N PRO A 660 12.60 77.84 -14.22
CA PRO A 660 13.57 78.15 -15.28
C PRO A 660 12.97 78.91 -16.45
N ALA A 661 11.72 78.61 -16.79
CA ALA A 661 11.07 79.32 -17.89
C ALA A 661 10.81 80.78 -17.55
N MET A 662 10.29 81.04 -16.34
CA MET A 662 10.00 82.42 -15.95
C MET A 662 11.27 83.22 -15.71
N SER A 663 12.26 82.61 -15.05
CA SER A 663 13.49 83.34 -14.74
C SER A 663 14.23 83.75 -16.00
N TYR A 664 14.31 82.85 -16.98
CA TYR A 664 15.02 83.16 -18.22
C TYR A 664 14.16 83.96 -19.20
N SER A 665 12.88 84.15 -18.90
CA SER A 665 12.07 85.06 -19.70
C SER A 665 12.53 86.51 -19.52
N ALA A 666 13.05 86.83 -18.34
CA ALA A 666 13.62 88.16 -18.12
C ALA A 666 14.83 88.39 -19.03
N LEU A 667 15.64 87.36 -19.23
CA LEU A 667 16.80 87.49 -20.11
C LEU A 667 16.38 87.80 -21.55
N VAL A 668 15.42 87.05 -22.07
CA VAL A 668 14.97 87.29 -23.44
C VAL A 668 14.27 88.64 -23.54
N THR A 669 13.54 89.05 -22.50
CA THR A 669 12.92 90.37 -22.51
C THR A 669 13.98 91.47 -22.56
N LYS A 670 15.03 91.34 -21.76
CA LYS A 670 16.11 92.34 -21.77
C LYS A 670 16.82 92.36 -23.11
N THR A 671 17.07 91.20 -23.71
CA THR A 671 17.72 91.17 -25.01
C THR A 671 16.85 91.81 -26.08
N ASN A 672 15.54 91.54 -26.04
CA ASN A 672 14.64 92.17 -27.00
C ASN A 672 14.60 93.68 -26.82
N ARG A 673 14.58 94.15 -25.57
CA ARG A 673 14.59 95.57 -25.32
C ARG A 673 15.87 96.22 -25.81
N ILE A 674 17.01 95.55 -25.60
CA ILE A 674 18.29 96.08 -26.07
C ILE A 674 18.32 96.13 -27.60
N ALA A 675 17.83 95.07 -28.26
CA ALA A 675 17.84 95.03 -29.71
C ALA A 675 16.79 95.96 -30.32
N ARG A 676 15.82 96.42 -29.53
CA ARG A 676 14.79 97.31 -30.04
C ARG A 676 15.36 98.65 -30.48
N ILE A 677 16.50 99.06 -29.91
CA ILE A 677 17.12 100.34 -30.26
C ILE A 677 17.70 100.24 -31.65
N LEU A 678 18.09 101.39 -32.22
CA LEU A 678 18.59 101.41 -33.59
C LEU A 678 19.87 100.60 -33.73
N ALA A 679 20.79 100.73 -32.76
CA ALA A 679 22.01 99.95 -32.81
C ALA A 679 21.74 98.46 -32.72
N GLY A 680 20.83 98.06 -31.82
CA GLY A 680 20.46 96.67 -31.72
C GLY A 680 19.73 96.17 -32.95
N SER A 681 18.88 97.01 -33.55
CA SER A 681 18.12 96.64 -34.72
C SER A 681 19.02 96.63 -35.96
N ARG A 691 8.81 100.88 -35.46
CA ARG A 691 8.61 99.44 -35.40
C ARG A 691 8.84 98.91 -33.99
N PHE A 692 7.75 98.60 -33.29
CA PHE A 692 7.79 98.09 -31.92
C PHE A 692 8.57 99.03 -31.00
N MET A 693 8.36 100.33 -31.17
CA MET A 693 9.06 101.34 -30.38
C MET A 693 8.51 101.44 -28.95
N SER A 694 7.40 100.78 -28.65
CA SER A 694 6.81 100.86 -27.32
C SER A 694 7.72 100.21 -26.29
N ALA A 695 8.21 101.01 -25.33
CA ALA A 695 9.04 100.46 -24.28
C ALA A 695 8.27 99.48 -23.40
N CYS A 696 7.02 99.80 -23.10
CA CYS A 696 6.19 98.93 -22.27
C CYS A 696 5.81 97.63 -22.97
N ALA A 697 6.04 97.52 -24.28
CA ALA A 697 5.73 96.29 -25.00
C ALA A 697 6.58 95.11 -24.54
N GLN A 698 7.71 95.38 -23.88
CA GLN A 698 8.52 94.29 -23.35
C GLN A 698 7.79 93.53 -22.25
N LEU A 699 7.09 94.25 -21.38
CA LEU A 699 6.41 93.59 -20.26
C LEU A 699 5.28 92.69 -20.74
N VAL A 700 4.48 93.16 -21.70
CA VAL A 700 3.36 92.35 -22.17
C VAL A 700 3.85 91.11 -22.91
N ILE A 701 4.98 91.20 -23.62
CA ILE A 701 5.54 90.02 -24.27
C ILE A 701 5.96 88.99 -23.23
N ALA A 702 6.60 89.43 -22.16
CA ALA A 702 6.98 88.52 -21.08
C ALA A 702 5.75 87.90 -20.43
N PHE A 703 4.70 88.69 -20.23
CA PHE A 703 3.46 88.16 -19.66
C PHE A 703 2.85 87.10 -20.58
N ILE A 704 2.87 87.35 -21.89
CA ILE A 704 2.33 86.38 -22.84
C ILE A 704 3.15 85.10 -22.80
N LEU A 705 4.48 85.22 -22.73
CA LEU A 705 5.32 84.03 -22.65
C LEU A 705 5.05 83.24 -21.37
N ILE A 706 4.89 83.94 -20.24
CA ILE A 706 4.59 83.27 -18.98
C ILE A 706 3.24 82.58 -19.05
N CYS A 707 2.25 83.23 -19.66
CA CYS A 707 0.93 82.63 -19.80
C CYS A 707 0.99 81.38 -20.68
N ILE A 708 1.76 81.43 -21.76
CA ILE A 708 1.90 80.27 -22.64
C ILE A 708 2.55 79.11 -21.89
N GLN A 709 3.62 79.41 -21.14
CA GLN A 709 4.29 78.36 -20.36
C GLN A 709 3.34 77.77 -19.33
N LEU A 710 2.55 78.62 -18.65
CA LEU A 710 1.61 78.14 -17.65
C LEU A 710 0.53 77.28 -18.30
N GLY A 711 0.06 77.67 -19.48
CA GLY A 711 -0.93 76.86 -20.18
C GLY A 711 -0.39 75.50 -20.59
N ILE A 712 0.86 75.48 -21.07
CA ILE A 712 1.49 74.20 -21.42
C ILE A 712 1.63 73.32 -20.18
N ILE A 713 2.06 73.91 -19.07
CA ILE A 713 2.21 73.15 -17.83
C ILE A 713 0.86 72.61 -17.36
N VAL A 714 -0.19 73.42 -17.45
CA VAL A 714 -1.52 72.99 -17.02
C VAL A 714 -2.02 71.87 -17.92
N ALA A 715 -1.79 71.98 -19.24
CA ALA A 715 -2.20 70.92 -20.14
C ALA A 715 -1.48 69.61 -19.83
N LEU A 716 -0.17 69.69 -19.56
CA LEU A 716 0.58 68.49 -19.19
C LEU A 716 0.07 67.90 -17.89
N PHE A 717 -0.25 68.74 -16.91
CA PHE A 717 -0.79 68.27 -15.64
C PHE A 717 -2.14 67.58 -15.83
N ILE A 718 -3.01 68.15 -16.66
CA ILE A 718 -4.33 67.56 -16.91
C ILE A 718 -4.19 66.25 -17.67
N MET A 719 -3.21 66.16 -18.59
CA MET A 719 -3.05 64.95 -19.39
C MET A 719 -2.82 63.71 -18.53
N GLU A 720 -2.21 63.88 -17.36
CA GLU A 720 -1.98 62.76 -16.46
C GLU A 720 -1.94 63.23 -15.01
N PRO A 721 -2.99 62.98 -14.23
CA PRO A 721 -2.98 63.37 -12.82
C PRO A 721 -1.92 62.60 -12.05
N PRO A 722 -1.29 63.24 -11.06
CA PRO A 722 -0.25 62.57 -10.29
C PRO A 722 -0.77 61.90 -9.03
N ASP A 723 -0.10 60.81 -8.67
CA ASP A 723 -0.45 60.07 -7.46
C ASP A 723 0.77 59.28 -7.01
N ILE A 724 0.75 58.87 -5.74
CA ILE A 724 1.85 58.10 -5.18
C ILE A 724 1.81 56.69 -5.77
N MET A 725 2.96 56.23 -6.27
CA MET A 725 3.06 54.93 -6.90
C MET A 725 4.17 54.12 -6.24
N HIS A 726 3.86 52.87 -5.89
CA HIS A 726 4.83 51.97 -5.29
C HIS A 726 5.34 51.00 -6.33
N ASP A 727 6.67 50.86 -6.42
CA ASP A 727 7.30 50.00 -7.41
C ASP A 727 8.35 49.14 -6.72
N TYR A 728 8.73 48.05 -7.41
CA TYR A 728 9.71 47.11 -6.89
C TYR A 728 10.82 46.94 -7.92
N PRO A 729 11.84 47.81 -7.88
CA PRO A 729 12.97 47.63 -8.81
C PRO A 729 13.67 46.30 -8.65
N SER A 730 13.73 45.76 -7.44
CA SER A 730 14.35 44.47 -7.16
C SER A 730 13.43 43.67 -6.25
N ILE A 731 13.80 42.40 -6.04
CA ILE A 731 13.01 41.54 -5.18
C ILE A 731 13.04 42.03 -3.74
N ARG A 732 14.17 42.56 -3.30
CA ARG A 732 14.34 43.07 -1.94
C ARG A 732 14.29 44.58 -1.87
N GLU A 733 13.93 45.26 -2.95
CA GLU A 733 13.89 46.71 -3.00
C GLU A 733 12.50 47.17 -3.44
N VAL A 734 11.86 48.00 -2.63
CA VAL A 734 10.56 48.58 -2.93
C VAL A 734 10.62 50.07 -2.59
N TYR A 735 10.18 50.91 -3.52
CA TYR A 735 10.24 52.35 -3.35
C TYR A 735 8.90 52.99 -3.73
N LEU A 736 8.52 54.03 -3.00
CA LEU A 736 7.28 54.75 -3.23
C LEU A 736 7.61 56.16 -3.71
N ILE A 737 7.26 56.45 -4.96
CA ILE A 737 7.48 57.76 -5.57
C ILE A 737 6.24 58.13 -6.37
N CYS A 738 5.92 59.42 -6.39
CA CYS A 738 4.78 59.88 -7.18
C CYS A 738 5.05 59.70 -8.67
N ASN A 739 4.04 59.27 -9.40
CA ASN A 739 4.22 58.94 -10.81
C ASN A 739 4.50 60.18 -11.63
N THR A 740 5.50 60.10 -12.51
CA THR A 740 5.84 61.19 -13.42
C THR A 740 6.51 60.60 -14.64
N THR A 741 5.81 60.63 -15.77
CA THR A 741 6.35 60.05 -17.00
C THR A 741 7.55 60.85 -17.48
N ASN A 742 8.50 60.14 -18.12
CA ASN A 742 9.69 60.80 -18.64
C ASN A 742 9.34 61.82 -19.70
N LEU A 743 8.40 61.48 -20.60
CA LEU A 743 7.97 62.44 -21.60
C LEU A 743 7.30 63.65 -20.98
N GLY A 744 6.65 63.47 -19.82
CA GLY A 744 6.07 64.60 -19.13
C GLY A 744 7.11 65.58 -18.62
N VAL A 745 8.25 65.07 -18.15
CA VAL A 745 9.33 65.93 -17.68
C VAL A 745 10.06 66.56 -18.87
N VAL A 746 10.21 65.81 -19.97
CA VAL A 746 11.01 66.26 -21.08
C VAL A 746 10.40 67.50 -21.74
N THR A 747 9.08 67.51 -21.91
CA THR A 747 8.44 68.57 -22.69
C THR A 747 8.71 69.97 -22.15
N PRO A 748 8.56 70.26 -20.85
CA PRO A 748 8.94 71.60 -20.38
C PRO A 748 10.41 71.91 -20.58
N LEU A 749 11.29 70.91 -20.51
CA LEU A 749 12.72 71.15 -20.69
C LEU A 749 13.03 71.61 -22.11
N GLY A 750 12.31 71.06 -23.11
CA GLY A 750 12.56 71.44 -24.48
C GLY A 750 12.24 72.90 -24.75
N TYR A 751 11.13 73.39 -24.20
CA TYR A 751 10.76 74.79 -24.38
C TYR A 751 11.79 75.72 -23.76
N ASN A 752 12.26 75.38 -22.55
CA ASN A 752 13.28 76.19 -21.90
C ASN A 752 14.60 76.15 -22.68
N GLY A 753 14.96 74.98 -23.21
CA GLY A 753 16.16 74.89 -24.03
C GLY A 753 16.06 75.72 -25.29
N LEU A 754 14.90 75.70 -25.94
CA LEU A 754 14.70 76.54 -27.13
C LEU A 754 14.78 78.02 -26.77
N LEU A 755 14.19 78.41 -25.63
CA LEU A 755 14.27 79.80 -25.20
C LEU A 755 15.72 80.22 -24.93
N ILE A 756 16.49 79.34 -24.29
CA ILE A 756 17.89 79.64 -24.01
C ILE A 756 18.68 79.75 -25.31
N LEU A 757 18.43 78.85 -26.26
CA LEU A 757 19.10 78.91 -27.55
C LEU A 757 18.78 80.21 -28.28
N SER A 758 17.53 80.66 -28.19
CA SER A 758 17.16 81.95 -28.76
C SER A 758 17.86 83.09 -28.02
N CYS A 759 18.04 82.95 -26.70
CA CYS A 759 18.69 83.99 -25.92
C CYS A 759 20.15 84.16 -26.33
N THR A 760 20.85 83.05 -26.59
CA THR A 760 22.26 83.13 -26.94
C THR A 760 22.47 83.87 -28.25
N PHE A 761 21.58 83.68 -29.22
CA PHE A 761 21.71 84.37 -30.50
C PHE A 761 21.61 85.88 -30.33
N TYR A 762 20.68 86.34 -29.50
CA TYR A 762 20.55 87.77 -29.24
C TYR A 762 21.79 88.33 -28.53
N ALA A 763 22.32 87.59 -27.56
CA ALA A 763 23.46 88.07 -26.79
C ALA A 763 24.70 88.20 -27.66
N PHE A 764 24.91 87.25 -28.57
CA PHE A 764 26.10 87.28 -29.42
C PHE A 764 26.12 88.52 -30.31
N LYS A 765 24.97 88.88 -30.88
CA LYS A 765 24.90 90.06 -31.72
C LYS A 765 25.08 91.34 -30.93
N THR A 766 24.63 91.37 -29.68
CA THR A 766 24.69 92.56 -28.84
C THR A 766 25.96 92.63 -28.00
N ARG A 767 26.88 91.68 -28.17
CA ARG A 767 28.10 91.67 -27.35
C ARG A 767 28.97 92.89 -27.63
N ASN A 768 29.08 93.29 -28.90
CA ASN A 768 29.99 94.38 -29.26
C ASN A 768 29.49 95.74 -28.82
N VAL A 769 28.18 95.91 -28.60
CA VAL A 769 27.61 97.21 -28.27
C VAL A 769 27.92 97.55 -26.82
N PRO A 770 28.60 98.67 -26.56
CA PRO A 770 28.82 99.09 -25.17
C PRO A 770 27.73 100.02 -24.68
N ALA A 771 27.13 99.72 -23.52
CA ALA A 771 26.07 100.55 -22.98
C ALA A 771 25.95 100.29 -21.48
N ASN A 772 25.60 101.36 -20.75
CA ASN A 772 25.37 101.29 -19.30
C ASN A 772 26.59 100.68 -18.59
N PHE A 773 27.70 101.40 -18.68
CA PHE A 773 28.99 100.96 -18.14
C PHE A 773 29.39 99.60 -18.73
N ASN A 774 29.14 99.44 -20.02
CA ASN A 774 29.50 98.23 -20.77
C ASN A 774 28.85 96.99 -20.16
N GLU A 775 27.60 97.13 -19.72
CA GLU A 775 26.86 96.01 -19.17
C GLU A 775 26.34 95.07 -20.25
N ALA A 776 26.25 95.53 -21.50
CA ALA A 776 25.79 94.67 -22.58
C ALA A 776 26.80 93.57 -22.89
N LYS A 777 28.09 93.84 -22.69
CA LYS A 777 29.10 92.80 -22.85
C LYS A 777 28.90 91.67 -21.86
N TYR A 778 28.34 91.97 -20.69
CA TYR A 778 28.02 90.96 -19.71
C TYR A 778 26.71 90.27 -20.11
N ILE A 779 26.13 89.52 -19.16
CA ILE A 779 24.85 88.79 -19.43
C ILE A 779 25.13 87.64 -20.40
N ALA A 780 25.84 87.92 -21.50
CA ALA A 780 26.15 86.90 -22.49
C ALA A 780 26.93 85.75 -21.86
N PHE A 781 27.88 86.08 -20.98
CA PHE A 781 28.63 85.02 -20.29
C PHE A 781 27.71 84.17 -19.44
N THR A 782 26.78 84.80 -18.72
CA THR A 782 25.83 84.04 -17.91
C THR A 782 24.95 83.14 -18.78
N MET A 783 24.51 83.66 -19.94
CA MET A 783 23.71 82.85 -20.85
C MET A 783 24.50 81.67 -21.37
N TYR A 784 25.78 81.88 -21.71
CA TYR A 784 26.61 80.79 -22.18
C TYR A 784 26.79 79.72 -21.10
N THR A 785 27.05 80.15 -19.86
CA THR A 785 27.20 79.18 -18.78
C THR A 785 25.91 78.42 -18.53
N THR A 786 24.77 79.11 -18.59
CA THR A 786 23.48 78.46 -18.40
C THR A 786 23.23 77.43 -19.50
N CYS A 787 23.51 77.78 -20.75
CA CYS A 787 23.35 76.83 -21.84
C CYS A 787 24.26 75.62 -21.67
N ILE A 788 25.50 75.86 -21.24
CA ILE A 788 26.45 74.76 -21.05
C ILE A 788 25.96 73.82 -19.96
N ILE A 789 25.51 74.39 -18.83
CA ILE A 789 25.10 73.54 -17.71
C ILE A 789 23.82 72.78 -18.05
N TRP A 790 22.89 73.41 -18.78
CA TRP A 790 21.69 72.71 -19.19
C TRP A 790 22.01 71.58 -20.17
N LEU A 791 22.89 71.83 -21.14
CA LEU A 791 23.28 70.80 -22.10
C LEU A 791 24.02 69.66 -21.42
N ALA A 792 24.77 69.95 -20.34
CA ALA A 792 25.40 68.88 -19.58
C ALA A 792 24.38 68.11 -18.75
N PHE A 793 23.36 68.79 -18.23
CA PHE A 793 22.38 68.13 -17.38
C PHE A 793 21.42 67.24 -18.15
N VAL A 794 21.08 67.62 -19.40
CA VAL A 794 20.06 66.85 -20.14
C VAL A 794 20.38 65.38 -20.26
N PRO A 795 21.60 64.96 -20.69
CA PRO A 795 21.82 63.52 -20.90
C PRO A 795 22.08 62.75 -19.62
N ILE A 796 22.69 63.40 -18.62
CA ILE A 796 23.03 62.70 -17.38
C ILE A 796 21.78 62.40 -16.55
N TYR A 797 20.67 63.08 -16.81
CA TYR A 797 19.45 62.84 -16.03
C TYR A 797 18.89 61.46 -16.29
N PHE A 798 18.89 61.02 -17.56
CA PHE A 798 18.27 59.74 -17.89
C PHE A 798 19.03 58.56 -17.28
N GLY A 799 20.36 58.59 -17.36
CA GLY A 799 21.16 57.49 -16.85
C GLY A 799 21.43 57.50 -15.36
N SER A 800 21.11 58.60 -14.69
CA SER A 800 21.39 58.71 -13.25
C SER A 800 20.48 57.76 -12.47
N ASN A 801 21.02 57.21 -11.38
CA ASN A 801 20.25 56.36 -10.49
C ASN A 801 19.58 57.11 -9.36
N TYR A 802 19.86 58.41 -9.21
CA TYR A 802 19.23 59.27 -8.22
C TYR A 802 18.59 60.43 -8.98
N LYS A 803 17.35 60.24 -9.42
CA LYS A 803 16.70 61.24 -10.26
C LYS A 803 16.45 62.53 -9.50
N ILE A 804 15.86 62.44 -8.31
CA ILE A 804 15.49 63.64 -7.56
C ILE A 804 16.73 64.40 -7.10
N ILE A 805 17.77 63.66 -6.70
CA ILE A 805 19.01 64.31 -6.26
C ILE A 805 19.64 65.09 -7.42
N THR A 806 19.69 64.46 -8.60
CA THR A 806 20.22 65.15 -9.77
C THR A 806 19.39 66.37 -10.13
N MET A 807 18.05 66.23 -10.05
CA MET A 807 17.17 67.36 -10.34
C MET A 807 17.45 68.53 -9.42
N CYS A 808 17.49 68.27 -8.10
CA CYS A 808 17.67 69.37 -7.16
C CYS A 808 19.05 70.00 -7.31
N PHE A 809 20.10 69.18 -7.47
CA PHE A 809 21.44 69.73 -7.65
C PHE A 809 21.52 70.58 -8.92
N SER A 810 20.95 70.09 -10.03
CA SER A 810 21.02 70.83 -11.28
C SER A 810 20.26 72.15 -11.18
N VAL A 811 19.06 72.12 -10.59
CA VAL A 811 18.26 73.34 -10.49
C VAL A 811 18.96 74.36 -9.59
N SER A 812 19.46 73.91 -8.44
CA SER A 812 20.15 74.82 -7.53
C SER A 812 21.40 75.41 -8.18
N LEU A 813 22.17 74.57 -8.86
CA LEU A 813 23.39 75.06 -9.51
C LEU A 813 23.07 76.08 -10.60
N SER A 814 22.06 75.80 -11.42
CA SER A 814 21.69 76.73 -12.48
C SER A 814 21.22 78.06 -11.89
N ALA A 815 20.37 78.00 -10.87
CA ALA A 815 19.88 79.23 -10.25
C ALA A 815 21.01 80.03 -9.64
N THR A 816 21.92 79.36 -8.92
CA THR A 816 23.03 80.07 -8.29
C THR A 816 23.95 80.71 -9.33
N VAL A 817 24.28 79.95 -10.38
CA VAL A 817 25.18 80.48 -11.41
C VAL A 817 24.54 81.69 -12.09
N ALA A 818 23.26 81.58 -12.47
CA ALA A 818 22.61 82.71 -13.11
C ALA A 818 22.58 83.92 -12.18
N LEU A 819 22.13 83.73 -10.95
CA LEU A 819 22.00 84.83 -10.01
C LEU A 819 23.34 85.53 -9.80
N GLY A 820 24.38 84.78 -9.47
CA GLY A 820 25.68 85.37 -9.25
C GLY A 820 26.26 86.02 -10.48
N CYS A 821 26.36 85.26 -11.59
CA CYS A 821 27.00 85.77 -12.78
C CYS A 821 26.26 86.97 -13.38
N MET A 822 25.00 87.20 -13.01
CA MET A 822 24.31 88.37 -13.52
C MET A 822 24.21 89.51 -12.51
N PHE A 823 24.34 89.23 -11.20
CA PHE A 823 24.23 90.29 -10.21
C PHE A 823 25.55 90.79 -9.64
N VAL A 824 26.65 90.05 -9.77
CA VAL A 824 27.93 90.51 -9.20
C VAL A 824 28.39 91.85 -9.74
N PRO A 825 28.27 92.18 -11.03
CA PRO A 825 28.77 93.50 -11.45
C PRO A 825 27.94 94.64 -10.89
N LYS A 826 26.61 94.52 -10.89
CA LYS A 826 25.76 95.55 -10.31
C LYS A 826 25.99 95.67 -8.81
N VAL A 827 26.19 94.54 -8.12
CA VAL A 827 26.46 94.57 -6.68
C VAL A 827 27.77 95.30 -6.41
N TYR A 828 28.80 95.01 -7.21
CA TYR A 828 30.08 95.69 -7.03
C TYR A 828 29.95 97.18 -7.31
N ILE A 829 29.19 97.55 -8.34
CA ILE A 829 29.01 98.96 -8.69
C ILE A 829 28.29 99.69 -7.56
N ILE A 830 27.27 99.05 -6.99
CA ILE A 830 26.53 99.66 -5.88
C ILE A 830 27.45 99.88 -4.68
N LEU A 831 28.26 98.89 -4.36
CA LEU A 831 29.20 98.99 -3.24
C LEU A 831 30.39 99.87 -3.60
N ARG B 30 -32.69 -37.85 4.20
CA ARG B 30 -31.82 -38.81 3.54
C ARG B 30 -31.85 -38.63 2.03
N ARG B 31 -30.74 -38.18 1.45
CA ARG B 31 -30.68 -37.93 0.02
C ARG B 31 -30.61 -39.23 -0.77
N VAL B 32 -30.99 -39.15 -2.04
CA VAL B 32 -30.95 -40.31 -2.91
C VAL B 32 -29.55 -40.48 -3.49
N VAL B 33 -29.30 -41.67 -4.04
CA VAL B 33 -27.99 -42.04 -4.56
C VAL B 33 -28.20 -42.84 -5.85
N ALA B 34 -27.30 -42.66 -6.82
CA ALA B 34 -27.36 -43.39 -8.07
C ALA B 34 -26.30 -44.49 -8.04
N HIS B 35 -26.74 -45.74 -7.96
CA HIS B 35 -25.83 -46.86 -7.75
C HIS B 35 -25.87 -47.81 -8.94
N MET B 36 -24.72 -48.44 -9.21
CA MET B 36 -24.58 -49.43 -10.26
C MET B 36 -23.73 -50.55 -9.67
N PRO B 37 -24.17 -51.81 -9.77
CA PRO B 37 -23.46 -52.90 -9.12
C PRO B 37 -22.24 -53.35 -9.90
N GLY B 38 -21.38 -54.10 -9.22
CA GLY B 38 -20.18 -54.61 -9.82
C GLY B 38 -19.27 -55.24 -8.77
N ASP B 39 -18.05 -55.54 -9.18
CA ASP B 39 -17.06 -56.11 -8.28
C ASP B 39 -16.25 -55.06 -7.55
N ILE B 40 -16.07 -53.88 -8.15
CA ILE B 40 -15.34 -52.77 -7.54
C ILE B 40 -16.22 -51.53 -7.64
N ILE B 41 -16.37 -50.82 -6.52
CA ILE B 41 -17.27 -49.67 -6.43
C ILE B 41 -16.43 -48.41 -6.31
N ILE B 42 -16.78 -47.40 -7.11
CA ILE B 42 -16.09 -46.12 -7.14
C ILE B 42 -17.10 -45.02 -6.84
N GLY B 43 -16.77 -44.16 -5.87
CA GLY B 43 -17.64 -43.06 -5.52
C GLY B 43 -17.50 -41.88 -6.47
N ALA B 44 -18.36 -40.88 -6.26
CA ALA B 44 -18.37 -39.69 -7.09
C ALA B 44 -19.21 -38.61 -6.43
N LEU B 45 -18.72 -37.37 -6.47
CA LEU B 45 -19.45 -36.21 -5.97
C LEU B 45 -19.74 -35.28 -7.14
N PHE B 46 -21.02 -35.01 -7.38
CA PHE B 46 -21.44 -34.10 -8.44
C PHE B 46 -22.43 -33.10 -7.88
N SER B 47 -22.43 -31.90 -8.47
CA SER B 47 -23.27 -30.80 -8.00
C SER B 47 -24.56 -30.78 -8.81
N VAL B 48 -25.47 -31.70 -8.46
CA VAL B 48 -26.73 -31.80 -9.19
C VAL B 48 -27.61 -30.60 -8.93
N HIS B 49 -27.59 -30.06 -7.71
CA HIS B 49 -28.44 -28.95 -7.32
C HIS B 49 -27.60 -27.74 -6.94
N HIS B 50 -28.22 -26.57 -6.99
CA HIS B 50 -27.57 -25.35 -6.57
C HIS B 50 -27.37 -25.35 -5.06
N GLN B 51 -26.36 -24.61 -4.61
CA GLN B 51 -26.02 -24.61 -3.19
C GLN B 51 -27.09 -23.89 -2.38
N PRO B 52 -27.24 -24.24 -1.10
CA PRO B 52 -28.23 -23.57 -0.26
C PRO B 52 -27.96 -22.08 -0.15
N THR B 53 -29.02 -21.29 -0.14
CA THR B 53 -28.91 -19.85 0.01
C THR B 53 -28.86 -19.47 1.48
N VAL B 54 -28.60 -18.18 1.73
CA VAL B 54 -28.63 -17.67 3.09
C VAL B 54 -30.06 -17.82 3.65
N ASP B 55 -30.16 -18.05 4.95
CA ASP B 55 -31.37 -18.38 5.69
C ASP B 55 -31.87 -19.79 5.37
N LYS B 56 -31.16 -20.54 4.52
CA LYS B 56 -31.47 -21.94 4.27
C LYS B 56 -30.23 -22.81 4.33
N VAL B 57 -29.12 -22.29 4.83
CA VAL B 57 -27.86 -23.02 4.85
C VAL B 57 -27.72 -23.91 6.08
N HIS B 58 -28.40 -23.60 7.18
CA HIS B 58 -28.31 -24.43 8.37
C HIS B 58 -29.03 -25.76 8.18
N GLU B 59 -30.11 -25.77 7.40
CA GLU B 59 -30.80 -27.01 7.09
C GLU B 59 -30.18 -27.78 5.93
N ARG B 60 -29.20 -27.19 5.24
CA ARG B 60 -28.55 -27.80 4.09
C ARG B 60 -29.58 -28.18 3.02
N LYS B 61 -30.40 -27.20 2.65
CA LYS B 61 -31.48 -27.38 1.69
C LYS B 61 -31.04 -26.77 0.36
N CYS B 62 -30.81 -27.61 -0.64
CA CYS B 62 -30.23 -27.18 -1.90
C CYS B 62 -31.30 -26.51 -2.78
N GLY B 63 -30.85 -25.99 -3.92
CA GLY B 63 -31.71 -25.28 -4.83
C GLY B 63 -32.24 -26.10 -5.99
N ALA B 64 -32.20 -25.53 -7.19
CA ALA B 64 -32.76 -26.18 -8.37
C ALA B 64 -31.71 -27.04 -9.07
N VAL B 65 -32.18 -27.87 -10.00
CA VAL B 65 -31.29 -28.80 -10.69
C VAL B 65 -30.38 -28.06 -11.65
N ARG B 66 -29.23 -28.67 -11.93
CA ARG B 66 -28.28 -28.17 -12.92
C ARG B 66 -28.10 -29.22 -14.00
N GLU B 67 -27.88 -28.76 -15.23
CA GLU B 67 -27.76 -29.64 -16.38
C GLU B 67 -26.32 -29.93 -16.75
N GLN B 68 -25.53 -28.89 -17.02
CA GLN B 68 -24.14 -29.09 -17.42
C GLN B 68 -23.31 -29.63 -16.26
N TYR B 69 -23.49 -29.07 -15.07
CA TYR B 69 -22.69 -29.46 -13.92
C TYR B 69 -23.29 -30.62 -13.13
N GLY B 70 -24.59 -30.87 -13.27
CA GLY B 70 -25.22 -31.88 -12.44
C GLY B 70 -25.48 -33.23 -13.07
N ILE B 71 -26.05 -33.25 -14.26
CA ILE B 71 -26.70 -34.43 -14.81
C ILE B 71 -25.94 -35.01 -15.99
N GLN B 72 -25.41 -34.15 -16.87
CA GLN B 72 -24.53 -34.63 -17.92
C GLN B 72 -23.35 -35.39 -17.32
N ARG B 73 -22.86 -34.94 -16.16
CA ARG B 73 -21.76 -35.63 -15.49
C ARG B 73 -22.18 -37.05 -15.08
N VAL B 74 -23.37 -37.18 -14.50
CA VAL B 74 -23.85 -38.48 -14.05
C VAL B 74 -24.02 -39.43 -15.23
N GLU B 75 -24.66 -38.95 -16.30
CA GLU B 75 -24.87 -39.80 -17.46
C GLU B 75 -23.54 -40.20 -18.10
N ALA B 76 -22.58 -39.27 -18.17
CA ALA B 76 -21.29 -39.59 -18.74
C ALA B 76 -20.55 -40.62 -17.90
N MET B 77 -20.61 -40.51 -16.58
CA MET B 77 -19.94 -41.51 -15.75
C MET B 77 -20.56 -42.88 -15.92
N LEU B 78 -21.90 -42.95 -15.96
CA LEU B 78 -22.56 -44.24 -16.15
C LEU B 78 -22.17 -44.85 -17.51
N HIS B 79 -22.18 -44.04 -18.57
CA HIS B 79 -21.85 -44.56 -19.89
C HIS B 79 -20.37 -44.96 -19.97
N THR B 80 -19.49 -44.19 -19.33
CA THR B 80 -18.07 -44.53 -19.32
C THR B 80 -17.84 -45.86 -18.61
N LEU B 81 -18.53 -46.09 -17.49
CA LEU B 81 -18.38 -47.37 -16.81
C LEU B 81 -18.92 -48.51 -17.67
N GLU B 82 -20.03 -48.31 -18.36
CA GLU B 82 -20.53 -49.34 -19.26
C GLU B 82 -19.52 -49.64 -20.37
N ARG B 83 -18.94 -48.59 -20.96
CA ARG B 83 -17.96 -48.78 -22.03
C ARG B 83 -16.74 -49.53 -21.52
N ILE B 84 -16.25 -49.19 -20.33
CA ILE B 84 -15.12 -49.90 -19.75
C ILE B 84 -15.47 -51.36 -19.51
N ASN B 85 -16.67 -51.63 -18.98
CA ASN B 85 -17.09 -53.00 -18.73
C ASN B 85 -17.29 -53.79 -20.01
N SER B 86 -17.51 -53.12 -21.15
CA SER B 86 -17.64 -53.80 -22.43
C SER B 86 -16.30 -53.94 -23.16
N ASP B 87 -15.20 -53.48 -22.55
CA ASP B 87 -13.89 -53.53 -23.18
C ASP B 87 -13.10 -54.71 -22.61
N PRO B 88 -12.72 -55.70 -23.42
CA PRO B 88 -11.98 -56.84 -22.88
C PRO B 88 -10.51 -56.53 -22.58
N THR B 89 -9.93 -55.49 -23.19
CA THR B 89 -8.54 -55.17 -22.93
C THR B 89 -8.34 -54.59 -21.54
N LEU B 90 -9.22 -53.68 -21.13
CA LEU B 90 -9.09 -52.99 -19.85
C LEU B 90 -9.84 -53.78 -18.78
N LEU B 91 -9.09 -54.28 -17.79
CA LEU B 91 -9.66 -55.00 -16.66
C LEU B 91 -10.56 -56.17 -17.08
N PRO B 92 -10.02 -57.18 -17.76
CA PRO B 92 -10.85 -58.32 -18.17
C PRO B 92 -11.35 -59.11 -16.97
N ASN B 93 -12.55 -59.68 -17.13
CA ASN B 93 -13.19 -60.53 -16.14
C ASN B 93 -13.45 -59.80 -14.82
N ILE B 94 -13.57 -58.48 -14.85
CA ILE B 94 -13.87 -57.67 -13.68
C ILE B 94 -14.87 -56.60 -14.08
N THR B 95 -15.92 -56.44 -13.28
CA THR B 95 -16.92 -55.40 -13.49
C THR B 95 -16.74 -54.28 -12.47
N LEU B 96 -17.11 -53.07 -12.88
CA LEU B 96 -16.95 -51.88 -12.04
C LEU B 96 -18.32 -51.28 -11.76
N GLY B 97 -18.58 -51.01 -10.48
CA GLY B 97 -19.78 -50.33 -10.07
C GLY B 97 -19.54 -48.88 -9.74
N CYS B 98 -20.58 -48.23 -9.21
CA CYS B 98 -20.48 -46.83 -8.82
C CYS B 98 -21.55 -46.49 -7.81
N GLU B 99 -21.31 -45.39 -7.09
CA GLU B 99 -22.23 -44.86 -6.08
C GLU B 99 -22.09 -43.34 -6.13
N ILE B 100 -22.99 -42.68 -6.87
CA ILE B 100 -22.93 -41.25 -7.12
C ILE B 100 -23.88 -40.54 -6.16
N ARG B 101 -23.34 -39.58 -5.42
CA ARG B 101 -24.08 -38.76 -4.48
C ARG B 101 -24.07 -37.29 -4.93
N ASP B 102 -24.68 -36.44 -4.13
CA ASP B 102 -24.87 -35.03 -4.46
C ASP B 102 -24.07 -34.17 -3.48
N SER B 103 -23.19 -33.31 -4.02
CA SER B 103 -22.42 -32.40 -3.19
C SER B 103 -23.01 -31.00 -3.10
N CYS B 104 -23.85 -30.62 -4.06
CA CYS B 104 -24.58 -29.35 -4.06
C CYS B 104 -23.65 -28.13 -4.07
N TRP B 105 -22.39 -28.32 -4.45
CA TRP B 105 -21.38 -27.24 -4.42
C TRP B 105 -21.26 -26.63 -3.03
N HIS B 106 -21.59 -27.40 -2.00
CA HIS B 106 -21.56 -26.95 -0.62
C HIS B 106 -20.69 -27.90 0.20
N SER B 107 -19.98 -27.34 1.18
CA SER B 107 -18.99 -28.13 1.91
C SER B 107 -19.65 -29.09 2.89
N ALA B 108 -20.71 -28.65 3.58
CA ALA B 108 -21.34 -29.49 4.59
C ALA B 108 -22.03 -30.70 3.96
N VAL B 109 -22.73 -30.49 2.84
CA VAL B 109 -23.39 -31.59 2.16
C VAL B 109 -22.38 -32.62 1.67
N ALA B 110 -21.27 -32.15 1.10
CA ALA B 110 -20.24 -33.06 0.65
C ALA B 110 -19.59 -33.81 1.81
N LEU B 111 -19.43 -33.13 2.96
CA LEU B 111 -18.91 -33.80 4.14
C LEU B 111 -19.86 -34.91 4.59
N GLU B 112 -21.17 -34.64 4.57
CA GLU B 112 -22.14 -35.67 4.91
C GLU B 112 -22.07 -36.86 3.96
N GLN B 113 -21.95 -36.60 2.65
CA GLN B 113 -21.87 -37.69 1.69
C GLN B 113 -20.57 -38.47 1.83
N SER B 114 -19.46 -37.81 2.18
CA SER B 114 -18.22 -38.52 2.45
C SER B 114 -18.35 -39.41 3.69
N ILE B 115 -19.06 -38.93 4.71
CA ILE B 115 -19.35 -39.77 5.86
C ILE B 115 -20.18 -40.97 5.45
N GLU B 116 -21.10 -40.77 4.50
CA GLU B 116 -21.88 -41.90 3.99
C GLU B 116 -20.98 -42.91 3.27
N PHE B 117 -20.01 -42.43 2.50
CA PHE B 117 -19.00 -43.34 1.94
C PHE B 117 -18.29 -44.14 3.03
N ILE B 118 -17.75 -43.46 4.04
CA ILE B 118 -16.87 -44.12 5.00
C ILE B 118 -17.61 -44.87 6.10
N ARG B 119 -18.93 -44.77 6.15
CA ARG B 119 -19.69 -45.46 7.19
C ARG B 119 -19.47 -46.97 7.13
N ASP B 120 -19.30 -47.51 5.93
CA ASP B 120 -19.08 -48.95 5.80
C ASP B 120 -17.81 -49.39 6.49
N SER B 121 -16.69 -48.70 6.22
CA SER B 121 -15.45 -49.02 6.91
C SER B 121 -15.55 -48.75 8.40
N LEU B 122 -16.24 -47.68 8.78
CA LEU B 122 -16.36 -47.32 10.18
C LEU B 122 -17.08 -48.41 10.97
N ILE B 123 -18.15 -48.98 10.40
CA ILE B 123 -18.87 -50.04 11.09
C ILE B 123 -18.19 -51.40 10.93
N SER B 124 -17.37 -51.58 9.88
CA SER B 124 -16.60 -52.81 9.76
C SER B 124 -15.45 -52.85 10.75
N SER B 125 -14.92 -51.69 11.14
CA SER B 125 -13.85 -51.65 12.13
C SER B 125 -14.29 -52.13 13.50
N GLU B 126 -15.61 -52.14 13.77
CA GLU B 126 -16.12 -52.61 15.04
C GLU B 126 -16.36 -54.10 15.04
N LYS B 145 -22.25 -54.51 2.09
CA LYS B 145 -21.90 -53.35 1.28
C LYS B 145 -20.40 -53.32 0.98
N LYS B 146 -20.06 -53.25 -0.29
CA LYS B 146 -18.66 -53.20 -0.69
C LYS B 146 -18.06 -51.84 -0.40
N PRO B 147 -16.83 -51.78 0.12
CA PRO B 147 -16.20 -50.49 0.41
C PRO B 147 -15.83 -49.75 -0.86
N ILE B 148 -15.73 -48.42 -0.72
CA ILE B 148 -15.36 -47.55 -1.83
C ILE B 148 -13.84 -47.54 -1.95
N VAL B 149 -13.34 -47.73 -3.18
CA VAL B 149 -11.90 -47.75 -3.40
C VAL B 149 -11.35 -46.40 -3.86
N GLY B 150 -12.20 -45.52 -4.37
CA GLY B 150 -11.74 -44.22 -4.83
C GLY B 150 -12.92 -43.31 -5.11
N VAL B 151 -12.63 -42.01 -5.13
CA VAL B 151 -13.65 -40.99 -5.31
C VAL B 151 -13.21 -40.04 -6.42
N ILE B 152 -14.15 -39.70 -7.30
CA ILE B 152 -13.90 -38.77 -8.40
C ILE B 152 -14.70 -37.49 -8.11
N GLY B 153 -13.98 -36.38 -7.98
CA GLY B 153 -14.59 -35.12 -7.60
C GLY B 153 -14.23 -34.73 -6.19
N PRO B 154 -14.81 -33.62 -5.69
CA PRO B 154 -15.72 -32.72 -6.39
C PRO B 154 -15.03 -31.73 -7.31
N GLY B 155 -15.71 -30.64 -7.66
CA GLY B 155 -15.20 -29.67 -8.61
C GLY B 155 -14.82 -28.32 -8.05
N SER B 156 -14.78 -28.15 -6.73
CA SER B 156 -14.37 -26.89 -6.12
C SER B 156 -13.26 -27.16 -5.12
N SER B 157 -12.30 -26.22 -5.06
CA SER B 157 -11.12 -26.42 -4.23
C SER B 157 -11.46 -26.42 -2.74
N SER B 158 -12.38 -25.55 -2.32
CA SER B 158 -12.63 -25.40 -0.90
C SER B 158 -13.38 -26.60 -0.32
N VAL B 159 -14.09 -27.35 -1.15
CA VAL B 159 -14.79 -28.55 -0.70
C VAL B 159 -13.89 -29.78 -0.82
N ALA B 160 -13.13 -29.84 -1.91
CA ALA B 160 -12.22 -30.96 -2.13
C ALA B 160 -11.20 -31.07 -1.01
N ILE B 161 -10.88 -29.97 -0.33
CA ILE B 161 -9.91 -30.04 0.77
C ILE B 161 -10.48 -30.85 1.94
N GLN B 162 -11.71 -30.55 2.35
CA GLN B 162 -12.30 -31.30 3.46
C GLN B 162 -12.58 -32.74 3.06
N VAL B 163 -13.06 -32.95 1.83
CA VAL B 163 -13.24 -34.32 1.36
C VAL B 163 -11.91 -35.07 1.39
N GLN B 164 -10.82 -34.40 0.99
CA GLN B 164 -9.51 -35.03 0.98
C GLN B 164 -9.05 -35.37 2.39
N ASN B 165 -9.28 -34.47 3.35
CA ASN B 165 -8.91 -34.78 4.73
C ASN B 165 -9.62 -36.03 5.22
N LEU B 166 -10.95 -36.05 5.08
CA LEU B 166 -11.70 -37.19 5.60
C LEU B 166 -11.35 -38.48 4.86
N LEU B 167 -11.08 -38.39 3.56
CA LEU B 167 -10.75 -39.59 2.79
C LEU B 167 -9.35 -40.10 3.12
N GLN B 168 -8.37 -39.21 3.20
CA GLN B 168 -7.01 -39.60 3.55
C GLN B 168 -6.93 -40.15 4.96
N LEU B 169 -7.88 -39.81 5.83
CA LEU B 169 -7.96 -40.49 7.12
C LEU B 169 -8.17 -41.99 6.97
N PHE B 170 -8.70 -42.45 5.83
CA PHE B 170 -9.02 -43.85 5.63
C PHE B 170 -8.31 -44.48 4.43
N ASN B 171 -7.29 -43.82 3.88
CA ASN B 171 -6.49 -44.34 2.77
C ASN B 171 -7.36 -44.60 1.54
N ILE B 172 -8.00 -43.54 1.05
CA ILE B 172 -8.81 -43.62 -0.16
C ILE B 172 -8.30 -42.60 -1.16
N PRO B 173 -7.71 -43.04 -2.28
CA PRO B 173 -7.23 -42.08 -3.28
C PRO B 173 -8.38 -41.29 -3.90
N GLN B 174 -8.10 -40.03 -4.23
CA GLN B 174 -9.09 -39.12 -4.79
C GLN B 174 -8.51 -38.44 -6.02
N ILE B 175 -9.29 -38.41 -7.10
CA ILE B 175 -8.90 -37.79 -8.36
C ILE B 175 -9.93 -36.73 -8.70
N ALA B 176 -9.45 -35.52 -8.98
CA ALA B 176 -10.31 -34.38 -9.29
C ALA B 176 -10.09 -33.94 -10.73
N TYR B 177 -11.12 -33.34 -11.31
CA TYR B 177 -11.09 -32.91 -12.70
C TYR B 177 -11.21 -31.41 -12.89
N SER B 178 -11.60 -30.66 -11.86
CA SER B 178 -11.81 -29.22 -12.00
C SER B 178 -11.30 -28.39 -10.84
N ALA B 179 -10.66 -28.99 -9.84
CA ALA B 179 -10.11 -28.23 -8.71
C ALA B 179 -8.67 -27.88 -9.02
N THR B 180 -8.40 -26.59 -9.19
CA THR B 180 -7.11 -26.12 -9.71
C THR B 180 -6.41 -25.17 -8.75
N SER B 181 -6.70 -25.25 -7.45
CA SER B 181 -6.00 -24.40 -6.50
C SER B 181 -4.55 -24.81 -6.36
N MET B 182 -3.69 -23.82 -6.07
CA MET B 182 -2.26 -24.09 -5.99
C MET B 182 -1.88 -24.83 -4.73
N ASP B 183 -2.64 -24.68 -3.65
CA ASP B 183 -2.26 -25.28 -2.37
C ASP B 183 -2.63 -26.75 -2.25
N LEU B 184 -3.32 -27.30 -3.23
CA LEU B 184 -3.65 -28.72 -3.22
C LEU B 184 -2.53 -29.59 -3.78
N SER B 185 -1.42 -28.99 -4.22
CA SER B 185 -0.28 -29.71 -4.75
C SER B 185 0.82 -29.90 -3.71
N ASP B 186 0.44 -29.94 -2.43
CA ASP B 186 1.38 -30.16 -1.33
C ASP B 186 1.10 -31.56 -0.78
N LYS B 187 1.89 -32.54 -1.23
CA LYS B 187 1.67 -33.93 -0.85
C LYS B 187 1.97 -34.20 0.62
N THR B 188 2.62 -33.26 1.32
CA THR B 188 2.76 -33.40 2.76
C THR B 188 1.42 -33.32 3.46
N LEU B 189 0.55 -32.41 3.00
CA LEU B 189 -0.78 -32.24 3.58
C LEU B 189 -1.83 -33.10 2.86
N PHE B 190 -1.89 -32.99 1.55
CA PHE B 190 -2.87 -33.72 0.74
C PHE B 190 -2.12 -34.81 -0.03
N LYS B 191 -1.94 -35.97 0.61
CA LYS B 191 -1.15 -37.03 0.02
C LYS B 191 -1.94 -37.83 -1.01
N TYR B 192 -3.23 -38.06 -0.76
CA TYR B 192 -4.05 -38.92 -1.59
C TYR B 192 -4.86 -38.15 -2.63
N PHE B 193 -4.36 -37.00 -3.07
CA PHE B 193 -5.05 -36.15 -4.01
C PHE B 193 -4.29 -36.11 -5.34
N MET B 194 -5.01 -36.32 -6.44
CA MET B 194 -4.46 -36.18 -7.78
C MET B 194 -5.46 -35.42 -8.62
N ARG B 195 -4.97 -34.79 -9.68
CA ARG B 195 -5.86 -34.08 -10.59
C ARG B 195 -5.32 -34.18 -12.01
N VAL B 196 -6.23 -34.12 -12.97
CA VAL B 196 -5.88 -34.20 -14.39
C VAL B 196 -5.83 -32.82 -15.03
N VAL B 197 -5.71 -31.77 -14.23
CA VAL B 197 -5.66 -30.39 -14.74
C VAL B 197 -4.49 -29.67 -14.08
N PRO B 198 -3.93 -28.64 -14.72
CA PRO B 198 -2.84 -27.87 -14.08
C PRO B 198 -3.32 -27.02 -12.93
N SER B 199 -2.41 -26.25 -12.33
CA SER B 199 -2.72 -25.40 -11.19
C SER B 199 -3.07 -23.99 -11.66
N ASP B 200 -3.24 -23.07 -10.71
CA ASP B 200 -3.66 -21.71 -11.00
C ASP B 200 -2.49 -20.77 -11.28
N ALA B 201 -1.25 -21.22 -11.11
CA ALA B 201 -0.10 -20.37 -11.40
C ALA B 201 -0.07 -20.01 -12.88
N GLN B 202 -0.37 -20.96 -13.75
CA GLN B 202 -0.39 -20.68 -15.18
C GLN B 202 -1.52 -19.72 -15.54
N GLN B 203 -2.68 -19.85 -14.87
CA GLN B 203 -3.76 -18.90 -15.10
C GLN B 203 -3.36 -17.49 -14.68
N ALA B 204 -2.71 -17.36 -13.53
CA ALA B 204 -2.25 -16.04 -13.09
C ALA B 204 -1.23 -15.48 -14.07
N ARG B 205 -0.30 -16.32 -14.57
CA ARG B 205 0.68 -15.85 -15.53
C ARG B 205 0.01 -15.40 -16.82
N ALA B 206 -1.00 -16.13 -17.29
CA ALA B 206 -1.71 -15.73 -18.50
C ALA B 206 -2.43 -14.40 -18.31
N MET B 207 -3.08 -14.22 -17.17
CA MET B 207 -3.76 -12.96 -16.90
C MET B 207 -2.79 -11.79 -16.85
N VAL B 208 -1.64 -12.00 -16.18
CA VAL B 208 -0.62 -10.95 -16.11
C VAL B 208 -0.08 -10.64 -17.51
N ASP B 209 0.11 -11.67 -18.33
CA ASP B 209 0.58 -11.46 -19.69
C ASP B 209 -0.41 -10.62 -20.49
N ILE B 210 -1.70 -10.91 -20.35
CA ILE B 210 -2.71 -10.15 -21.10
C ILE B 210 -2.72 -8.70 -20.66
N VAL B 211 -2.74 -8.46 -19.33
CA VAL B 211 -2.81 -7.07 -18.86
C VAL B 211 -1.52 -6.32 -19.20
N LYS B 212 -0.38 -7.01 -19.25
CA LYS B 212 0.85 -6.38 -19.69
C LYS B 212 0.77 -6.01 -21.17
N ARG B 213 0.30 -6.94 -22.00
CA ARG B 213 0.25 -6.70 -23.44
C ARG B 213 -0.66 -5.53 -23.78
N TYR B 214 -1.80 -5.42 -23.11
CA TYR B 214 -2.70 -4.31 -23.39
C TYR B 214 -2.40 -3.07 -22.56
N ASN B 215 -1.30 -3.09 -21.79
CA ASN B 215 -0.78 -1.90 -21.12
C ASN B 215 -1.79 -1.29 -20.15
N TRP B 216 -2.53 -2.15 -19.46
CA TRP B 216 -3.46 -1.72 -18.41
C TRP B 216 -2.69 -1.72 -17.10
N THR B 217 -2.13 -0.56 -16.77
CA THR B 217 -1.23 -0.43 -15.61
C THR B 217 -1.94 0.02 -14.35
N TYR B 218 -3.26 0.17 -14.37
CA TYR B 218 -4.01 0.61 -13.19
C TYR B 218 -5.39 -0.06 -13.25
N VAL B 219 -5.51 -1.20 -12.58
CA VAL B 219 -6.73 -2.00 -12.64
C VAL B 219 -7.33 -2.14 -11.25
N SER B 220 -8.49 -2.80 -11.18
CA SER B 220 -9.12 -3.18 -9.93
C SER B 220 -9.21 -4.69 -9.88
N ALA B 221 -9.36 -5.23 -8.67
CA ALA B 221 -9.35 -6.67 -8.47
C ALA B 221 -10.54 -7.10 -7.62
N VAL B 222 -11.06 -8.28 -7.93
CA VAL B 222 -12.13 -8.89 -7.14
C VAL B 222 -12.01 -10.40 -7.26
N HIS B 223 -12.21 -11.09 -6.14
CA HIS B 223 -12.17 -12.55 -6.11
C HIS B 223 -13.29 -13.05 -5.22
N THR B 224 -13.61 -14.33 -5.37
CA THR B 224 -14.64 -14.96 -4.56
C THR B 224 -14.01 -15.64 -3.35
N GLU B 225 -14.81 -15.80 -2.30
CA GLU B 225 -14.32 -16.41 -1.08
C GLU B 225 -13.99 -17.88 -1.31
N GLY B 226 -13.14 -18.42 -0.44
CA GLY B 226 -12.60 -19.74 -0.62
C GLY B 226 -11.20 -19.72 -1.21
N ASN B 227 -10.47 -20.82 -1.02
CA ASN B 227 -9.07 -20.84 -1.39
C ASN B 227 -8.84 -20.75 -2.90
N TYR B 228 -9.87 -20.99 -3.71
CA TYR B 228 -9.72 -20.80 -5.14
C TYR B 228 -9.52 -19.32 -5.48
N GLY B 229 -10.40 -18.46 -4.96
CA GLY B 229 -10.25 -17.03 -5.19
C GLY B 229 -9.03 -16.44 -4.51
N GLU B 230 -8.79 -16.83 -3.25
CA GLU B 230 -7.73 -16.20 -2.48
C GLU B 230 -6.35 -16.51 -3.04
N SER B 231 -6.07 -17.79 -3.30
CA SER B 231 -4.77 -18.17 -3.83
C SER B 231 -4.52 -17.56 -5.20
N GLY B 232 -5.53 -17.60 -6.07
CA GLY B 232 -5.37 -17.01 -7.39
C GLY B 232 -5.13 -15.53 -7.34
N MET B 233 -5.89 -14.82 -6.50
CA MET B 233 -5.72 -13.37 -6.41
C MET B 233 -4.37 -13.00 -5.82
N GLU B 234 -3.92 -13.72 -4.79
CA GLU B 234 -2.63 -13.39 -4.19
C GLU B 234 -1.48 -13.68 -5.16
N ALA B 235 -1.57 -14.80 -5.89
CA ALA B 235 -0.56 -15.07 -6.92
C ALA B 235 -0.57 -14.00 -7.99
N PHE B 236 -1.77 -13.59 -8.43
CA PHE B 236 -1.86 -12.57 -9.47
C PHE B 236 -1.22 -11.27 -9.03
N LYS B 237 -1.54 -10.81 -7.81
CA LYS B 237 -0.97 -9.54 -7.36
C LYS B 237 0.53 -9.64 -7.12
N ASP B 238 1.00 -10.79 -6.61
CA ASP B 238 2.43 -10.97 -6.42
C ASP B 238 3.18 -10.90 -7.73
N MET B 239 2.68 -11.57 -8.77
CA MET B 239 3.33 -11.48 -10.08
C MET B 239 3.20 -10.06 -10.66
N SER B 240 2.04 -9.43 -10.49
CA SER B 240 1.80 -8.13 -11.13
C SER B 240 2.64 -7.02 -10.52
N ALA B 241 2.98 -7.13 -9.23
CA ALA B 241 3.71 -6.06 -8.57
C ALA B 241 5.10 -5.85 -9.15
N LYS B 242 5.62 -6.81 -9.93
CA LYS B 242 6.98 -6.75 -10.44
C LYS B 242 7.08 -6.24 -11.87
N GLU B 243 5.97 -5.85 -12.50
CA GLU B 243 6.01 -5.29 -13.85
C GLU B 243 5.35 -3.92 -13.91
N GLY B 244 5.36 -3.19 -12.82
CA GLY B 244 4.79 -1.86 -12.81
C GLY B 244 3.30 -1.83 -13.08
N ILE B 245 2.55 -2.75 -12.47
CA ILE B 245 1.09 -2.77 -12.55
C ILE B 245 0.56 -2.52 -11.15
N CYS B 246 -0.30 -1.52 -11.02
CA CYS B 246 -0.82 -1.09 -9.73
C CYS B 246 -2.30 -1.43 -9.64
N ILE B 247 -2.73 -1.81 -8.44
CA ILE B 247 -4.11 -2.21 -8.19
C ILE B 247 -4.78 -1.12 -7.37
N ALA B 248 -5.89 -0.58 -7.89
CA ALA B 248 -6.61 0.45 -7.17
C ALA B 248 -7.15 -0.07 -5.84
N HIS B 249 -7.86 -1.20 -5.87
CA HIS B 249 -8.37 -1.81 -4.66
C HIS B 249 -8.68 -3.27 -4.94
N SER B 250 -8.71 -4.06 -3.86
CA SER B 250 -9.03 -5.47 -3.94
C SER B 250 -10.24 -5.76 -3.06
N TYR B 251 -11.15 -6.58 -3.58
CA TYR B 251 -12.40 -6.89 -2.90
C TYR B 251 -12.61 -8.41 -2.88
N LYS B 252 -13.61 -8.82 -2.10
CA LYS B 252 -14.01 -10.22 -2.03
C LYS B 252 -15.47 -10.29 -1.62
N ILE B 253 -16.12 -11.40 -1.99
CA ILE B 253 -17.56 -11.56 -1.75
C ILE B 253 -17.90 -13.03 -1.89
N TYR B 254 -18.96 -13.44 -1.19
CA TYR B 254 -19.47 -14.80 -1.31
C TYR B 254 -20.39 -14.93 -2.51
N SER B 255 -20.51 -16.15 -3.02
CA SER B 255 -21.48 -16.42 -4.09
C SER B 255 -22.90 -16.49 -3.57
N ASN B 256 -23.09 -16.71 -2.27
CA ASN B 256 -24.40 -16.72 -1.64
C ASN B 256 -24.87 -15.33 -1.22
N ALA B 257 -24.04 -14.31 -1.41
CA ALA B 257 -24.40 -12.97 -0.97
C ALA B 257 -25.66 -12.48 -1.68
N GLY B 258 -26.48 -11.72 -0.96
CA GLY B 258 -27.72 -11.24 -1.49
C GLY B 258 -27.56 -10.06 -2.43
N GLU B 259 -28.69 -9.53 -2.86
CA GLU B 259 -28.69 -8.39 -3.77
C GLU B 259 -28.08 -7.15 -3.13
N GLN B 260 -28.38 -6.93 -1.84
CA GLN B 260 -27.85 -5.76 -1.15
C GLN B 260 -26.33 -5.80 -1.05
N SER B 261 -25.77 -6.98 -0.79
CA SER B 261 -24.33 -7.10 -0.66
C SER B 261 -23.62 -6.91 -1.99
N PHE B 262 -24.29 -7.22 -3.10
CA PHE B 262 -23.70 -7.04 -4.43
C PHE B 262 -23.80 -5.61 -4.93
N ASP B 263 -24.58 -4.75 -4.28
CA ASP B 263 -24.71 -3.37 -4.72
C ASP B 263 -23.58 -2.49 -4.17
N LYS B 264 -23.15 -2.75 -2.94
CA LYS B 264 -22.05 -1.97 -2.38
C LYS B 264 -20.75 -2.22 -3.14
N LEU B 265 -20.54 -3.45 -3.58
CA LEU B 265 -19.35 -3.77 -4.36
C LEU B 265 -19.31 -2.96 -5.65
N LEU B 266 -20.43 -2.92 -6.37
CA LEU B 266 -20.49 -2.13 -7.59
C LEU B 266 -20.38 -0.64 -7.29
N LYS B 267 -20.92 -0.19 -6.15
CA LYS B 267 -20.78 1.22 -5.78
C LYS B 267 -19.32 1.60 -5.57
N LYS B 268 -18.56 0.75 -4.88
CA LYS B 268 -17.14 1.02 -4.70
C LYS B 268 -16.39 0.98 -6.03
N LEU B 269 -16.69 -0.02 -6.87
CA LEU B 269 -16.04 -0.10 -8.17
C LEU B 269 -16.32 1.15 -9.00
N THR B 270 -17.56 1.65 -8.94
CA THR B 270 -17.89 2.90 -9.62
C THR B 270 -17.13 4.08 -9.01
N SER B 271 -17.00 4.09 -7.69
CA SER B 271 -16.23 5.14 -7.04
C SER B 271 -14.79 5.17 -7.52
N HIS B 272 -14.27 4.02 -7.93
CA HIS B 272 -12.92 4.00 -8.48
C HIS B 272 -12.85 4.44 -9.94
N LEU B 273 -14.00 4.66 -10.60
CA LEU B 273 -14.02 5.18 -11.95
C LEU B 273 -13.60 6.65 -11.95
N PRO B 274 -13.19 7.20 -13.11
CA PRO B 274 -13.05 6.61 -14.44
C PRO B 274 -11.65 6.09 -14.75
N LYS B 275 -10.75 6.14 -13.78
CA LYS B 275 -9.37 5.72 -14.03
C LYS B 275 -9.28 4.21 -14.21
N ALA B 276 -9.68 3.45 -13.18
CA ALA B 276 -9.59 1.99 -13.21
C ALA B 276 -10.89 1.45 -13.78
N ARG B 277 -10.91 1.21 -15.10
CA ARG B 277 -12.07 0.62 -15.76
C ARG B 277 -11.79 -0.79 -16.28
N VAL B 278 -10.82 -1.48 -15.70
CA VAL B 278 -10.56 -2.89 -15.98
C VAL B 278 -10.54 -3.63 -14.66
N VAL B 279 -11.34 -4.68 -14.55
CA VAL B 279 -11.52 -5.41 -13.30
C VAL B 279 -11.08 -6.85 -13.54
N ALA B 280 -10.00 -7.26 -12.87
CA ALA B 280 -9.62 -8.66 -12.84
C ALA B 280 -10.51 -9.41 -11.86
N CYS B 281 -10.93 -10.62 -12.25
CA CYS B 281 -11.91 -11.38 -11.48
C CYS B 281 -11.42 -12.82 -11.32
N PHE B 282 -11.05 -13.17 -10.09
CA PHE B 282 -10.93 -14.58 -9.72
C PHE B 282 -12.21 -15.02 -9.01
N CYS B 283 -13.27 -15.14 -9.81
CA CYS B 283 -14.61 -15.36 -9.31
C CYS B 283 -15.24 -16.55 -10.01
N GLU B 284 -16.23 -17.14 -9.33
CA GLU B 284 -17.01 -18.23 -9.91
C GLU B 284 -18.03 -17.66 -10.89
N GLY B 285 -18.83 -18.55 -11.48
CA GLY B 285 -19.86 -18.10 -12.40
C GLY B 285 -20.95 -17.30 -11.71
N MET B 286 -21.32 -17.71 -10.48
CA MET B 286 -22.39 -17.03 -9.77
C MET B 286 -21.99 -15.63 -9.34
N THR B 287 -20.71 -15.43 -9.01
CA THR B 287 -20.25 -14.09 -8.65
C THR B 287 -20.34 -13.14 -9.85
N VAL B 288 -19.93 -13.60 -11.03
CA VAL B 288 -20.03 -12.77 -12.22
C VAL B 288 -21.50 -12.53 -12.58
N ARG B 289 -22.34 -13.54 -12.40
CA ARG B 289 -23.77 -13.36 -12.63
C ARG B 289 -24.35 -12.29 -11.70
N GLY B 290 -23.97 -12.34 -10.43
CA GLY B 290 -24.43 -11.32 -9.50
C GLY B 290 -23.94 -9.94 -9.84
N LEU B 291 -22.68 -9.84 -10.29
CA LEU B 291 -22.16 -8.55 -10.73
C LEU B 291 -22.95 -8.00 -11.91
N LEU B 292 -23.25 -8.85 -12.89
CA LEU B 292 -24.02 -8.40 -14.04
C LEU B 292 -25.43 -7.97 -13.64
N MET B 293 -26.06 -8.73 -12.77
CA MET B 293 -27.39 -8.37 -12.29
C MET B 293 -27.36 -7.04 -11.54
N ALA B 294 -26.33 -6.84 -10.71
CA ALA B 294 -26.21 -5.59 -9.96
C ALA B 294 -26.01 -4.41 -10.89
N MET B 295 -25.19 -4.58 -11.94
CA MET B 295 -24.94 -3.44 -12.83
C MET B 295 -26.13 -3.17 -13.73
N ARG B 296 -26.94 -4.20 -14.04
CA ARG B 296 -28.22 -3.91 -14.69
C ARG B 296 -29.16 -3.16 -13.76
N ARG B 297 -29.17 -3.54 -12.47
CA ARG B 297 -30.06 -2.90 -11.51
C ARG B 297 -29.75 -1.41 -11.38
N LEU B 298 -28.47 -1.05 -11.36
CA LEU B 298 -28.05 0.34 -11.22
C LEU B 298 -27.79 1.03 -12.54
N GLY B 299 -27.95 0.32 -13.66
CA GLY B 299 -27.78 0.93 -14.97
C GLY B 299 -26.39 1.38 -15.34
N LEU B 300 -25.39 0.53 -15.11
CA LEU B 300 -24.00 0.82 -15.46
C LEU B 300 -23.49 -0.11 -16.56
N ALA B 301 -24.31 -0.38 -17.56
CA ALA B 301 -23.88 -1.22 -18.67
C ALA B 301 -22.88 -0.48 -19.54
N GLY B 302 -21.75 -1.12 -19.82
CA GLY B 302 -20.74 -0.57 -20.70
C GLY B 302 -19.77 0.41 -20.06
N GLU B 303 -19.84 0.59 -18.74
CA GLU B 303 -18.96 1.57 -18.09
C GLU B 303 -17.53 1.09 -17.99
N PHE B 304 -17.32 -0.22 -17.85
CA PHE B 304 -15.97 -0.74 -17.63
C PHE B 304 -15.90 -2.20 -18.05
N LEU B 305 -14.74 -2.57 -18.60
CA LEU B 305 -14.47 -3.94 -19.00
C LEU B 305 -14.07 -4.78 -17.80
N LEU B 306 -14.32 -6.09 -17.89
CA LEU B 306 -14.00 -7.02 -16.82
C LEU B 306 -13.33 -8.26 -17.40
N LEU B 307 -12.30 -8.73 -16.70
CA LEU B 307 -11.46 -9.84 -17.14
C LEU B 307 -11.65 -11.02 -16.20
N GLY B 308 -11.96 -12.19 -16.76
CA GLY B 308 -12.32 -13.35 -15.97
C GLY B 308 -11.39 -14.53 -16.17
N SER B 309 -11.64 -15.57 -15.38
CA SER B 309 -10.87 -16.81 -15.35
C SER B 309 -11.77 -17.97 -15.73
N ASP B 310 -11.27 -19.20 -15.52
CA ASP B 310 -12.00 -20.40 -15.91
C ASP B 310 -13.32 -20.57 -15.15
N GLY B 311 -13.53 -19.83 -14.06
CA GLY B 311 -14.82 -19.86 -13.39
C GLY B 311 -15.95 -19.42 -14.32
N TRP B 312 -15.70 -18.35 -15.08
CA TRP B 312 -16.60 -17.90 -16.15
C TRP B 312 -15.81 -18.03 -17.44
N ALA B 313 -15.86 -19.22 -18.05
CA ALA B 313 -15.05 -19.52 -19.23
C ALA B 313 -15.85 -19.43 -20.53
N ASP B 314 -16.89 -20.26 -20.65
CA ASP B 314 -17.76 -20.25 -21.83
C ASP B 314 -19.21 -20.47 -21.45
N ARG B 315 -19.53 -20.49 -20.16
CA ARG B 315 -20.86 -20.86 -19.72
C ARG B 315 -21.88 -19.81 -20.14
N TYR B 316 -22.94 -20.26 -20.80
CA TYR B 316 -23.96 -19.35 -21.31
C TYR B 316 -24.93 -18.90 -20.23
N ASP B 317 -24.97 -19.59 -19.08
CA ASP B 317 -25.84 -19.17 -18.00
C ASP B 317 -25.25 -18.06 -17.15
N VAL B 318 -23.94 -17.80 -17.29
CA VAL B 318 -23.35 -16.66 -16.61
C VAL B 318 -23.82 -15.36 -17.26
N THR B 319 -23.93 -15.36 -18.59
CA THR B 319 -24.47 -14.23 -19.34
C THR B 319 -25.70 -14.74 -20.08
N ASP B 320 -26.84 -14.74 -19.40
CA ASP B 320 -28.10 -15.19 -19.99
C ASP B 320 -29.19 -14.23 -19.53
N GLY B 321 -29.71 -13.45 -20.48
CA GLY B 321 -30.59 -12.35 -20.14
C GLY B 321 -29.86 -11.10 -19.71
N TYR B 322 -28.53 -11.14 -19.65
CA TYR B 322 -27.70 -10.00 -19.27
C TYR B 322 -26.53 -9.87 -20.22
N GLN B 323 -26.73 -10.21 -21.50
CA GLN B 323 -25.64 -10.14 -22.48
C GLN B 323 -25.16 -8.72 -22.69
N ARG B 324 -26.07 -7.75 -22.67
CA ARG B 324 -25.69 -6.35 -22.91
C ARG B 324 -24.72 -5.85 -21.84
N GLU B 325 -24.83 -6.35 -20.61
CA GLU B 325 -23.98 -5.91 -19.53
C GLU B 325 -22.61 -6.56 -19.54
N ALA B 326 -22.37 -7.55 -20.41
CA ALA B 326 -21.14 -8.31 -20.40
C ALA B 326 -20.43 -8.34 -21.74
N VAL B 327 -20.83 -7.49 -22.69
CA VAL B 327 -20.17 -7.48 -23.99
C VAL B 327 -18.76 -6.91 -23.84
N GLY B 328 -17.81 -7.51 -24.56
CA GLY B 328 -16.44 -7.07 -24.53
C GLY B 328 -15.56 -7.74 -23.49
N GLY B 329 -16.14 -8.55 -22.60
CA GLY B 329 -15.35 -9.23 -21.60
C GLY B 329 -14.43 -10.27 -22.20
N ILE B 330 -13.30 -10.50 -21.52
CA ILE B 330 -12.28 -11.44 -21.95
C ILE B 330 -12.11 -12.49 -20.87
N THR B 331 -12.14 -13.76 -21.27
CA THR B 331 -12.04 -14.87 -20.34
C THR B 331 -10.99 -15.86 -20.83
N ILE B 332 -10.45 -16.64 -19.90
CA ILE B 332 -9.50 -17.71 -20.20
C ILE B 332 -10.12 -19.03 -19.79
N LYS B 333 -9.90 -20.06 -20.60
CA LYS B 333 -10.50 -21.36 -20.34
C LYS B 333 -9.49 -22.46 -20.62
N LEU B 334 -9.71 -23.62 -20.01
CA LEU B 334 -8.89 -24.78 -20.32
C LEU B 334 -9.21 -25.31 -21.71
N GLN B 335 -8.20 -25.87 -22.36
CA GLN B 335 -8.34 -26.37 -23.72
C GLN B 335 -8.76 -27.84 -23.68
N SER B 336 -9.96 -28.12 -24.21
CA SER B 336 -10.46 -29.48 -24.30
C SER B 336 -11.53 -29.58 -25.37
N PRO B 337 -11.36 -30.44 -26.37
CA PRO B 337 -12.37 -30.58 -27.42
C PRO B 337 -13.59 -31.38 -26.95
N ASP B 338 -14.66 -31.25 -27.72
CA ASP B 338 -15.91 -31.92 -27.39
C ASP B 338 -15.79 -33.41 -27.65
N VAL B 339 -16.34 -34.21 -26.73
CA VAL B 339 -16.42 -35.65 -26.88
C VAL B 339 -17.65 -35.99 -27.69
N LYS B 340 -17.47 -36.77 -28.76
CA LYS B 340 -18.55 -36.98 -29.71
C LYS B 340 -19.44 -38.15 -29.32
N TRP B 341 -18.85 -39.24 -28.83
CA TRP B 341 -19.66 -40.42 -28.50
C TRP B 341 -20.53 -40.19 -27.27
N PHE B 342 -20.30 -39.14 -26.49
CA PHE B 342 -21.20 -38.82 -25.39
C PHE B 342 -22.49 -38.19 -25.91
N ASP B 343 -22.41 -37.39 -26.96
CA ASP B 343 -23.59 -36.72 -27.49
C ASP B 343 -24.60 -37.72 -28.03
N ASP B 344 -24.12 -38.75 -28.73
CA ASP B 344 -25.04 -39.74 -29.29
C ASP B 344 -25.82 -40.45 -28.19
N TYR B 345 -25.14 -40.82 -27.11
CA TYR B 345 -25.83 -41.45 -25.98
C TYR B 345 -26.78 -40.47 -25.30
N TYR B 346 -26.35 -39.22 -25.10
CA TYR B 346 -27.12 -38.28 -24.30
C TYR B 346 -28.40 -37.85 -25.01
N LEU B 347 -28.32 -37.59 -26.32
CA LEU B 347 -29.45 -36.98 -27.01
C LEU B 347 -30.60 -37.94 -27.26
N LYS B 348 -30.42 -39.24 -26.98
CA LYS B 348 -31.47 -40.22 -27.17
C LYS B 348 -32.18 -40.60 -25.87
N LEU B 349 -31.88 -39.90 -24.77
CA LEU B 349 -32.47 -40.23 -23.49
C LEU B 349 -33.88 -39.67 -23.35
N ARG B 350 -34.78 -40.48 -22.82
CA ARG B 350 -36.16 -40.12 -22.59
C ARG B 350 -36.54 -40.44 -21.15
N PRO B 351 -37.49 -39.71 -20.57
CA PRO B 351 -37.79 -39.90 -19.14
C PRO B 351 -38.44 -41.24 -18.83
N GLU B 352 -39.16 -41.84 -19.78
CA GLU B 352 -39.92 -43.04 -19.51
C GLU B 352 -39.11 -44.31 -19.66
N THR B 353 -37.88 -44.24 -20.16
CA THR B 353 -37.03 -45.41 -20.32
C THR B 353 -35.72 -45.31 -19.56
N ASN B 354 -35.50 -44.24 -18.80
CA ASN B 354 -34.27 -44.06 -18.03
C ASN B 354 -34.54 -44.53 -16.59
N HIS B 355 -33.97 -45.68 -16.24
CA HIS B 355 -34.17 -46.28 -14.92
C HIS B 355 -32.89 -46.26 -14.09
N ARG B 356 -32.07 -45.22 -14.24
CA ARG B 356 -30.85 -45.07 -13.47
C ARG B 356 -30.66 -43.67 -12.91
N ASN B 357 -31.62 -42.77 -13.09
CA ASN B 357 -31.44 -41.39 -12.69
C ASN B 357 -32.78 -40.75 -12.31
N PRO B 358 -33.01 -40.48 -11.02
CA PRO B 358 -34.26 -39.80 -10.61
C PRO B 358 -34.20 -38.32 -10.92
N TRP B 359 -32.99 -37.77 -10.74
CA TRP B 359 -32.76 -36.38 -11.09
C TRP B 359 -33.05 -36.14 -12.57
N PHE B 360 -32.98 -37.18 -13.41
CA PHE B 360 -33.38 -37.04 -14.80
C PHE B 360 -34.87 -36.79 -14.93
N GLN B 361 -35.69 -37.49 -14.14
CA GLN B 361 -37.13 -37.29 -14.22
C GLN B 361 -37.53 -35.93 -13.66
N GLU B 362 -36.79 -35.43 -12.66
CA GLU B 362 -37.02 -34.05 -12.23
C GLU B 362 -36.54 -33.05 -13.28
N PHE B 363 -35.43 -33.37 -13.95
CA PHE B 363 -34.79 -32.46 -14.89
C PHE B 363 -35.61 -32.28 -16.15
N TRP B 364 -36.27 -33.33 -16.61
CA TRP B 364 -37.12 -33.21 -17.79
C TRP B 364 -38.17 -32.12 -17.57
N GLN B 365 -38.89 -32.20 -16.44
CA GLN B 365 -39.91 -31.22 -16.13
C GLN B 365 -39.31 -29.83 -15.92
N HIS B 366 -38.17 -29.75 -15.21
CA HIS B 366 -37.58 -28.44 -14.98
C HIS B 366 -37.13 -27.78 -16.28
N ARG B 367 -36.52 -28.54 -17.18
CA ARG B 367 -35.99 -27.98 -18.41
C ARG B 367 -37.11 -27.60 -19.37
N PHE B 368 -38.08 -28.48 -19.56
CA PHE B 368 -39.13 -28.21 -20.53
C PHE B 368 -40.31 -27.43 -19.94
N GLN B 369 -40.26 -27.08 -18.67
CA GLN B 369 -41.26 -26.23 -18.02
C GLN B 369 -42.68 -26.81 -18.16
N CYS B 370 -42.78 -28.13 -18.00
CA CYS B 370 -44.05 -28.83 -18.08
C CYS B 370 -44.08 -29.89 -17.00
N ARG B 371 -45.25 -30.53 -16.84
CA ARG B 371 -45.43 -31.61 -15.89
C ARG B 371 -45.81 -32.88 -16.63
N LEU B 372 -45.15 -33.98 -16.28
CA LEU B 372 -45.45 -35.25 -16.92
C LEU B 372 -46.83 -35.74 -16.50
N GLU B 373 -47.46 -36.51 -17.39
CA GLU B 373 -48.88 -36.83 -17.26
C GLU B 373 -49.21 -37.58 -15.97
N GLY B 374 -48.68 -38.78 -15.81
CA GLY B 374 -48.98 -39.58 -14.64
C GLY B 374 -47.76 -40.27 -14.07
N PHE B 375 -46.59 -39.65 -14.26
CA PHE B 375 -45.35 -40.25 -13.82
C PHE B 375 -45.24 -40.19 -12.30
N PRO B 376 -44.38 -41.04 -11.70
CA PRO B 376 -44.23 -41.01 -10.25
C PRO B 376 -43.69 -39.69 -9.69
N GLN B 377 -43.16 -38.81 -10.54
CA GLN B 377 -42.54 -37.57 -10.10
C GLN B 377 -43.21 -36.39 -10.80
N GLU B 378 -44.54 -36.33 -10.74
CA GLU B 378 -45.31 -35.45 -11.62
C GLU B 378 -44.94 -33.98 -11.42
N ASN B 379 -44.83 -33.54 -10.17
CA ASN B 379 -44.50 -32.15 -9.84
C ASN B 379 -45.53 -31.18 -10.46
N SER B 380 -46.74 -31.27 -9.92
CA SER B 380 -47.90 -30.57 -10.47
C SER B 380 -47.81 -29.06 -10.40
N LYS B 381 -46.66 -28.52 -9.97
CA LYS B 381 -46.48 -27.08 -9.96
C LYS B 381 -46.66 -26.48 -11.35
N TYR B 382 -46.09 -27.12 -12.37
CA TYR B 382 -46.18 -26.62 -13.72
C TYR B 382 -47.55 -26.89 -14.33
N ASN B 383 -47.83 -26.20 -15.42
CA ASN B 383 -48.98 -26.45 -16.28
C ASN B 383 -48.47 -26.77 -17.68
N LYS B 384 -49.39 -26.89 -18.64
CA LYS B 384 -49.05 -27.17 -20.03
C LYS B 384 -48.26 -28.48 -20.14
N THR B 385 -48.95 -29.57 -19.82
CA THR B 385 -48.39 -30.91 -19.72
C THR B 385 -47.41 -31.25 -20.83
N CYS B 386 -46.38 -32.02 -20.50
CA CYS B 386 -45.28 -32.29 -21.42
C CYS B 386 -45.79 -33.01 -22.67
N ASN B 387 -45.26 -32.60 -23.82
CA ASN B 387 -45.58 -33.23 -25.09
C ASN B 387 -44.74 -34.49 -25.28
N SER B 388 -45.17 -35.31 -26.23
CA SER B 388 -44.44 -36.53 -26.58
C SER B 388 -43.40 -36.30 -27.65
N SER B 389 -43.31 -35.09 -28.20
CA SER B 389 -42.33 -34.75 -29.23
C SER B 389 -41.23 -33.83 -28.71
N LEU B 390 -41.02 -33.79 -27.39
CA LEU B 390 -39.99 -32.96 -26.80
C LEU B 390 -38.66 -33.72 -26.84
N THR B 391 -37.74 -33.25 -27.68
CA THR B 391 -36.42 -33.86 -27.80
C THR B 391 -35.41 -33.07 -26.98
N LEU B 392 -34.34 -33.77 -26.58
CA LEU B 392 -33.28 -33.19 -25.77
C LEU B 392 -32.16 -32.62 -26.64
N LYS B 393 -32.31 -32.65 -27.96
CA LYS B 393 -31.30 -32.18 -28.89
C LYS B 393 -31.54 -30.76 -29.37
N THR B 394 -32.55 -30.07 -28.84
CA THR B 394 -32.85 -28.69 -29.19
C THR B 394 -32.19 -27.77 -28.18
N HIS B 395 -31.46 -26.77 -28.67
CA HIS B 395 -30.68 -25.86 -27.83
C HIS B 395 -29.71 -26.64 -26.95
N HIS B 396 -29.07 -27.65 -27.52
CA HIS B 396 -28.13 -28.49 -26.80
C HIS B 396 -26.74 -27.88 -26.85
N VAL B 397 -26.17 -27.62 -25.67
CA VAL B 397 -24.77 -27.23 -25.54
C VAL B 397 -24.12 -28.14 -24.52
N GLN B 398 -22.95 -28.68 -24.87
CA GLN B 398 -22.29 -29.67 -24.04
C GLN B 398 -21.44 -28.99 -22.97
N ASP B 399 -21.23 -29.71 -21.87
CA ASP B 399 -20.35 -29.21 -20.81
C ASP B 399 -18.93 -29.07 -21.35
N SER B 400 -18.30 -27.95 -21.02
CA SER B 400 -16.95 -27.65 -21.50
C SER B 400 -15.86 -28.30 -20.66
N LYS B 401 -16.21 -29.29 -19.83
CA LYS B 401 -15.23 -30.01 -19.01
C LYS B 401 -15.52 -31.51 -19.00
N MET B 402 -16.11 -32.03 -20.07
CA MET B 402 -16.53 -33.42 -20.08
C MET B 402 -15.34 -34.36 -20.22
N GLY B 403 -14.39 -33.98 -21.08
CA GLY B 403 -13.21 -34.81 -21.29
C GLY B 403 -12.40 -35.00 -20.04
N PHE B 404 -12.34 -33.98 -19.17
CA PHE B 404 -11.61 -34.11 -17.93
C PHE B 404 -12.23 -35.16 -17.02
N VAL B 405 -13.57 -35.17 -16.93
CA VAL B 405 -14.26 -36.17 -16.11
C VAL B 405 -14.01 -37.56 -16.67
N ILE B 406 -14.15 -37.72 -17.99
CA ILE B 406 -13.93 -39.02 -18.61
C ILE B 406 -12.49 -39.47 -18.40
N ASN B 407 -11.54 -38.54 -18.49
CA ASN B 407 -10.14 -38.88 -18.29
C ASN B 407 -9.86 -39.28 -16.85
N ALA B 408 -10.51 -38.64 -15.88
CA ALA B 408 -10.34 -39.04 -14.49
C ALA B 408 -10.84 -40.46 -14.27
N ILE B 409 -12.01 -40.78 -14.83
CA ILE B 409 -12.54 -42.13 -14.69
C ILE B 409 -11.61 -43.15 -15.33
N TYR B 410 -11.10 -42.84 -16.52
CA TYR B 410 -10.18 -43.75 -17.19
C TYR B 410 -8.87 -43.88 -16.44
N SER B 411 -8.40 -42.80 -15.80
CA SER B 411 -7.18 -42.88 -14.99
C SER B 411 -7.37 -43.83 -13.82
N MET B 412 -8.52 -43.74 -13.12
CA MET B 412 -8.77 -44.67 -12.04
C MET B 412 -8.83 -46.11 -12.54
N ALA B 413 -9.50 -46.33 -13.68
CA ALA B 413 -9.59 -47.68 -14.23
C ALA B 413 -8.22 -48.24 -14.59
N TYR B 414 -7.37 -47.42 -15.21
CA TYR B 414 -6.05 -47.87 -15.61
C TYR B 414 -5.16 -48.13 -14.40
N GLY B 415 -5.29 -47.31 -13.35
CA GLY B 415 -4.56 -47.59 -12.13
C GLY B 415 -4.96 -48.92 -11.52
N LEU B 416 -6.27 -49.21 -11.50
CA LEU B 416 -6.73 -50.50 -10.99
C LEU B 416 -6.20 -51.64 -11.85
N HIS B 417 -6.19 -51.46 -13.18
CA HIS B 417 -5.68 -52.50 -14.07
C HIS B 417 -4.21 -52.78 -13.82
N ASN B 418 -3.40 -51.72 -13.68
CA ASN B 418 -1.98 -51.90 -13.41
C ASN B 418 -1.76 -52.58 -12.07
N MET B 419 -2.52 -52.19 -11.04
CA MET B 419 -2.40 -52.83 -9.73
C MET B 419 -2.73 -54.31 -9.82
N GLN B 420 -3.80 -54.66 -10.55
CA GLN B 420 -4.16 -56.06 -10.70
C GLN B 420 -3.08 -56.84 -11.42
N MET B 421 -2.50 -56.24 -12.47
CA MET B 421 -1.45 -56.93 -13.22
C MET B 421 -0.21 -57.15 -12.35
N SER B 422 0.13 -56.19 -11.49
CA SER B 422 1.35 -56.31 -10.71
C SER B 422 1.22 -57.34 -9.58
N LEU B 423 0.08 -57.35 -8.89
CA LEU B 423 -0.07 -58.22 -7.73
C LEU B 423 -0.09 -59.69 -8.14
N CYS B 424 -0.92 -60.06 -9.10
CA CYS B 424 -1.02 -61.45 -9.57
C CYS B 424 -1.00 -61.48 -11.08
N PRO B 425 0.15 -61.79 -11.69
CA PRO B 425 0.29 -61.64 -13.15
C PRO B 425 -0.55 -62.63 -13.96
N GLY B 426 -0.46 -63.91 -13.64
CA GLY B 426 -1.05 -64.94 -14.47
C GLY B 426 -2.53 -65.18 -14.33
N TYR B 427 -3.21 -64.46 -13.43
CA TYR B 427 -4.62 -64.67 -13.19
C TYR B 427 -5.44 -63.60 -13.88
N ALA B 428 -6.64 -63.97 -14.33
CA ALA B 428 -7.59 -63.06 -14.96
C ALA B 428 -8.82 -62.97 -14.05
N GLY B 429 -8.76 -62.05 -13.10
CA GLY B 429 -9.83 -61.88 -12.14
C GLY B 429 -9.29 -61.38 -10.82
N LEU B 430 -10.19 -61.32 -9.84
CA LEU B 430 -9.84 -60.84 -8.50
C LEU B 430 -9.17 -61.97 -7.74
N CYS B 431 -7.84 -61.96 -7.71
CA CYS B 431 -7.07 -62.98 -7.02
C CYS B 431 -7.06 -62.72 -5.51
N ASP B 432 -6.65 -63.74 -4.76
CA ASP B 432 -6.59 -63.63 -3.31
C ASP B 432 -5.52 -62.65 -2.83
N ALA B 433 -4.52 -62.36 -3.67
CA ALA B 433 -3.49 -61.39 -3.30
C ALA B 433 -4.02 -59.96 -3.30
N MET B 434 -5.21 -59.72 -3.83
CA MET B 434 -5.83 -58.40 -3.87
C MET B 434 -7.23 -58.46 -3.27
N LYS B 435 -7.34 -59.11 -2.11
CA LYS B 435 -8.60 -59.25 -1.40
C LYS B 435 -8.36 -59.06 0.09
N PRO B 436 -8.67 -57.87 0.64
CA PRO B 436 -9.23 -56.72 -0.09
C PRO B 436 -8.16 -55.91 -0.82
N ILE B 437 -8.54 -54.70 -1.27
CA ILE B 437 -7.65 -53.84 -2.04
C ILE B 437 -6.97 -52.86 -1.09
N ASP B 438 -5.65 -52.81 -1.14
CA ASP B 438 -4.89 -51.89 -0.30
C ASP B 438 -4.91 -50.49 -0.90
N GLY B 439 -5.23 -49.49 -0.07
CA GLY B 439 -5.24 -48.12 -0.55
C GLY B 439 -3.86 -47.61 -0.91
N ARG B 440 -2.84 -47.99 -0.12
CA ARG B 440 -1.49 -47.51 -0.38
C ARG B 440 -0.94 -48.06 -1.69
N LYS B 441 -1.17 -49.35 -1.96
CA LYS B 441 -0.73 -49.94 -3.22
C LYS B 441 -1.42 -49.28 -4.40
N LEU B 442 -2.72 -49.01 -4.28
CA LEU B 442 -3.45 -48.33 -5.35
C LEU B 442 -2.93 -46.93 -5.58
N LEU B 443 -2.62 -46.21 -4.49
CA LEU B 443 -2.06 -44.86 -4.64
C LEU B 443 -0.71 -44.90 -5.31
N GLU B 444 0.13 -45.87 -4.96
CA GLU B 444 1.44 -46.01 -5.60
C GLU B 444 1.29 -46.35 -7.08
N SER B 445 0.31 -47.19 -7.42
CA SER B 445 0.09 -47.55 -8.82
C SER B 445 -0.44 -46.37 -9.61
N LEU B 446 -1.30 -45.55 -9.00
CA LEU B 446 -1.90 -44.43 -9.73
C LEU B 446 -0.88 -43.38 -10.11
N MET B 447 0.16 -43.18 -9.29
CA MET B 447 1.15 -42.14 -9.56
C MET B 447 2.02 -42.48 -10.78
N LYS B 448 2.06 -43.75 -11.18
CA LYS B 448 2.89 -44.18 -12.30
C LYS B 448 2.08 -44.39 -13.58
N THR B 449 0.80 -44.04 -13.58
CA THR B 449 -0.05 -44.33 -14.73
C THR B 449 0.11 -43.25 -15.79
N ASN B 450 0.27 -43.69 -17.04
CA ASN B 450 0.23 -42.81 -18.20
C ASN B 450 -0.54 -43.52 -19.31
N PHE B 451 -1.38 -42.77 -20.01
CA PHE B 451 -2.19 -43.38 -21.07
C PHE B 451 -2.61 -42.28 -22.05
N THR B 452 -3.50 -42.62 -22.97
CA THR B 452 -4.00 -41.68 -23.96
C THR B 452 -5.46 -41.34 -23.65
N GLY B 453 -5.77 -40.05 -23.66
CA GLY B 453 -7.10 -39.59 -23.33
C GLY B 453 -8.06 -39.68 -24.49
N VAL B 454 -9.25 -39.09 -24.29
CA VAL B 454 -10.27 -39.08 -25.32
C VAL B 454 -9.85 -38.16 -26.48
N SER B 455 -9.06 -37.13 -26.19
CA SER B 455 -8.63 -36.20 -27.22
C SER B 455 -7.40 -36.67 -27.98
N GLY B 456 -6.83 -37.81 -27.63
CA GLY B 456 -5.66 -38.34 -28.30
C GLY B 456 -4.34 -37.91 -27.72
N ASP B 457 -4.34 -37.03 -26.72
CA ASP B 457 -3.10 -36.62 -26.08
C ASP B 457 -2.66 -37.68 -25.08
N THR B 458 -1.66 -37.37 -24.26
CA THR B 458 -1.14 -38.30 -23.27
C THR B 458 -1.32 -37.71 -21.88
N ILE B 459 -1.95 -38.48 -21.00
CA ILE B 459 -2.17 -38.10 -19.61
C ILE B 459 -1.18 -38.85 -18.74
N LEU B 460 -0.44 -38.10 -17.93
CA LEU B 460 0.53 -38.64 -16.98
C LEU B 460 0.73 -37.62 -15.87
N PHE B 461 0.90 -38.11 -14.65
CA PHE B 461 1.02 -37.25 -13.47
C PHE B 461 2.48 -36.97 -13.15
N ASP B 462 2.72 -35.79 -12.60
CA ASP B 462 4.06 -35.38 -12.19
C ASP B 462 4.27 -35.75 -10.73
N GLU B 463 5.34 -35.22 -10.13
CA GLU B 463 5.67 -35.56 -8.74
C GLU B 463 4.62 -35.04 -7.77
N ASN B 464 3.86 -34.01 -8.16
CA ASN B 464 2.82 -33.45 -7.32
C ASN B 464 1.43 -33.91 -7.69
N GLY B 465 1.31 -34.88 -8.61
CA GLY B 465 0.02 -35.40 -8.99
C GLY B 465 -0.74 -34.56 -9.98
N ASP B 466 -0.15 -33.50 -10.52
CA ASP B 466 -0.81 -32.65 -11.50
C ASP B 466 -0.57 -33.17 -12.91
N SER B 467 -1.29 -32.60 -13.86
CA SER B 467 -1.18 -32.96 -15.27
C SER B 467 -1.07 -31.71 -16.11
N PRO B 468 -0.29 -31.74 -17.19
CA PRO B 468 -0.08 -30.53 -18.00
C PRO B 468 -1.32 -30.16 -18.80
N GLY B 469 -1.32 -28.91 -19.26
CA GLY B 469 -2.42 -28.41 -20.08
C GLY B 469 -2.13 -27.01 -20.58
N ARG B 470 -2.95 -26.56 -21.51
CA ARG B 470 -2.84 -25.25 -22.12
C ARG B 470 -4.17 -24.52 -21.99
N TYR B 471 -4.22 -23.28 -22.48
CA TYR B 471 -5.37 -22.42 -22.28
C TYR B 471 -5.81 -21.79 -23.59
N GLU B 472 -7.02 -21.23 -23.56
CA GLU B 472 -7.62 -20.52 -24.68
C GLU B 472 -8.19 -19.21 -24.19
N ILE B 473 -8.15 -18.19 -25.06
CA ILE B 473 -8.63 -16.86 -24.74
C ILE B 473 -9.91 -16.62 -25.50
N MET B 474 -10.98 -16.30 -24.78
CA MET B 474 -12.30 -16.05 -25.35
C MET B 474 -12.63 -14.56 -25.27
N ASN B 475 -13.69 -14.18 -25.98
CA ASN B 475 -14.12 -12.78 -26.00
C ASN B 475 -15.62 -12.77 -26.27
N PHE B 476 -16.40 -12.51 -25.23
CA PHE B 476 -17.84 -12.39 -25.40
C PHE B 476 -18.18 -11.11 -26.14
N LYS B 477 -18.79 -11.25 -27.32
CA LYS B 477 -19.11 -10.10 -28.15
C LYS B 477 -20.46 -10.32 -28.80
N GLU B 478 -20.87 -9.35 -29.62
CA GLU B 478 -22.15 -9.38 -30.32
C GLU B 478 -21.89 -9.61 -31.79
N MET B 479 -22.47 -10.68 -32.34
CA MET B 479 -22.21 -11.05 -33.72
C MET B 479 -23.19 -10.41 -34.69
N GLY B 480 -24.44 -10.24 -34.30
CA GLY B 480 -25.43 -9.63 -35.16
C GLY B 480 -26.42 -8.77 -34.42
N LYS B 481 -27.71 -8.95 -34.71
CA LYS B 481 -28.78 -8.22 -34.04
C LYS B 481 -29.42 -9.16 -33.01
N ASP B 482 -29.33 -8.79 -31.74
CA ASP B 482 -29.83 -9.61 -30.63
C ASP B 482 -29.21 -11.00 -30.70
N TYR B 483 -27.89 -11.04 -30.87
CA TYR B 483 -27.16 -12.31 -30.99
C TYR B 483 -25.74 -12.09 -30.47
N PHE B 484 -25.40 -12.79 -29.40
CA PHE B 484 -24.11 -12.67 -28.75
C PHE B 484 -23.45 -14.04 -28.65
N ASP B 485 -22.12 -14.05 -28.63
CA ASP B 485 -21.40 -15.33 -28.60
C ASP B 485 -19.99 -15.11 -28.07
N TYR B 486 -19.39 -16.22 -27.62
CA TYR B 486 -17.99 -16.27 -27.24
C TYR B 486 -17.15 -16.64 -28.45
N ILE B 487 -16.10 -15.88 -28.71
CA ILE B 487 -15.25 -16.06 -29.89
C ILE B 487 -13.83 -16.34 -29.43
N ASN B 488 -13.24 -17.40 -29.99
CA ASN B 488 -11.84 -17.71 -29.71
C ASN B 488 -10.95 -16.61 -30.28
N VAL B 489 -10.04 -16.10 -29.45
CA VAL B 489 -9.21 -14.96 -29.81
C VAL B 489 -7.73 -15.35 -29.84
N GLY B 490 -7.23 -15.94 -28.75
CA GLY B 490 -5.83 -16.29 -28.68
C GLY B 490 -5.56 -17.56 -27.91
N SER B 491 -4.34 -17.69 -27.39
CA SER B 491 -3.95 -18.88 -26.67
C SER B 491 -2.72 -18.58 -25.81
N TRP B 492 -2.58 -19.34 -24.73
CA TRP B 492 -1.43 -19.28 -23.85
C TRP B 492 -0.93 -20.70 -23.63
N ASP B 493 0.37 -20.91 -23.83
CA ASP B 493 0.94 -22.25 -23.76
C ASP B 493 2.41 -22.15 -23.38
N ASN B 494 2.75 -22.70 -22.21
CA ASN B 494 4.13 -22.83 -21.76
C ASN B 494 4.87 -21.49 -21.79
N GLY B 495 4.19 -20.44 -21.34
CA GLY B 495 4.78 -19.13 -21.28
C GLY B 495 4.67 -18.31 -22.54
N GLU B 496 4.11 -18.85 -23.61
CA GLU B 496 3.96 -18.13 -24.87
C GLU B 496 2.50 -17.76 -25.06
N LEU B 497 2.21 -16.47 -25.13
CA LEU B 497 0.87 -15.96 -25.36
C LEU B 497 0.81 -15.38 -26.77
N LYS B 498 -0.09 -15.91 -27.59
CA LYS B 498 -0.32 -15.39 -28.93
C LYS B 498 -1.80 -15.06 -29.06
N MET B 499 -2.09 -13.80 -29.34
CA MET B 499 -3.46 -13.29 -29.33
C MET B 499 -3.73 -12.51 -30.61
N ASP B 500 -4.95 -12.64 -31.13
CA ASP B 500 -5.36 -11.97 -32.36
C ASP B 500 -6.06 -10.67 -31.98
N ASP B 501 -5.37 -9.55 -32.14
CA ASP B 501 -5.89 -8.25 -31.75
C ASP B 501 -6.67 -7.56 -32.85
N ASP B 502 -6.68 -8.11 -34.07
CA ASP B 502 -7.44 -7.48 -35.14
C ASP B 502 -8.93 -7.71 -35.00
N GLU B 503 -9.33 -8.82 -34.39
CA GLU B 503 -10.73 -9.12 -34.16
C GLU B 503 -11.20 -8.72 -32.77
N VAL B 504 -10.33 -8.08 -31.98
CA VAL B 504 -10.70 -7.47 -30.71
C VAL B 504 -10.57 -5.96 -30.89
N TRP B 505 -11.70 -5.25 -30.72
CA TRP B 505 -11.83 -3.82 -30.90
C TRP B 505 -11.78 -3.43 -32.37
N SER B 506 -11.45 -4.39 -33.25
CA SER B 506 -11.58 -4.26 -34.69
C SER B 506 -10.75 -3.12 -35.28
N LYS B 507 -9.97 -2.42 -34.44
CA LYS B 507 -9.22 -1.25 -34.87
C LYS B 507 -8.25 -0.88 -33.76
N LYS B 508 -7.36 0.07 -34.06
CA LYS B 508 -6.40 0.53 -33.07
C LYS B 508 -7.04 1.39 -31.99
N SER B 509 -8.26 1.85 -32.20
CA SER B 509 -8.98 2.64 -31.20
C SER B 509 -9.65 1.68 -30.23
N ASN B 510 -8.84 1.11 -29.35
CA ASN B 510 -9.31 0.16 -28.36
C ASN B 510 -9.77 0.91 -27.11
N ILE B 511 -10.00 0.18 -26.02
CA ILE B 511 -10.35 0.82 -24.77
C ILE B 511 -9.17 1.71 -24.33
N ILE B 512 -9.51 2.82 -23.67
CA ILE B 512 -8.48 3.70 -23.15
C ILE B 512 -7.73 2.97 -22.03
N ARG B 513 -6.41 2.98 -22.11
CA ARG B 513 -5.59 2.32 -21.10
C ARG B 513 -5.96 2.84 -19.72
N SER B 514 -6.32 1.92 -18.83
CA SER B 514 -6.70 2.30 -17.47
C SER B 514 -5.44 2.74 -16.74
N VAL B 515 -5.22 4.05 -16.68
CA VAL B 515 -4.02 4.63 -16.10
C VAL B 515 -4.41 5.72 -15.12
N CYS B 516 -3.78 5.72 -13.94
CA CYS B 516 -4.07 6.75 -12.96
C CYS B 516 -3.57 8.11 -13.41
N SER B 517 -2.37 8.17 -13.99
CA SER B 517 -1.75 9.43 -14.39
C SER B 517 -1.22 9.32 -15.81
N GLU B 518 -1.44 10.38 -16.59
CA GLU B 518 -0.95 10.46 -17.95
C GLU B 518 0.48 10.98 -17.99
N PRO B 519 1.30 10.48 -18.93
CA PRO B 519 2.72 10.86 -18.94
C PRO B 519 2.91 12.29 -19.39
N CYS B 520 3.89 12.96 -18.75
CA CYS B 520 4.14 14.38 -18.99
C CYS B 520 5.62 14.63 -19.22
N GLU B 521 6.26 13.78 -20.00
CA GLU B 521 7.68 13.93 -20.33
C GLU B 521 7.82 15.02 -21.40
N LYS B 522 7.73 16.27 -20.95
CA LYS B 522 7.86 17.42 -21.83
C LYS B 522 9.29 17.91 -21.97
N GLY B 523 10.25 17.27 -21.29
CA GLY B 523 11.63 17.70 -21.27
C GLY B 523 12.00 18.60 -20.12
N GLN B 524 11.01 19.23 -19.48
CA GLN B 524 11.24 20.06 -18.31
C GLN B 524 10.28 19.76 -17.17
N ILE B 525 9.23 18.97 -17.41
CA ILE B 525 8.19 18.72 -16.41
C ILE B 525 8.69 17.67 -15.43
N LYS B 526 8.59 17.97 -14.14
CA LYS B 526 9.12 17.15 -13.06
C LYS B 526 7.98 16.53 -12.27
N VAL B 527 8.11 15.23 -11.98
CA VAL B 527 7.04 14.41 -11.44
C VAL B 527 7.21 14.26 -9.93
N ILE B 528 6.09 14.24 -9.21
CA ILE B 528 6.07 13.97 -7.77
C ILE B 528 4.92 13.01 -7.47
N ARG B 529 5.12 12.17 -6.46
CA ARG B 529 4.12 11.21 -6.01
C ARG B 529 3.57 11.66 -4.66
N LYS B 530 2.24 11.83 -4.59
CA LYS B 530 1.63 12.31 -3.36
C LYS B 530 1.81 11.32 -2.22
N GLY B 531 1.63 10.03 -2.49
CA GLY B 531 1.79 9.03 -1.46
C GLY B 531 0.71 7.97 -1.45
N GLU B 532 -0.18 8.00 -2.45
CA GLU B 532 -1.23 6.99 -2.54
C GLU B 532 -0.71 5.72 -3.21
N VAL B 533 -0.32 5.83 -4.48
CA VAL B 533 0.19 4.71 -5.27
C VAL B 533 1.22 5.27 -6.25
N SER B 534 2.30 4.53 -6.46
CA SER B 534 3.36 5.00 -7.36
C SER B 534 2.84 5.25 -8.77
N CYS B 535 1.82 4.51 -9.20
CA CYS B 535 1.24 4.75 -10.51
C CYS B 535 0.55 6.10 -10.59
N CYS B 536 0.02 6.59 -9.47
CA CYS B 536 -0.64 7.89 -9.42
C CYS B 536 0.40 8.96 -9.09
N TRP B 537 0.50 9.97 -9.96
CA TRP B 537 1.48 11.03 -9.76
C TRP B 537 0.95 12.33 -10.35
N THR B 538 1.54 13.43 -9.93
CA THR B 538 1.26 14.74 -10.50
C THR B 538 2.58 15.43 -10.82
N CYS B 539 2.59 16.24 -11.87
CA CYS B 539 3.85 16.81 -12.33
C CYS B 539 3.69 18.31 -12.58
N THR B 540 4.78 19.03 -12.37
CA THR B 540 4.83 20.48 -12.41
C THR B 540 6.01 20.95 -13.25
N PRO B 541 5.91 22.11 -13.89
CA PRO B 541 7.06 22.63 -14.64
C PRO B 541 8.15 23.14 -13.71
N CYS B 542 9.38 23.11 -14.23
CA CYS B 542 10.55 23.57 -13.50
C CYS B 542 10.88 25.02 -13.86
N LYS B 543 11.87 25.57 -13.15
CA LYS B 543 12.31 26.93 -13.40
C LYS B 543 13.12 27.01 -14.68
N GLU B 544 13.15 28.22 -15.26
CA GLU B 544 13.93 28.43 -16.48
C GLU B 544 15.42 28.28 -16.22
N ASN B 545 15.89 28.64 -15.03
CA ASN B 545 17.30 28.44 -14.69
C ASN B 545 17.59 26.97 -14.41
N GLU B 546 16.63 26.25 -13.86
CA GLU B 546 16.85 24.85 -13.49
C GLU B 546 16.91 23.96 -14.74
N TYR B 547 17.69 22.89 -14.63
CA TYR B 547 17.80 21.89 -15.67
C TYR B 547 17.42 20.53 -15.10
N VAL B 548 16.78 19.70 -15.92
CA VAL B 548 16.28 18.42 -15.43
C VAL B 548 17.45 17.47 -15.17
N PHE B 549 17.46 16.88 -13.98
CA PHE B 549 18.44 15.85 -13.63
C PHE B 549 17.89 14.47 -13.92
N ASP B 550 16.73 14.15 -13.36
CA ASP B 550 15.98 12.96 -13.72
C ASP B 550 14.49 13.30 -13.60
N GLU B 551 13.65 12.26 -13.61
CA GLU B 551 12.21 12.49 -13.48
C GLU B 551 11.85 13.03 -12.10
N TYR B 552 12.47 12.49 -11.05
CA TYR B 552 12.08 12.80 -9.68
C TYR B 552 12.90 13.92 -9.04
N THR B 553 13.84 14.54 -9.77
CA THR B 553 14.61 15.64 -9.25
C THR B 553 14.72 16.75 -10.30
N CYS B 554 14.94 17.97 -9.83
CA CYS B 554 15.14 19.13 -10.70
C CYS B 554 16.24 19.99 -10.09
N LYS B 555 17.30 20.23 -10.86
CA LYS B 555 18.48 20.92 -10.37
C LYS B 555 18.71 22.22 -11.14
N ALA B 556 19.29 23.20 -10.46
CA ALA B 556 19.58 24.49 -11.08
C ALA B 556 21.01 24.52 -11.60
N CYS B 557 21.19 25.15 -12.77
CA CYS B 557 22.50 25.28 -13.37
C CYS B 557 23.35 26.28 -12.60
N GLN B 558 24.66 26.14 -12.75
CA GLN B 558 25.61 27.04 -12.11
C GLN B 558 25.72 28.36 -12.90
N LEU B 559 26.40 29.32 -12.30
CA LEU B 559 26.56 30.63 -12.92
C LEU B 559 27.41 30.53 -14.18
N GLY B 560 27.09 31.39 -15.15
CA GLY B 560 27.80 31.44 -16.41
C GLY B 560 27.27 30.52 -17.50
N SER B 561 26.24 29.73 -17.21
CA SER B 561 25.69 28.81 -18.19
C SER B 561 24.17 28.81 -18.08
N TRP B 562 23.53 28.40 -19.19
CA TRP B 562 22.08 28.33 -19.29
C TRP B 562 21.68 26.97 -19.83
N PRO B 563 20.56 26.42 -19.37
CA PRO B 563 20.14 25.09 -19.86
C PRO B 563 19.92 25.08 -21.36
N THR B 564 20.25 23.95 -21.98
CA THR B 564 20.11 23.79 -23.42
C THR B 564 18.65 23.54 -23.77
N ASP B 565 18.38 23.23 -25.05
CA ASP B 565 17.02 22.96 -25.48
C ASP B 565 16.46 21.72 -24.80
N ASP B 566 17.26 20.67 -24.69
CA ASP B 566 16.83 19.44 -24.04
C ASP B 566 16.91 19.49 -22.53
N LEU B 567 17.47 20.57 -21.97
CA LEU B 567 17.61 20.77 -20.53
C LEU B 567 18.46 19.72 -19.83
N THR B 568 19.16 18.88 -20.60
CA THR B 568 20.02 17.87 -19.99
C THR B 568 21.29 18.50 -19.43
N GLY B 569 21.90 19.42 -20.17
CA GLY B 569 23.10 20.10 -19.73
C GLY B 569 22.97 21.60 -19.88
N CYS B 570 24.05 22.29 -19.50
CA CYS B 570 24.06 23.76 -19.56
C CYS B 570 25.51 24.23 -19.68
N ASP B 571 25.90 24.58 -20.90
CA ASP B 571 27.18 25.24 -21.15
C ASP B 571 27.04 26.13 -22.39
N LEU B 572 26.68 27.39 -22.17
CA LEU B 572 26.48 28.35 -23.26
C LEU B 572 26.57 29.76 -22.68
N ILE B 573 26.07 30.74 -23.42
CA ILE B 573 26.27 32.17 -23.16
C ILE B 573 27.75 32.51 -23.22
N PRO B 574 28.36 32.52 -24.41
CA PRO B 574 29.73 33.02 -24.53
C PRO B 574 29.77 34.54 -24.37
N VAL B 575 30.98 35.05 -24.12
CA VAL B 575 31.14 36.48 -23.89
C VAL B 575 30.94 37.25 -25.20
N GLN B 576 30.70 38.55 -25.05
CA GLN B 576 30.50 39.45 -26.19
C GLN B 576 31.32 40.72 -25.98
N TYR B 577 31.81 41.27 -27.09
CA TYR B 577 32.62 42.49 -27.06
C TYR B 577 31.98 43.64 -27.82
N LEU B 578 31.46 43.38 -29.03
CA LEU B 578 30.81 44.40 -29.85
C LEU B 578 31.71 45.60 -30.08
N ARG B 579 33.00 45.35 -30.31
CA ARG B 579 33.96 46.43 -30.53
C ARG B 579 33.67 47.16 -31.83
N TRP B 580 33.36 46.43 -32.91
CA TRP B 580 33.10 47.02 -34.20
C TRP B 580 31.69 46.80 -34.71
N GLY B 581 30.92 45.90 -34.11
CA GLY B 581 29.55 45.63 -34.51
C GLY B 581 28.50 46.46 -33.83
N ASP B 582 28.88 47.43 -32.99
CA ASP B 582 27.93 48.27 -32.28
C ASP B 582 27.87 49.63 -32.93
N PRO B 583 26.72 50.04 -33.48
CA PRO B 583 26.65 51.34 -34.17
C PRO B 583 26.95 52.54 -33.27
N GLU B 584 26.56 52.50 -32.00
CA GLU B 584 26.73 53.67 -31.14
C GLU B 584 28.18 54.08 -30.94
N PRO B 585 29.11 53.18 -30.57
CA PRO B 585 30.52 53.62 -30.48
C PRO B 585 31.09 54.08 -31.82
N ILE B 586 30.65 53.48 -32.92
CA ILE B 586 31.25 53.76 -34.23
C ILE B 586 31.17 55.25 -34.55
N ALA B 587 29.98 55.83 -34.36
CA ALA B 587 29.82 57.27 -34.59
C ALA B 587 30.80 58.07 -33.76
N ALA B 588 30.99 57.67 -32.50
CA ALA B 588 31.97 58.35 -31.65
C ALA B 588 33.35 58.35 -32.28
N VAL B 589 33.73 57.23 -32.90
CA VAL B 589 35.01 57.17 -33.59
C VAL B 589 35.09 58.26 -34.65
N VAL B 590 34.00 58.45 -35.40
CA VAL B 590 33.96 59.53 -36.38
C VAL B 590 34.22 60.86 -35.71
N PHE B 591 33.59 61.09 -34.54
CA PHE B 591 33.82 62.33 -33.80
C PHE B 591 35.30 62.49 -33.48
N ALA B 592 36.00 61.40 -33.19
CA ALA B 592 37.44 61.47 -33.03
C ALA B 592 38.14 61.60 -34.36
N CYS B 593 37.69 60.84 -35.37
CA CYS B 593 38.44 60.71 -36.62
C CYS B 593 38.68 62.07 -37.26
N LEU B 594 37.60 62.76 -37.65
CA LEU B 594 37.74 64.10 -38.20
C LEU B 594 38.48 65.01 -37.24
N GLY B 595 38.23 64.86 -35.93
CA GLY B 595 38.94 65.66 -34.96
C GLY B 595 40.44 65.49 -35.07
N LEU B 596 40.90 64.25 -35.24
CA LEU B 596 42.33 64.02 -35.45
C LEU B 596 42.82 64.79 -36.67
N LEU B 597 42.05 64.75 -37.77
CA LEU B 597 42.42 65.52 -38.95
C LEU B 597 42.51 67.00 -38.61
N ALA B 598 41.57 67.50 -37.78
CA ALA B 598 41.64 68.89 -37.36
C ALA B 598 42.97 69.20 -36.68
N THR B 599 43.44 68.27 -35.84
CA THR B 599 44.74 68.47 -35.20
C THR B 599 45.83 68.66 -36.24
N LEU B 600 45.79 67.87 -37.33
CA LEU B 600 46.77 68.04 -38.39
C LEU B 600 46.76 69.46 -38.94
N PHE B 601 45.56 70.04 -39.09
CA PHE B 601 45.47 71.41 -39.55
C PHE B 601 46.20 72.35 -38.61
N VAL B 602 46.06 72.16 -37.30
CA VAL B 602 46.77 72.97 -36.34
C VAL B 602 48.27 72.82 -36.51
N THR B 603 48.72 71.62 -36.90
CA THR B 603 50.14 71.42 -37.17
C THR B 603 50.56 72.05 -38.50
N VAL B 604 49.63 72.16 -39.46
CA VAL B 604 49.99 72.63 -40.78
C VAL B 604 50.37 74.10 -40.76
N VAL B 605 49.53 74.93 -40.13
CA VAL B 605 49.77 76.37 -40.15
C VAL B 605 50.96 76.73 -39.27
N PHE B 606 51.03 76.15 -38.07
CA PHE B 606 52.07 76.52 -37.11
C PHE B 606 53.46 76.16 -37.62
N ILE B 607 53.61 74.99 -38.23
CA ILE B 607 54.91 74.59 -38.76
C ILE B 607 55.29 75.45 -39.95
N ILE B 608 54.33 75.75 -40.83
CA ILE B 608 54.63 76.50 -42.04
C ILE B 608 54.93 77.96 -41.70
N TYR B 609 54.15 78.55 -40.81
CA TYR B 609 54.21 79.98 -40.52
C TYR B 609 54.93 80.23 -39.20
N ARG B 610 55.95 81.09 -39.23
CA ARG B 610 56.65 81.49 -38.02
C ARG B 610 56.93 82.98 -37.95
N ASP B 611 56.54 83.76 -38.96
CA ASP B 611 56.82 85.19 -38.98
C ASP B 611 55.89 86.00 -38.08
N THR B 612 54.83 85.39 -37.57
CA THR B 612 53.91 86.12 -36.71
C THR B 612 54.60 86.50 -35.40
N PRO B 613 54.58 87.77 -35.01
CA PRO B 613 55.22 88.15 -33.73
C PRO B 613 54.65 87.43 -32.53
N VAL B 614 53.34 87.19 -32.51
CA VAL B 614 52.73 86.46 -31.41
C VAL B 614 53.24 85.02 -31.37
N VAL B 615 53.30 84.37 -32.54
CA VAL B 615 53.82 83.01 -32.61
C VAL B 615 55.31 82.99 -32.25
N LYS B 616 56.07 83.95 -32.76
CA LYS B 616 57.50 83.99 -32.49
C LYS B 616 57.80 84.18 -31.00
N SER B 617 57.04 85.06 -30.34
CA SER B 617 57.24 85.27 -28.92
C SER B 617 56.92 84.02 -28.11
N SER B 618 55.83 83.34 -28.46
CA SER B 618 55.46 82.11 -27.76
C SER B 618 56.42 80.98 -28.11
N SER B 619 56.64 80.10 -27.15
CA SER B 619 57.54 78.97 -27.35
C SER B 619 56.89 77.94 -28.27
N ARG B 620 57.62 77.54 -29.32
CA ARG B 620 57.11 76.54 -30.25
C ARG B 620 57.14 75.14 -29.66
N GLU B 621 58.10 74.86 -28.78
CA GLU B 621 58.18 73.53 -28.17
C GLU B 621 56.95 73.22 -27.34
N LEU B 622 56.46 74.18 -26.56
CA LEU B 622 55.28 73.96 -25.76
C LEU B 622 54.05 73.68 -26.63
N CYS B 623 53.90 74.45 -27.72
CA CYS B 623 52.77 74.24 -28.62
C CYS B 623 52.86 72.87 -29.29
N TYR B 624 54.05 72.48 -29.72
CA TYR B 624 54.21 71.16 -30.32
C TYR B 624 53.88 70.06 -29.31
N ILE B 625 54.32 70.24 -28.06
CA ILE B 625 54.07 69.24 -27.03
C ILE B 625 52.57 69.11 -26.78
N ILE B 626 51.86 70.23 -26.66
CA ILE B 626 50.44 70.15 -26.38
C ILE B 626 49.67 69.59 -27.58
N LEU B 627 50.10 69.91 -28.80
CA LEU B 627 49.47 69.32 -29.97
C LEU B 627 49.67 67.81 -30.02
N ALA B 628 50.89 67.35 -29.72
CA ALA B 628 51.15 65.92 -29.67
C ALA B 628 50.32 65.24 -28.58
N GLY B 629 50.17 65.91 -27.43
CA GLY B 629 49.34 65.36 -26.37
C GLY B 629 47.88 65.26 -26.78
N ILE B 630 47.38 66.26 -27.50
CA ILE B 630 46.01 66.21 -27.99
C ILE B 630 45.83 65.07 -28.98
N CYS B 631 46.82 64.88 -29.87
CA CYS B 631 46.76 63.77 -30.81
C CYS B 631 46.77 62.42 -30.09
N LEU B 632 47.60 62.30 -29.05
CA LEU B 632 47.62 61.07 -28.27
C LEU B 632 46.28 60.83 -27.57
N GLY B 633 45.68 61.90 -27.04
CA GLY B 633 44.37 61.75 -26.43
C GLY B 633 43.31 61.30 -27.42
N TYR B 634 43.36 61.83 -28.65
CA TYR B 634 42.45 61.36 -29.68
C TYR B 634 42.69 59.89 -30.02
N LEU B 635 43.95 59.49 -30.13
CA LEU B 635 44.26 58.09 -30.45
C LEU B 635 43.95 57.15 -29.30
N CYS B 636 43.81 57.67 -28.07
CA CYS B 636 43.54 56.81 -26.92
C CYS B 636 42.21 56.07 -27.07
N THR B 637 41.17 56.77 -27.51
CA THR B 637 39.87 56.11 -27.66
C THR B 637 39.90 55.08 -28.78
N PHE B 638 40.63 55.37 -29.86
CA PHE B 638 40.77 54.39 -30.94
C PHE B 638 41.49 53.14 -30.45
N CYS B 639 42.51 53.32 -29.60
CA CYS B 639 43.18 52.16 -29.01
C CYS B 639 42.23 51.40 -28.08
N LEU B 640 41.39 52.12 -27.33
CA LEU B 640 40.55 51.48 -26.32
C LEU B 640 39.41 50.69 -26.94
N ILE B 641 38.80 51.21 -28.00
CA ILE B 641 37.55 50.64 -28.50
C ILE B 641 37.75 49.22 -29.01
N ALA B 642 38.84 48.97 -29.72
CA ALA B 642 39.02 47.73 -30.47
C ALA B 642 39.71 46.69 -29.59
N LYS B 643 38.97 45.65 -29.21
CA LYS B 643 39.49 44.44 -28.57
C LYS B 643 40.35 44.77 -27.35
N PRO B 644 39.75 45.17 -26.23
CA PRO B 644 40.56 45.49 -25.04
C PRO B 644 41.18 44.24 -24.43
N LYS B 645 42.24 43.74 -25.06
CA LYS B 645 42.94 42.56 -24.59
C LYS B 645 43.90 42.94 -23.46
N GLN B 646 44.75 42.00 -23.05
CA GLN B 646 45.65 42.25 -21.92
C GLN B 646 46.69 43.31 -22.27
N ILE B 647 47.31 43.19 -23.45
CA ILE B 647 48.36 44.13 -23.83
C ILE B 647 47.76 45.50 -24.14
N TYR B 648 46.60 45.53 -24.82
CA TYR B 648 46.00 46.80 -25.19
C TYR B 648 45.49 47.55 -23.96
N CYS B 649 44.97 46.83 -22.97
CA CYS B 649 44.46 47.49 -21.76
C CYS B 649 45.58 48.19 -21.00
N TYR B 650 46.77 47.59 -20.97
CA TYR B 650 47.88 48.21 -20.25
C TYR B 650 48.24 49.57 -20.85
N LEU B 651 48.28 49.65 -22.19
CA LEU B 651 48.50 50.94 -22.83
C LEU B 651 47.31 51.87 -22.64
N GLN B 652 46.09 51.32 -22.64
CA GLN B 652 44.90 52.14 -22.48
C GLN B 652 44.87 52.80 -21.10
N ARG B 653 45.23 52.06 -20.06
CA ARG B 653 45.23 52.63 -18.71
C ARG B 653 46.25 53.76 -18.60
N ILE B 654 47.43 53.58 -19.20
CA ILE B 654 48.45 54.62 -19.17
C ILE B 654 48.04 55.80 -20.03
N GLY B 655 47.42 55.53 -21.18
CA GLY B 655 47.12 56.61 -22.12
C GLY B 655 46.12 57.61 -21.59
N ILE B 656 45.06 57.13 -20.93
CA ILE B 656 44.01 58.02 -20.46
C ILE B 656 44.54 58.96 -19.39
N GLY B 657 45.59 58.57 -18.67
CA GLY B 657 46.21 59.41 -17.67
C GLY B 657 47.47 60.11 -18.11
N LEU B 658 47.93 59.88 -19.34
CA LEU B 658 49.17 60.47 -19.85
C LEU B 658 48.92 61.74 -20.65
N SER B 659 48.08 61.67 -21.69
CA SER B 659 47.85 62.82 -22.55
C SER B 659 47.26 64.02 -21.80
N PRO B 660 46.22 63.88 -20.99
CA PRO B 660 45.72 65.06 -20.25
C PRO B 660 46.74 65.68 -19.32
N ALA B 661 47.63 64.87 -18.73
CA ALA B 661 48.53 65.38 -17.71
C ALA B 661 49.57 66.33 -18.31
N MET B 662 50.22 65.93 -19.40
CA MET B 662 51.33 66.71 -19.92
C MET B 662 50.84 67.97 -20.63
N SER B 663 49.73 67.88 -21.36
CA SER B 663 49.21 69.06 -22.05
C SER B 663 48.77 70.13 -21.06
N TYR B 664 48.12 69.73 -19.96
CA TYR B 664 47.71 70.69 -18.95
C TYR B 664 48.89 71.26 -18.19
N SER B 665 49.93 70.45 -17.96
CA SER B 665 51.10 70.93 -17.24
C SER B 665 51.81 72.05 -18.00
N ALA B 666 51.90 71.91 -19.32
CA ALA B 666 52.57 72.93 -20.13
C ALA B 666 51.86 74.28 -20.04
N LEU B 667 50.52 74.26 -20.02
CA LEU B 667 49.77 75.50 -19.94
C LEU B 667 50.05 76.24 -18.63
N VAL B 668 50.17 75.49 -17.53
CA VAL B 668 50.45 76.12 -16.24
C VAL B 668 51.81 76.81 -16.25
N THR B 669 52.82 76.16 -16.84
CA THR B 669 54.16 76.75 -16.88
C THR B 669 54.17 78.04 -17.69
N LYS B 670 53.49 78.06 -18.83
CA LYS B 670 53.49 79.25 -19.67
C LYS B 670 52.84 80.44 -18.96
N THR B 671 51.70 80.22 -18.32
CA THR B 671 51.01 81.31 -17.63
C THR B 671 51.81 81.80 -16.44
N ASN B 672 52.46 80.90 -15.70
CA ASN B 672 53.23 81.29 -14.53
C ASN B 672 54.41 82.18 -14.92
N ARG B 673 55.07 81.86 -16.04
CA ARG B 673 56.21 82.66 -16.48
C ARG B 673 55.79 84.08 -16.80
N ILE B 674 54.64 84.26 -17.46
CA ILE B 674 54.14 85.59 -17.75
C ILE B 674 53.80 86.33 -16.46
N ALA B 675 53.15 85.64 -15.52
CA ALA B 675 52.82 86.26 -14.25
C ALA B 675 54.06 86.64 -13.46
N ARG B 676 55.09 85.77 -13.49
CA ARG B 676 56.32 86.06 -12.78
C ARG B 676 57.01 87.30 -13.35
N ILE B 677 56.99 87.44 -14.68
CA ILE B 677 57.60 88.61 -15.31
C ILE B 677 56.87 89.88 -14.88
N LEU B 678 55.54 89.84 -14.87
CA LEU B 678 54.75 91.00 -14.47
C LEU B 678 54.59 91.06 -12.96
N PHE B 692 65.96 79.84 -15.85
CA PHE B 692 64.83 80.62 -15.37
C PHE B 692 63.95 81.07 -16.53
N MET B 693 64.16 82.31 -16.98
CA MET B 693 63.38 82.86 -18.08
C MET B 693 63.67 82.16 -19.41
N SER B 694 64.83 81.50 -19.52
CA SER B 694 65.19 80.84 -20.77
C SER B 694 64.22 79.72 -21.09
N ALA B 695 63.97 79.53 -22.39
CA ALA B 695 63.04 78.51 -22.83
C ALA B 695 63.52 77.10 -22.47
N CYS B 696 64.83 76.93 -22.31
CA CYS B 696 65.35 75.63 -21.90
C CYS B 696 64.88 75.26 -20.50
N ALA B 697 64.79 76.25 -19.60
CA ALA B 697 64.31 75.98 -18.25
C ALA B 697 62.86 75.53 -18.25
N GLN B 698 62.04 76.14 -19.11
CA GLN B 698 60.63 75.77 -19.17
C GLN B 698 60.45 74.32 -19.61
N LEU B 699 61.22 73.89 -20.61
CA LEU B 699 61.13 72.50 -21.06
C LEU B 699 61.56 71.54 -19.96
N VAL B 700 62.62 71.87 -19.23
CA VAL B 700 63.08 71.03 -18.13
C VAL B 700 62.02 70.95 -17.04
N ILE B 701 61.39 72.09 -16.73
CA ILE B 701 60.35 72.11 -15.70
C ILE B 701 59.16 71.24 -16.13
N ALA B 702 58.76 71.35 -17.40
CA ALA B 702 57.65 70.53 -17.89
C ALA B 702 58.00 69.05 -17.86
N PHE B 703 59.23 68.70 -18.24
CA PHE B 703 59.65 67.31 -18.21
C PHE B 703 59.67 66.78 -16.78
N ILE B 704 60.13 67.58 -15.83
CA ILE B 704 60.11 67.17 -14.43
C ILE B 704 58.67 66.97 -13.95
N LEU B 705 57.78 67.87 -14.36
CA LEU B 705 56.38 67.77 -13.94
C LEU B 705 55.72 66.51 -14.49
N ILE B 706 55.94 66.20 -15.77
CA ILE B 706 55.29 65.03 -16.35
C ILE B 706 55.90 63.74 -15.81
N CYS B 707 57.18 63.75 -15.46
CA CYS B 707 57.80 62.54 -14.92
C CYS B 707 57.10 62.09 -13.63
N ILE B 708 56.54 63.02 -12.87
CA ILE B 708 55.75 62.66 -11.69
C ILE B 708 54.52 61.86 -12.12
N GLN B 709 53.82 62.32 -13.16
CA GLN B 709 52.67 61.59 -13.66
C GLN B 709 53.07 60.23 -14.20
N LEU B 710 54.19 60.17 -14.93
CA LEU B 710 54.66 58.89 -15.44
C LEU B 710 55.02 57.94 -14.30
N GLY B 711 55.66 58.45 -13.26
CA GLY B 711 55.97 57.62 -12.11
C GLY B 711 54.73 57.11 -11.41
N ILE B 712 53.72 57.97 -11.26
CA ILE B 712 52.47 57.54 -10.63
C ILE B 712 51.80 56.47 -11.47
N ILE B 713 51.78 56.65 -12.80
CA ILE B 713 51.17 55.66 -13.67
C ILE B 713 51.91 54.33 -13.59
N VAL B 714 53.24 54.38 -13.55
CA VAL B 714 54.03 53.16 -13.46
C VAL B 714 53.77 52.45 -12.14
N ALA B 715 53.70 53.21 -11.04
CA ALA B 715 53.43 52.61 -9.74
C ALA B 715 52.04 51.98 -9.70
N LEU B 716 51.05 52.66 -10.28
CA LEU B 716 49.70 52.09 -10.32
C LEU B 716 49.65 50.82 -11.17
N PHE B 717 50.36 50.81 -12.29
CA PHE B 717 50.36 49.64 -13.16
C PHE B 717 51.01 48.45 -12.47
N ILE B 718 52.10 48.69 -11.73
CA ILE B 718 52.77 47.60 -11.03
C ILE B 718 51.88 46.99 -9.96
N MET B 719 51.15 47.84 -9.22
CA MET B 719 50.30 47.35 -8.14
C MET B 719 49.19 46.45 -8.68
N GLU B 720 48.57 46.84 -9.78
CA GLU B 720 47.48 46.06 -10.39
C GLU B 720 47.92 45.58 -11.77
N PRO B 721 48.34 44.33 -11.91
CA PRO B 721 48.77 43.82 -13.22
C PRO B 721 47.62 43.84 -14.21
N PRO B 722 47.89 44.14 -15.48
CA PRO B 722 46.83 44.14 -16.48
C PRO B 722 46.61 42.74 -17.05
N ASP B 723 45.35 42.31 -17.05
CA ASP B 723 45.00 40.99 -17.56
C ASP B 723 43.54 40.99 -17.96
N ILE B 724 43.17 39.99 -18.77
CA ILE B 724 41.78 39.84 -19.21
C ILE B 724 40.97 39.19 -18.11
N MET B 725 39.77 39.72 -17.88
CA MET B 725 38.88 39.22 -16.84
C MET B 725 37.47 39.05 -17.40
N HIS B 726 36.71 38.16 -16.76
CA HIS B 726 35.34 37.89 -17.14
C HIS B 726 34.40 38.52 -16.14
N ASP B 727 33.43 39.28 -16.64
CA ASP B 727 32.46 40.00 -15.82
C ASP B 727 31.08 39.44 -16.06
N TYR B 728 30.36 39.13 -14.97
CA TYR B 728 29.01 38.60 -15.03
C TYR B 728 28.05 39.61 -14.41
N PRO B 729 27.43 40.48 -15.21
CA PRO B 729 26.49 41.46 -14.64
C PRO B 729 25.25 40.80 -14.06
N SER B 730 24.65 39.91 -14.83
CA SER B 730 23.44 39.20 -14.40
C SER B 730 23.45 37.81 -15.02
N ILE B 731 22.44 37.02 -14.68
CA ILE B 731 22.31 35.67 -15.21
C ILE B 731 22.07 35.68 -16.71
N ARG B 732 21.49 36.77 -17.24
CA ARG B 732 21.12 36.80 -18.65
C ARG B 732 22.33 36.68 -19.56
N GLU B 733 23.42 37.38 -19.24
CA GLU B 733 24.60 37.38 -20.11
C GLU B 733 25.85 37.63 -19.28
N VAL B 734 26.99 37.25 -19.86
CA VAL B 734 28.30 37.42 -19.25
C VAL B 734 29.21 38.12 -20.25
N TYR B 735 29.90 39.16 -19.80
CA TYR B 735 30.79 39.95 -20.64
C TYR B 735 32.23 39.79 -20.17
N LEU B 736 33.14 40.46 -20.85
CA LEU B 736 34.56 40.46 -20.50
C LEU B 736 35.05 41.90 -20.39
N ILE B 737 35.73 42.20 -19.29
CA ILE B 737 36.28 43.53 -19.03
C ILE B 737 37.70 43.38 -18.50
N CYS B 738 38.45 44.47 -18.59
CA CYS B 738 39.80 44.50 -18.04
C CYS B 738 39.75 44.63 -16.51
N ASN B 739 40.81 44.16 -15.86
CA ASN B 739 40.91 44.22 -14.41
C ASN B 739 41.36 45.62 -14.01
N THR B 740 40.41 46.55 -14.00
CA THR B 740 40.66 47.95 -13.68
C THR B 740 40.02 48.27 -12.33
N THR B 741 40.85 48.55 -11.34
CA THR B 741 40.34 48.90 -10.02
C THR B 741 39.79 50.32 -10.02
N ASN B 742 38.87 50.57 -9.08
CA ASN B 742 38.32 51.91 -8.94
C ASN B 742 39.39 52.91 -8.54
N LEU B 743 40.27 52.54 -7.60
CA LEU B 743 41.36 53.41 -7.22
C LEU B 743 42.34 53.62 -8.37
N GLY B 744 42.53 52.61 -9.22
CA GLY B 744 43.44 52.72 -10.34
C GLY B 744 43.07 53.80 -11.33
N VAL B 745 41.81 54.22 -11.36
CA VAL B 745 41.41 55.37 -12.17
C VAL B 745 41.10 56.59 -11.33
N VAL B 746 40.77 56.43 -10.04
CA VAL B 746 40.56 57.60 -9.19
C VAL B 746 41.87 58.35 -8.97
N THR B 747 42.95 57.62 -8.70
CA THR B 747 44.23 58.27 -8.39
C THR B 747 44.77 59.12 -9.53
N PRO B 748 44.87 58.64 -10.78
CA PRO B 748 45.44 59.50 -11.83
C PRO B 748 44.59 60.70 -12.16
N LEU B 749 43.26 60.56 -12.16
CA LEU B 749 42.40 61.69 -12.44
C LEU B 749 42.50 62.76 -11.37
N GLY B 750 42.62 62.35 -10.10
CA GLY B 750 42.80 63.31 -9.03
C GLY B 750 44.11 64.08 -9.11
N TYR B 751 45.11 63.51 -9.77
CA TYR B 751 46.37 64.21 -9.95
C TYR B 751 46.19 65.46 -10.80
N ASN B 752 45.38 65.36 -11.87
CA ASN B 752 45.14 66.52 -12.71
C ASN B 752 44.30 67.59 -12.01
N GLY B 753 43.62 67.23 -10.92
CA GLY B 753 42.84 68.22 -10.20
C GLY B 753 43.68 69.36 -9.67
N LEU B 754 44.83 69.04 -9.07
CA LEU B 754 45.77 70.07 -8.66
C LEU B 754 46.33 70.83 -9.85
N LEU B 755 46.61 70.11 -10.94
CA LEU B 755 47.11 70.76 -12.15
C LEU B 755 46.08 71.72 -12.74
N ILE B 756 44.82 71.31 -12.77
CA ILE B 756 43.76 72.17 -13.31
C ILE B 756 43.57 73.39 -12.42
N LEU B 757 43.61 73.21 -11.10
CA LEU B 757 43.43 74.33 -10.19
C LEU B 757 44.57 75.34 -10.30
N SER B 758 45.77 74.88 -10.67
CA SER B 758 46.89 75.80 -10.84
C SER B 758 46.62 76.80 -11.95
N CYS B 759 46.06 76.35 -13.07
CA CYS B 759 45.74 77.25 -14.16
C CYS B 759 44.68 78.26 -13.74
N THR B 760 43.66 77.82 -12.99
CA THR B 760 42.64 78.73 -12.50
C THR B 760 43.23 79.78 -11.57
N PHE B 761 44.13 79.35 -10.67
CA PHE B 761 44.78 80.31 -9.77
C PHE B 761 45.63 81.31 -10.53
N TYR B 762 46.37 80.85 -11.53
CA TYR B 762 47.22 81.74 -12.31
C TYR B 762 46.44 82.59 -13.31
N ALA B 763 45.21 82.19 -13.63
CA ALA B 763 44.43 82.93 -14.62
C ALA B 763 44.01 84.30 -14.11
N PHE B 764 43.71 84.41 -12.82
CA PHE B 764 43.22 85.68 -12.28
C PHE B 764 44.28 86.77 -12.40
N LYS B 765 45.54 86.45 -12.11
CA LYS B 765 46.60 87.46 -12.17
C LYS B 765 46.87 87.87 -13.61
N THR B 766 46.85 86.90 -14.54
CA THR B 766 47.19 87.20 -15.93
C THR B 766 46.13 88.07 -16.62
N ARG B 767 44.90 88.10 -16.10
CA ARG B 767 43.86 88.89 -16.73
C ARG B 767 44.08 90.39 -16.56
N ASN B 768 44.87 90.79 -15.57
CA ASN B 768 45.07 92.22 -15.32
C ASN B 768 45.90 92.88 -16.43
N VAL B 769 46.92 92.19 -16.91
CA VAL B 769 47.85 92.75 -17.89
C VAL B 769 47.76 91.91 -19.16
N PRO B 770 46.99 92.37 -20.16
CA PRO B 770 46.98 91.68 -21.46
C PRO B 770 48.08 92.18 -22.37
N ALA B 771 48.95 91.29 -22.84
CA ALA B 771 50.05 91.66 -23.71
C ALA B 771 50.17 90.64 -24.84
N ASN B 772 50.68 91.10 -25.99
CA ASN B 772 50.87 90.26 -27.16
C ASN B 772 49.58 89.53 -27.54
N PHE B 773 48.46 90.27 -27.51
CA PHE B 773 47.14 89.72 -27.79
C PHE B 773 46.84 88.55 -26.86
N ASN B 774 47.09 87.33 -27.33
CA ASN B 774 46.91 86.11 -26.55
C ASN B 774 45.46 85.93 -26.10
N GLU B 775 45.22 84.95 -25.24
CA GLU B 775 43.87 84.65 -24.75
C GLU B 775 43.95 84.48 -23.24
N ALA B 776 43.27 85.37 -22.51
CA ALA B 776 43.26 85.31 -21.05
C ALA B 776 42.04 84.56 -20.53
N LYS B 777 40.85 85.04 -20.88
CA LYS B 777 39.62 84.40 -20.40
C LYS B 777 39.39 83.04 -21.03
N TYR B 778 40.07 82.74 -22.14
CA TYR B 778 39.89 81.44 -22.78
C TYR B 778 40.41 80.30 -21.91
N ILE B 779 41.48 80.53 -21.15
CA ILE B 779 41.96 79.51 -20.22
C ILE B 779 40.91 79.23 -19.16
N ALA B 780 40.27 80.28 -18.63
CA ALA B 780 39.20 80.09 -17.65
C ALA B 780 38.02 79.36 -18.27
N PHE B 781 37.69 79.67 -19.53
CA PHE B 781 36.61 78.96 -20.21
C PHE B 781 36.94 77.48 -20.37
N THR B 782 38.18 77.16 -20.74
CA THR B 782 38.58 75.76 -20.86
C THR B 782 38.50 75.05 -19.52
N MET B 783 38.96 75.71 -18.45
CA MET B 783 38.87 75.10 -17.12
C MET B 783 37.43 74.85 -16.71
N TYR B 784 36.55 75.82 -16.97
CA TYR B 784 35.14 75.65 -16.63
C TYR B 784 34.51 74.52 -17.43
N THR B 785 34.80 74.43 -18.73
CA THR B 785 34.25 73.35 -19.54
C THR B 785 34.76 72.00 -19.07
N THR B 786 36.06 71.91 -18.74
CA THR B 786 36.60 70.64 -18.25
C THR B 786 35.96 70.25 -16.92
N CYS B 787 35.76 71.22 -16.02
CA CYS B 787 35.12 70.92 -14.75
C CYS B 787 33.69 70.46 -14.96
N ILE B 788 32.96 71.09 -15.88
CA ILE B 788 31.58 70.69 -16.15
C ILE B 788 31.54 69.28 -16.73
N ILE B 789 32.46 68.97 -17.65
CA ILE B 789 32.50 67.64 -18.23
C ILE B 789 32.80 66.59 -17.17
N TRP B 790 33.77 66.89 -16.29
CA TRP B 790 34.10 65.95 -15.22
C TRP B 790 32.93 65.74 -14.27
N LEU B 791 32.24 66.83 -13.91
CA LEU B 791 31.11 66.73 -13.01
C LEU B 791 29.95 65.97 -13.64
N ALA B 792 29.79 66.06 -14.96
CA ALA B 792 28.78 65.27 -15.64
C ALA B 792 29.19 63.80 -15.72
N PHE B 793 30.49 63.53 -15.88
CA PHE B 793 30.96 62.16 -16.04
C PHE B 793 30.99 61.40 -14.72
N VAL B 794 31.18 62.08 -13.59
CA VAL B 794 31.31 61.39 -12.31
C VAL B 794 30.10 60.51 -11.98
N PRO B 795 28.86 61.01 -12.02
CA PRO B 795 27.74 60.15 -11.58
C PRO B 795 27.40 59.05 -12.58
N ILE B 796 27.47 59.34 -13.87
CA ILE B 796 27.11 58.34 -14.87
C ILE B 796 28.11 57.19 -14.88
N TYR B 797 29.39 57.51 -14.68
CA TYR B 797 30.42 56.46 -14.72
C TYR B 797 30.20 55.44 -13.62
N PHE B 798 29.89 55.88 -12.41
CA PHE B 798 29.64 54.95 -11.31
C PHE B 798 28.24 54.34 -11.35
N GLY B 799 27.34 54.85 -12.19
CA GLY B 799 26.01 54.31 -12.29
C GLY B 799 25.79 53.43 -13.51
N SER B 800 26.30 53.86 -14.66
CA SER B 800 26.13 53.10 -15.88
C SER B 800 26.95 51.81 -15.84
N ASN B 801 26.42 50.77 -16.47
CA ASN B 801 27.10 49.48 -16.48
C ASN B 801 28.27 49.44 -17.45
N TYR B 802 28.18 50.18 -18.57
CA TYR B 802 29.22 50.10 -19.59
C TYR B 802 30.47 50.89 -19.19
N LYS B 803 30.31 52.17 -18.87
CA LYS B 803 31.38 53.07 -18.47
C LYS B 803 32.49 53.18 -19.50
N ILE B 804 32.20 52.91 -20.77
CA ILE B 804 33.18 52.99 -21.85
C ILE B 804 32.82 54.09 -22.84
N ILE B 805 31.59 54.06 -23.36
CA ILE B 805 31.16 55.09 -24.30
C ILE B 805 31.17 56.46 -23.63
N THR B 806 30.77 56.51 -22.35
CA THR B 806 30.79 57.78 -21.62
C THR B 806 32.21 58.31 -21.51
N MET B 807 33.17 57.45 -21.18
CA MET B 807 34.56 57.88 -21.07
C MET B 807 35.08 58.36 -22.42
N CYS B 808 34.77 57.62 -23.49
CA CYS B 808 35.22 58.02 -24.82
C CYS B 808 34.65 59.38 -25.21
N PHE B 809 33.35 59.58 -25.00
CA PHE B 809 32.74 60.86 -25.35
C PHE B 809 33.33 61.99 -24.52
N SER B 810 33.53 61.76 -23.22
CA SER B 810 34.07 62.81 -22.36
C SER B 810 35.48 63.20 -22.78
N VAL B 811 36.33 62.20 -23.05
CA VAL B 811 37.72 62.53 -23.41
C VAL B 811 37.76 63.19 -24.79
N SER B 812 36.91 62.74 -25.72
CA SER B 812 36.88 63.38 -27.04
C SER B 812 36.41 64.83 -26.94
N LEU B 813 35.39 65.09 -26.13
CA LEU B 813 34.91 66.45 -25.96
C LEU B 813 35.97 67.33 -25.28
N SER B 814 36.66 66.78 -24.28
CA SER B 814 37.71 67.55 -23.61
C SER B 814 38.83 67.90 -24.58
N ALA B 815 39.26 66.94 -25.39
CA ALA B 815 40.30 67.22 -26.38
C ALA B 815 39.83 68.25 -27.39
N THR B 816 38.58 68.12 -27.84
CA THR B 816 38.05 69.05 -28.84
C THR B 816 38.01 70.47 -28.30
N VAL B 817 37.50 70.65 -27.08
CA VAL B 817 37.40 72.00 -26.53
C VAL B 817 38.78 72.56 -26.23
N ALA B 818 39.70 71.72 -25.75
CA ALA B 818 41.05 72.18 -25.47
C ALA B 818 41.76 72.65 -26.74
N LEU B 819 41.58 71.92 -27.83
CA LEU B 819 42.21 72.32 -29.09
C LEU B 819 41.54 73.56 -29.67
N GLY B 820 40.21 73.58 -29.69
CA GLY B 820 39.51 74.67 -30.36
C GLY B 820 39.61 75.99 -29.63
N CYS B 821 39.45 75.98 -28.31
CA CYS B 821 39.26 77.22 -27.56
C CYS B 821 40.49 78.12 -27.63
N MET B 822 41.66 77.56 -27.33
CA MET B 822 42.87 78.37 -27.15
C MET B 822 43.72 78.46 -28.42
N PHE B 823 43.22 77.99 -29.56
CA PHE B 823 43.99 78.03 -30.80
C PHE B 823 43.33 78.82 -31.91
N VAL B 824 42.00 78.99 -31.90
CA VAL B 824 41.33 79.71 -32.98
C VAL B 824 41.65 81.20 -33.02
N PRO B 825 41.95 81.90 -31.90
CA PRO B 825 42.39 83.30 -32.06
C PRO B 825 43.69 83.42 -32.84
N LYS B 826 44.64 82.51 -32.62
CA LYS B 826 45.89 82.54 -33.36
C LYS B 826 45.66 82.21 -34.83
N VAL B 827 44.74 81.28 -35.11
CA VAL B 827 44.42 80.96 -36.50
C VAL B 827 43.80 82.16 -37.19
N TYR B 828 42.89 82.86 -36.50
CA TYR B 828 42.27 84.06 -37.07
C TYR B 828 43.31 85.15 -37.31
N ILE B 829 44.25 85.31 -36.37
CA ILE B 829 45.30 86.30 -36.55
C ILE B 829 46.17 85.95 -37.74
N ILE B 830 46.52 84.68 -37.90
CA ILE B 830 47.31 84.24 -39.05
C ILE B 830 46.53 84.45 -40.34
N LEU B 831 45.25 84.09 -40.34
CA LEU B 831 44.40 84.25 -41.51
C LEU B 831 44.00 85.71 -41.70
N GLN C 1 -32.98 -50.48 1.70
CA GLN C 1 -34.15 -51.35 1.80
C GLN C 1 -35.28 -50.67 2.56
N VAL C 2 -36.50 -50.89 2.11
CA VAL C 2 -37.69 -50.32 2.73
C VAL C 2 -38.70 -51.44 2.95
N GLN C 3 -39.20 -51.57 4.18
CA GLN C 3 -40.16 -52.59 4.53
C GLN C 3 -41.54 -51.97 4.72
N LEU C 4 -42.54 -52.57 4.11
CA LEU C 4 -43.91 -52.04 4.10
C LEU C 4 -44.81 -52.94 4.93
N VAL C 5 -45.60 -52.34 5.82
CA VAL C 5 -46.57 -53.07 6.63
C VAL C 5 -47.91 -52.36 6.51
N GLU C 6 -48.94 -53.11 6.12
CA GLU C 6 -50.28 -52.57 5.97
C GLU C 6 -51.21 -53.17 7.01
N SER C 7 -52.17 -52.35 7.46
CA SER C 7 -53.12 -52.77 8.48
C SER C 7 -54.41 -51.96 8.31
N GLY C 8 -55.37 -52.25 9.18
CA GLY C 8 -56.66 -51.59 9.15
C GLY C 8 -57.79 -52.39 8.55
N GLY C 9 -57.55 -53.65 8.19
CA GLY C 9 -58.60 -54.46 7.61
C GLY C 9 -59.55 -55.03 8.64
N GLY C 10 -60.63 -55.63 8.15
CA GLY C 10 -61.63 -56.22 9.02
C GLY C 10 -62.88 -56.57 8.24
N LEU C 11 -63.96 -56.79 8.98
CA LEU C 11 -65.26 -57.11 8.41
C LEU C 11 -66.15 -55.88 8.48
N VAL C 12 -66.69 -55.46 7.34
CA VAL C 12 -67.52 -54.27 7.24
C VAL C 12 -68.78 -54.63 6.47
N GLN C 13 -69.93 -54.20 6.99
CA GLN C 13 -71.18 -54.43 6.30
C GLN C 13 -71.28 -53.58 5.04
N ALA C 14 -72.16 -54.01 4.13
CA ALA C 14 -72.35 -53.29 2.89
C ALA C 14 -72.83 -51.87 3.14
N GLY C 15 -72.26 -50.91 2.43
CA GLY C 15 -72.58 -49.52 2.61
C GLY C 15 -71.84 -48.83 3.74
N GLY C 16 -70.85 -49.47 4.33
CA GLY C 16 -70.10 -48.92 5.44
C GLY C 16 -68.89 -48.13 4.99
N SER C 17 -67.86 -48.13 5.83
CA SER C 17 -66.63 -47.41 5.55
C SER C 17 -65.46 -48.14 6.17
N LEU C 18 -64.27 -47.87 5.64
CA LEU C 18 -63.05 -48.48 6.16
C LEU C 18 -61.86 -47.60 5.81
N ARG C 19 -60.78 -47.78 6.54
CA ARG C 19 -59.56 -47.00 6.35
C ARG C 19 -58.35 -47.91 6.51
N LEU C 20 -57.58 -48.06 5.44
CA LEU C 20 -56.39 -48.90 5.45
C LEU C 20 -55.14 -48.02 5.51
N SER C 21 -54.17 -48.44 6.31
CA SER C 21 -52.93 -47.69 6.49
C SER C 21 -51.76 -48.55 6.04
N CYS C 22 -50.75 -47.89 5.46
CA CYS C 22 -49.53 -48.55 5.00
C CYS C 22 -48.35 -47.74 5.49
N ALA C 23 -47.51 -48.35 6.33
CA ALA C 23 -46.36 -47.69 6.93
C ALA C 23 -45.07 -48.31 6.40
N ALA C 24 -44.10 -47.45 6.09
CA ALA C 24 -42.82 -47.87 5.54
C ALA C 24 -41.69 -47.43 6.45
N SER C 25 -40.67 -48.28 6.54
CA SER C 25 -39.49 -47.99 7.34
C SER C 25 -38.49 -47.19 6.52
N GLY C 26 -37.28 -47.03 7.04
CA GLY C 26 -36.27 -46.26 6.35
C GLY C 26 -36.49 -44.76 6.46
N ARG C 27 -35.70 -44.02 5.68
CA ARG C 27 -35.77 -42.57 5.69
C ARG C 27 -35.87 -41.98 4.29
N THR C 28 -36.22 -42.80 3.30
CA THR C 28 -36.38 -42.37 1.92
C THR C 28 -37.81 -42.51 1.44
N PHE C 29 -38.77 -42.30 2.35
CA PHE C 29 -40.17 -42.50 2.02
C PHE C 29 -40.67 -41.46 1.02
N THR C 30 -40.17 -40.23 1.12
CA THR C 30 -40.68 -39.14 0.30
C THR C 30 -40.26 -39.23 -1.16
N SER C 31 -39.33 -40.13 -1.51
CA SER C 31 -38.85 -40.26 -2.87
C SER C 31 -39.51 -41.40 -3.62
N TYR C 32 -40.56 -42.00 -3.06
CA TYR C 32 -41.24 -43.12 -3.68
C TYR C 32 -42.71 -42.81 -3.81
N ALA C 33 -43.24 -42.93 -5.03
CA ALA C 33 -44.67 -42.92 -5.22
C ALA C 33 -45.26 -44.25 -4.73
N MET C 34 -46.53 -44.21 -4.32
CA MET C 34 -47.16 -45.36 -3.71
C MET C 34 -48.41 -45.76 -4.48
N GLY C 35 -48.76 -47.04 -4.37
CA GLY C 35 -49.92 -47.57 -5.04
C GLY C 35 -50.54 -48.71 -4.25
N TRP C 36 -51.83 -48.93 -4.51
CA TRP C 36 -52.60 -49.97 -3.86
C TRP C 36 -53.07 -50.99 -4.88
N PHE C 37 -53.07 -52.26 -4.49
CA PHE C 37 -53.45 -53.36 -5.36
C PHE C 37 -54.48 -54.23 -4.67
N ARG C 38 -55.36 -54.82 -5.48
CA ARG C 38 -56.42 -55.69 -4.99
C ARG C 38 -56.33 -57.03 -5.70
N GLN C 39 -56.31 -58.12 -4.93
CA GLN C 39 -56.23 -59.46 -5.48
C GLN C 39 -57.32 -60.32 -4.86
N ALA C 40 -58.16 -60.90 -5.70
CA ALA C 40 -59.24 -61.77 -5.26
C ALA C 40 -58.96 -63.21 -5.66
N PRO C 41 -59.38 -64.18 -4.85
CA PRO C 41 -59.17 -65.58 -5.21
C PRO C 41 -59.88 -65.94 -6.50
N GLY C 42 -59.22 -66.77 -7.31
CA GLY C 42 -59.74 -67.14 -8.61
C GLY C 42 -59.53 -66.13 -9.71
N LYS C 43 -58.82 -65.04 -9.43
CA LYS C 43 -58.59 -63.99 -10.43
C LYS C 43 -57.15 -63.49 -10.27
N GLU C 44 -56.86 -62.36 -10.91
CA GLU C 44 -55.53 -61.76 -10.92
C GLU C 44 -55.51 -60.56 -9.98
N ARG C 45 -54.40 -59.83 -9.98
CA ARG C 45 -54.24 -58.62 -9.18
C ARG C 45 -54.44 -57.39 -10.06
N GLU C 46 -55.25 -56.44 -9.59
CA GLU C 46 -55.52 -55.22 -10.32
C GLU C 46 -55.13 -54.02 -9.46
N SER C 47 -54.56 -53.00 -10.11
CA SER C 47 -54.27 -51.75 -9.42
C SER C 47 -55.54 -51.01 -9.08
N VAL C 48 -55.52 -50.28 -7.96
CA VAL C 48 -56.70 -49.60 -7.45
C VAL C 48 -56.48 -48.10 -7.46
N ALA C 49 -55.46 -47.63 -6.75
CA ALA C 49 -55.20 -46.21 -6.64
C ALA C 49 -53.70 -45.98 -6.49
N ALA C 50 -53.27 -44.76 -6.82
CA ALA C 50 -51.87 -44.41 -6.73
C ALA C 50 -51.75 -42.91 -6.50
N ILE C 51 -50.59 -42.51 -5.96
CA ILE C 51 -50.31 -41.12 -5.62
C ILE C 51 -48.84 -40.85 -5.94
N SER C 52 -48.56 -39.63 -6.40
CA SER C 52 -47.22 -39.28 -6.80
C SER C 52 -46.30 -39.18 -5.57
N SER C 53 -45.03 -38.92 -5.82
CA SER C 53 -44.02 -38.95 -4.76
C SER C 53 -44.19 -37.81 -3.76
N SER C 54 -44.96 -36.78 -4.10
CA SER C 54 -45.17 -35.65 -3.21
C SER C 54 -46.65 -35.26 -3.20
N GLY C 55 -47.53 -36.24 -3.16
CA GLY C 55 -48.95 -35.95 -3.25
C GLY C 55 -49.27 -35.25 -4.56
N GLY C 56 -50.00 -34.14 -4.48
CA GLY C 56 -50.26 -33.32 -5.64
C GLY C 56 -51.26 -33.92 -6.61
N SER C 57 -50.96 -35.12 -7.11
CA SER C 57 -51.81 -35.79 -8.09
C SER C 57 -52.08 -37.22 -7.66
N THR C 58 -53.33 -37.63 -7.80
CA THR C 58 -53.76 -38.98 -7.45
C THR C 58 -54.51 -39.59 -8.62
N HIS C 59 -54.37 -40.90 -8.78
CA HIS C 59 -54.99 -41.65 -9.88
C HIS C 59 -55.79 -42.80 -9.29
N TYR C 60 -56.99 -43.01 -9.84
CA TYR C 60 -57.88 -44.06 -9.39
C TYR C 60 -58.32 -44.91 -10.57
N ALA C 61 -58.50 -46.21 -10.32
CA ALA C 61 -59.08 -47.09 -11.31
C ALA C 61 -60.55 -46.72 -11.53
N ASP C 62 -61.03 -46.98 -12.75
CA ASP C 62 -62.41 -46.62 -13.08
C ASP C 62 -63.43 -47.46 -12.33
N SER C 63 -63.02 -48.60 -11.77
CA SER C 63 -63.95 -49.45 -11.05
C SER C 63 -64.39 -48.83 -9.73
N VAL C 64 -63.47 -48.16 -9.04
CA VAL C 64 -63.72 -47.64 -7.70
C VAL C 64 -63.57 -46.12 -7.64
N LYS C 65 -63.73 -45.44 -8.77
CA LYS C 65 -63.62 -43.99 -8.79
C LYS C 65 -64.86 -43.36 -8.17
N GLY C 66 -64.65 -42.40 -7.27
CA GLY C 66 -65.72 -41.71 -6.59
C GLY C 66 -66.01 -42.24 -5.20
N ARG C 67 -65.57 -43.45 -4.88
CA ARG C 67 -65.77 -44.04 -3.57
C ARG C 67 -64.51 -44.06 -2.72
N PHE C 68 -63.35 -44.28 -3.33
CA PHE C 68 -62.09 -44.41 -2.61
C PHE C 68 -61.31 -43.11 -2.69
N THR C 69 -60.52 -42.85 -1.65
CA THR C 69 -59.59 -41.72 -1.63
C THR C 69 -58.24 -42.21 -1.11
N ILE C 70 -57.17 -41.64 -1.63
CA ILE C 70 -55.81 -42.01 -1.24
C ILE C 70 -55.09 -40.76 -0.76
N SER C 71 -54.28 -40.91 0.28
CA SER C 71 -53.59 -39.77 0.88
C SER C 71 -52.22 -40.20 1.36
N ARG C 72 -51.34 -39.21 1.54
CA ARG C 72 -49.99 -39.42 2.03
C ARG C 72 -49.79 -38.66 3.34
N ASP C 73 -48.71 -39.03 4.03
CA ASP C 73 -48.26 -38.29 5.22
C ASP C 73 -46.77 -38.55 5.35
N ASN C 74 -45.97 -37.57 4.93
CA ASN C 74 -44.52 -37.70 4.97
C ASN C 74 -43.95 -37.42 6.35
N SER C 75 -44.69 -36.73 7.22
CA SER C 75 -44.19 -36.45 8.56
C SER C 75 -44.03 -37.73 9.37
N LYS C 76 -45.00 -38.64 9.27
CA LYS C 76 -44.95 -39.90 9.99
C LYS C 76 -44.79 -41.10 9.04
N ASN C 77 -44.51 -40.86 7.76
CA ASN C 77 -44.15 -41.89 6.80
C ASN C 77 -45.24 -42.96 6.68
N THR C 78 -46.42 -42.54 6.22
CA THR C 78 -47.49 -43.51 6.03
C THR C 78 -48.49 -43.00 5.00
N VAL C 79 -49.10 -43.94 4.29
CA VAL C 79 -50.13 -43.63 3.31
C VAL C 79 -51.45 -44.23 3.76
N TYR C 80 -52.55 -43.62 3.33
CA TYR C 80 -53.88 -43.99 3.75
C TYR C 80 -54.77 -44.22 2.54
N LEU C 81 -55.68 -45.18 2.66
CA LEU C 81 -56.73 -45.41 1.68
C LEU C 81 -58.05 -45.45 2.43
N GLN C 82 -58.89 -44.43 2.23
CA GLN C 82 -60.21 -44.36 2.82
C GLN C 82 -61.22 -44.85 1.79
N MET C 83 -61.87 -45.97 2.09
CA MET C 83 -62.77 -46.62 1.15
C MET C 83 -64.17 -46.67 1.74
N ASN C 84 -65.12 -46.06 1.05
CA ASN C 84 -66.50 -45.96 1.50
C ASN C 84 -67.43 -46.61 0.49
N SER C 85 -68.70 -46.75 0.90
CA SER C 85 -69.74 -47.37 0.07
C SER C 85 -69.32 -48.77 -0.38
N LEU C 86 -69.17 -49.65 0.59
CA LEU C 86 -68.65 -50.99 0.33
C LEU C 86 -69.60 -51.77 -0.57
N LYS C 87 -69.03 -52.68 -1.36
CA LYS C 87 -69.77 -53.50 -2.31
C LYS C 87 -69.34 -54.96 -2.14
N PRO C 88 -70.25 -55.91 -2.34
CA PRO C 88 -69.91 -57.32 -2.08
C PRO C 88 -68.76 -57.85 -2.94
N GLU C 89 -68.47 -57.24 -4.07
CA GLU C 89 -67.40 -57.74 -4.94
C GLU C 89 -66.02 -57.22 -4.54
N ASP C 90 -65.92 -56.47 -3.45
CA ASP C 90 -64.64 -55.92 -3.01
C ASP C 90 -63.92 -56.80 -2.00
N THR C 91 -64.44 -58.00 -1.71
CA THR C 91 -63.80 -58.91 -0.78
C THR C 91 -62.53 -59.47 -1.39
N ALA C 92 -61.38 -59.03 -0.90
CA ALA C 92 -60.11 -59.43 -1.50
C ALA C 92 -58.97 -59.06 -0.55
N VAL C 93 -57.74 -59.33 -0.98
CA VAL C 93 -56.54 -59.00 -0.23
C VAL C 93 -55.92 -57.77 -0.87
N TYR C 94 -55.57 -56.79 -0.04
CA TYR C 94 -55.02 -55.52 -0.49
C TYR C 94 -53.52 -55.47 -0.21
N TYR C 95 -52.78 -54.92 -1.18
CA TYR C 95 -51.34 -54.79 -1.10
C TYR C 95 -50.94 -53.34 -1.30
N CYS C 96 -49.81 -52.97 -0.70
CA CYS C 96 -49.26 -51.62 -0.79
C CYS C 96 -47.87 -51.71 -1.39
N ALA C 97 -47.62 -50.92 -2.44
CA ALA C 97 -46.38 -51.01 -3.18
C ALA C 97 -45.80 -49.62 -3.44
N ALA C 98 -44.49 -49.58 -3.67
CA ALA C 98 -43.77 -48.34 -3.91
C ALA C 98 -43.02 -48.42 -5.24
N ALA C 99 -42.86 -47.26 -5.89
CA ALA C 99 -42.21 -47.19 -7.18
C ALA C 99 -41.47 -45.86 -7.29
N MET C 100 -40.42 -45.85 -8.11
CA MET C 100 -39.61 -44.64 -8.30
C MET C 100 -39.33 -44.36 -9.78
N TYR C 101 -39.35 -45.40 -10.60
CA TYR C 101 -38.87 -45.29 -11.98
C TYR C 101 -39.92 -45.72 -12.99
N GLY C 102 -41.15 -45.22 -12.86
CA GLY C 102 -42.24 -45.63 -13.70
C GLY C 102 -42.49 -44.72 -14.89
N SER C 103 -43.56 -45.03 -15.60
CA SER C 103 -44.13 -44.26 -16.70
C SER C 103 -45.54 -43.83 -16.30
N ARG C 104 -46.30 -43.34 -17.26
CA ARG C 104 -47.68 -42.95 -16.99
C ARG C 104 -48.45 -44.13 -16.39
N TRP C 105 -49.23 -43.84 -15.35
CA TRP C 105 -49.94 -44.87 -14.62
C TRP C 105 -50.89 -45.61 -15.55
N PRO C 106 -51.08 -46.93 -15.38
CA PRO C 106 -50.52 -47.80 -14.33
C PRO C 106 -49.27 -48.60 -14.71
N ASP C 107 -48.28 -47.96 -15.32
CA ASP C 107 -46.99 -48.58 -15.63
C ASP C 107 -45.93 -47.89 -14.77
N TRP C 108 -45.62 -48.48 -13.62
CA TRP C 108 -44.81 -47.79 -12.63
C TRP C 108 -43.56 -48.52 -12.15
N GLU C 109 -43.37 -49.80 -12.52
CA GLU C 109 -42.15 -50.54 -12.18
C GLU C 109 -41.88 -50.53 -10.67
N TYR C 110 -42.80 -51.15 -9.93
CA TYR C 110 -42.68 -51.21 -8.48
C TYR C 110 -41.51 -52.09 -8.06
N ASP C 111 -40.95 -51.80 -6.89
CA ASP C 111 -39.81 -52.54 -6.37
C ASP C 111 -39.98 -53.03 -4.93
N TYR C 112 -40.90 -52.47 -4.15
CA TYR C 112 -41.16 -52.91 -2.79
C TYR C 112 -42.63 -53.26 -2.65
N TRP C 113 -42.90 -54.35 -1.94
CA TRP C 113 -44.27 -54.86 -1.79
C TRP C 113 -44.56 -55.14 -0.32
N GLY C 114 -45.82 -55.01 0.05
CA GLY C 114 -46.25 -55.30 1.41
C GLY C 114 -46.76 -56.71 1.56
N GLN C 115 -47.11 -57.05 2.80
CA GLN C 115 -47.56 -58.41 3.10
C GLN C 115 -48.97 -58.66 2.58
N GLY C 116 -49.88 -57.71 2.76
CA GLY C 116 -51.26 -57.89 2.36
C GLY C 116 -52.23 -57.81 3.52
N THR C 117 -53.50 -57.53 3.23
CA THR C 117 -54.51 -57.42 4.28
C THR C 117 -55.85 -57.87 3.73
N GLN C 118 -56.51 -58.78 4.44
CA GLN C 118 -57.80 -59.31 4.00
C GLN C 118 -58.92 -58.34 4.35
N VAL C 119 -59.76 -58.03 3.36
CA VAL C 119 -60.95 -57.21 3.56
C VAL C 119 -62.14 -57.96 3.00
N THR C 120 -63.16 -58.16 3.84
CA THR C 120 -64.37 -58.87 3.46
C THR C 120 -65.59 -58.01 3.80
N VAL C 121 -66.56 -57.98 2.89
CA VAL C 121 -67.76 -57.17 3.04
C VAL C 121 -68.93 -58.11 3.30
N SER C 122 -69.67 -57.85 4.36
CA SER C 122 -70.82 -58.67 4.73
C SER C 122 -72.08 -58.11 4.09
N SER C 123 -72.83 -58.99 3.41
CA SER C 123 -74.06 -58.58 2.74
C SER C 123 -75.18 -58.35 3.75
N GLN D 1 -11.38 -52.72 25.57
CA GLN D 1 -11.64 -54.07 26.06
C GLN D 1 -10.91 -55.11 25.23
N VAL D 2 -10.34 -56.10 25.91
CA VAL D 2 -9.62 -57.20 25.26
C VAL D 2 -10.14 -58.52 25.82
N GLN D 3 -10.00 -59.57 25.03
CA GLN D 3 -10.36 -60.92 25.44
C GLN D 3 -9.13 -61.82 25.31
N LEU D 4 -8.77 -62.49 26.40
CA LEU D 4 -7.53 -63.26 26.46
C LEU D 4 -7.83 -64.75 26.36
N VAL D 5 -7.11 -65.43 25.47
CA VAL D 5 -7.28 -66.86 25.27
C VAL D 5 -5.94 -67.55 25.49
N GLU D 6 -6.03 -68.80 25.94
CA GLU D 6 -4.87 -69.57 26.38
C GLU D 6 -4.64 -70.78 25.47
N SER D 7 -3.38 -71.13 25.29
CA SER D 7 -3.04 -72.34 24.54
C SER D 7 -1.67 -72.84 24.96
N GLY D 8 -1.44 -74.13 24.72
CA GLY D 8 -0.13 -74.73 24.93
C GLY D 8 -0.04 -75.72 26.07
N GLY D 9 -1.03 -75.77 26.97
CA GLY D 9 -0.96 -76.65 28.11
C GLY D 9 -1.28 -78.10 27.77
N GLY D 10 -1.15 -78.95 28.76
CA GLY D 10 -1.40 -80.37 28.58
C GLY D 10 -0.58 -81.19 29.57
N LEU D 11 -0.28 -82.42 29.16
CA LEU D 11 0.45 -83.38 29.99
C LEU D 11 1.84 -83.59 29.42
N VAL D 12 2.86 -83.51 30.29
CA VAL D 12 4.24 -83.66 29.88
C VAL D 12 4.96 -84.54 30.89
N GLN D 13 6.06 -85.15 30.45
CA GLN D 13 6.91 -85.91 31.34
C GLN D 13 7.81 -84.97 32.14
N ALA D 14 8.45 -85.53 33.17
CA ALA D 14 9.38 -84.74 33.98
C ALA D 14 10.61 -84.37 33.16
N GLY D 15 11.10 -83.15 33.38
CA GLY D 15 12.26 -82.65 32.68
C GLY D 15 11.98 -82.08 31.31
N GLY D 16 10.72 -82.04 30.87
CA GLY D 16 10.39 -81.50 29.57
C GLY D 16 10.28 -79.99 29.55
N SER D 17 10.12 -79.45 28.34
CA SER D 17 10.01 -78.02 28.12
C SER D 17 8.70 -77.71 27.42
N LEU D 18 8.06 -76.62 27.83
CA LEU D 18 6.76 -76.23 27.30
C LEU D 18 6.73 -74.76 26.92
N ARG D 19 5.88 -74.43 25.95
CA ARG D 19 5.63 -73.06 25.54
C ARG D 19 4.13 -72.80 25.62
N LEU D 20 3.75 -71.77 26.38
CA LEU D 20 2.36 -71.39 26.54
C LEU D 20 2.13 -70.04 25.90
N SER D 21 1.05 -69.91 25.14
CA SER D 21 0.73 -68.70 24.42
C SER D 21 -0.57 -68.11 24.95
N CYS D 22 -0.54 -66.80 25.22
CA CYS D 22 -1.72 -66.04 25.62
C CYS D 22 -1.96 -64.98 24.56
N ALA D 23 -3.12 -65.06 23.91
CA ALA D 23 -3.44 -64.19 22.78
C ALA D 23 -4.58 -63.26 23.17
N ALA D 24 -4.42 -61.97 22.87
CA ALA D 24 -5.38 -60.95 23.24
C ALA D 24 -6.08 -60.46 21.98
N SER D 25 -7.42 -60.53 21.99
CA SER D 25 -8.26 -60.00 20.93
C SER D 25 -8.72 -58.61 21.32
N GLY D 26 -8.56 -57.67 20.42
CA GLY D 26 -8.79 -56.26 20.67
C GLY D 26 -7.49 -55.47 20.60
N ARG D 27 -7.59 -54.23 20.16
CA ARG D 27 -6.43 -53.36 20.01
C ARG D 27 -6.02 -52.80 21.37
N THR D 28 -5.14 -51.80 21.36
CA THR D 28 -4.55 -51.24 22.58
C THR D 28 -3.88 -52.32 23.41
N PHE D 29 -3.27 -53.29 22.74
CA PHE D 29 -2.53 -54.35 23.43
C PHE D 29 -1.18 -53.87 23.93
N THR D 30 -0.54 -52.94 23.22
CA THR D 30 0.80 -52.49 23.58
C THR D 30 0.82 -51.63 24.83
N SER D 31 -0.32 -51.21 25.34
CA SER D 31 -0.41 -50.35 26.52
C SER D 31 -0.93 -51.12 27.73
N TYR D 32 -0.56 -52.40 27.84
CA TYR D 32 -0.98 -53.24 28.95
C TYR D 32 0.18 -54.13 29.36
N ALA D 33 0.59 -54.06 30.62
CA ALA D 33 1.55 -55.03 31.12
C ALA D 33 0.87 -56.39 31.27
N MET D 34 1.68 -57.44 31.33
CA MET D 34 1.11 -58.79 31.40
C MET D 34 1.74 -59.59 32.53
N GLY D 35 0.98 -60.53 33.04
CA GLY D 35 1.44 -61.38 34.12
C GLY D 35 0.82 -62.77 34.04
N TRP D 36 1.49 -63.71 34.70
CA TRP D 36 1.07 -65.11 34.69
C TRP D 36 0.83 -65.57 36.12
N PHE D 37 -0.23 -66.34 36.31
CA PHE D 37 -0.59 -66.89 37.60
C PHE D 37 -0.73 -68.39 37.50
N ARG D 38 -0.50 -69.09 38.60
CA ARG D 38 -0.68 -70.53 38.66
C ARG D 38 -1.40 -70.90 39.95
N GLN D 39 -2.27 -71.90 39.87
CA GLN D 39 -3.01 -72.37 41.03
C GLN D 39 -3.01 -73.90 41.04
N ALA D 40 -2.69 -74.47 42.20
CA ALA D 40 -2.64 -75.91 42.41
C ALA D 40 -3.53 -76.30 43.58
N PRO D 41 -4.06 -77.52 43.59
CA PRO D 41 -4.91 -77.94 44.71
C PRO D 41 -4.16 -77.90 46.03
N GLY D 42 -4.88 -77.51 47.08
CA GLY D 42 -4.28 -77.36 48.39
C GLY D 42 -3.49 -76.09 48.61
N LYS D 43 -3.49 -75.18 47.63
CA LYS D 43 -2.75 -73.93 47.74
C LYS D 43 -3.56 -72.76 47.22
N GLU D 44 -2.92 -71.61 47.04
CA GLU D 44 -3.57 -70.40 46.57
C GLU D 44 -2.89 -69.91 45.30
N ARG D 45 -3.60 -69.09 44.53
CA ARG D 45 -3.11 -68.62 43.24
C ARG D 45 -1.98 -67.62 43.45
N GLU D 46 -0.79 -67.96 42.95
CA GLU D 46 0.40 -67.15 43.14
C GLU D 46 1.04 -66.83 41.80
N SER D 47 1.50 -65.59 41.65
CA SER D 47 2.09 -65.15 40.39
C SER D 47 3.48 -65.71 40.21
N VAL D 48 3.84 -65.97 38.94
CA VAL D 48 5.13 -66.57 38.60
C VAL D 48 6.01 -65.61 37.80
N ALA D 49 5.42 -64.82 36.90
CA ALA D 49 6.21 -63.94 36.06
C ALA D 49 5.35 -62.78 35.57
N ALA D 50 6.03 -61.73 35.13
CA ALA D 50 5.36 -60.56 34.58
C ALA D 50 6.32 -59.80 33.66
N ILE D 51 5.74 -59.01 32.77
CA ILE D 51 6.49 -58.22 31.80
C ILE D 51 5.76 -56.89 31.60
N SER D 52 6.55 -55.84 31.37
CA SER D 52 6.00 -54.49 31.24
C SER D 52 5.31 -54.32 29.90
N SER D 53 4.72 -53.13 29.71
CA SER D 53 3.88 -52.89 28.54
C SER D 53 4.69 -52.93 27.25
N SER D 54 5.87 -52.32 27.24
CA SER D 54 6.70 -52.25 26.04
C SER D 54 7.82 -53.28 26.03
N GLY D 55 7.81 -54.22 26.97
CA GLY D 55 8.89 -55.19 27.08
C GLY D 55 10.14 -54.55 27.66
N GLY D 56 11.20 -55.34 27.70
CA GLY D 56 12.46 -54.87 28.26
C GLY D 56 12.51 -54.83 29.76
N SER D 57 11.49 -55.33 30.45
CA SER D 57 11.47 -55.38 31.91
C SER D 57 10.71 -56.62 32.31
N THR D 58 11.40 -57.59 32.90
CA THR D 58 10.81 -58.89 33.23
C THR D 58 11.04 -59.18 34.71
N HIS D 59 10.01 -59.74 35.35
CA HIS D 59 10.08 -60.10 36.76
C HIS D 59 9.64 -61.54 36.92
N TYR D 60 10.36 -62.29 37.77
CA TYR D 60 10.06 -63.69 38.01
C TYR D 60 10.02 -63.95 39.50
N ALA D 61 9.24 -64.97 39.88
CA ALA D 61 9.20 -65.39 41.28
C ALA D 61 10.46 -66.17 41.64
N ASP D 62 10.72 -66.26 42.95
CA ASP D 62 11.93 -66.94 43.41
C ASP D 62 11.87 -68.44 43.14
N SER D 63 10.67 -69.01 43.06
CA SER D 63 10.55 -70.44 42.81
C SER D 63 10.96 -70.82 41.40
N VAL D 64 10.59 -69.99 40.42
CA VAL D 64 10.78 -70.32 39.01
C VAL D 64 11.92 -69.52 38.39
N LYS D 65 12.80 -68.96 39.21
CA LYS D 65 13.94 -68.21 38.68
C LYS D 65 14.92 -69.15 38.00
N GLY D 66 15.41 -68.73 36.83
CA GLY D 66 16.37 -69.51 36.07
C GLY D 66 15.77 -70.60 35.21
N ARG D 67 14.46 -70.79 35.25
CA ARG D 67 13.79 -71.81 34.46
C ARG D 67 12.72 -71.26 33.54
N PHE D 68 12.02 -70.19 33.92
CA PHE D 68 10.96 -69.63 33.12
C PHE D 68 11.47 -68.43 32.33
N THR D 69 10.75 -68.12 31.24
CA THR D 69 11.09 -66.97 30.41
C THR D 69 9.82 -66.37 29.84
N ILE D 70 9.63 -65.07 30.04
CA ILE D 70 8.44 -64.36 29.59
C ILE D 70 8.83 -63.44 28.44
N SER D 71 8.04 -63.44 27.37
CA SER D 71 8.36 -62.63 26.20
C SER D 71 7.08 -62.15 25.55
N ARG D 72 7.20 -61.10 24.75
CA ARG D 72 6.06 -60.46 24.10
C ARG D 72 6.25 -60.42 22.59
N ASP D 73 5.14 -60.23 21.88
CA ASP D 73 5.16 -59.94 20.45
C ASP D 73 3.99 -59.02 20.18
N ASN D 74 4.29 -57.73 19.99
CA ASN D 74 3.26 -56.72 19.79
C ASN D 74 2.77 -56.66 18.35
N SER D 75 3.51 -57.24 17.41
CA SER D 75 3.04 -57.27 16.02
C SER D 75 1.84 -58.19 15.87
N LYS D 76 1.85 -59.34 16.57
CA LYS D 76 0.76 -60.28 16.53
C LYS D 76 -0.04 -60.34 17.83
N ASN D 77 0.27 -59.47 18.79
CA ASN D 77 -0.48 -59.36 20.05
C ASN D 77 -0.53 -60.69 20.79
N THR D 78 0.67 -61.22 21.11
CA THR D 78 0.73 -62.51 21.78
C THR D 78 1.87 -62.51 22.78
N VAL D 79 1.62 -63.06 23.97
CA VAL D 79 2.63 -63.15 25.02
C VAL D 79 2.94 -64.62 25.27
N TYR D 80 4.23 -64.94 25.31
CA TYR D 80 4.70 -66.32 25.42
C TYR D 80 5.40 -66.54 26.76
N LEU D 81 5.20 -67.73 27.31
CA LEU D 81 5.92 -68.18 28.50
C LEU D 81 6.59 -69.50 28.19
N GLN D 82 7.89 -69.59 28.47
CA GLN D 82 8.70 -70.76 28.20
C GLN D 82 9.13 -71.39 29.52
N MET D 83 8.81 -72.66 29.70
CA MET D 83 9.22 -73.43 30.87
C MET D 83 10.26 -74.45 30.44
N ASN D 84 11.38 -74.49 31.13
CA ASN D 84 12.47 -75.43 30.87
C ASN D 84 12.78 -76.21 32.14
N SER D 85 13.09 -77.50 31.97
CA SER D 85 13.42 -78.39 33.08
C SER D 85 12.30 -78.40 34.12
N LEU D 86 11.12 -78.81 33.67
CA LEU D 86 9.94 -78.79 34.51
C LEU D 86 10.05 -79.81 35.65
N LYS D 87 9.37 -79.52 36.74
CA LYS D 87 9.35 -80.33 37.94
C LYS D 87 7.96 -80.87 38.20
N PRO D 88 7.84 -81.98 38.93
CA PRO D 88 6.50 -82.53 39.23
C PRO D 88 5.63 -81.60 40.07
N GLU D 89 6.22 -80.63 40.77
CA GLU D 89 5.45 -79.75 41.65
C GLU D 89 4.81 -78.60 40.90
N ASP D 90 5.03 -78.48 39.59
CA ASP D 90 4.47 -77.39 38.80
C ASP D 90 3.14 -77.75 38.15
N THR D 91 2.61 -78.94 38.41
CA THR D 91 1.30 -79.33 37.89
C THR D 91 0.22 -78.43 38.47
N ALA D 92 -0.39 -77.59 37.63
CA ALA D 92 -1.32 -76.58 38.11
C ALA D 92 -2.07 -76.01 36.90
N VAL D 93 -3.02 -75.12 37.18
CA VAL D 93 -3.75 -74.39 36.16
C VAL D 93 -3.16 -73.00 36.05
N TYR D 94 -2.89 -72.56 34.82
CA TYR D 94 -2.19 -71.32 34.55
C TYR D 94 -3.13 -70.31 33.90
N TYR D 95 -3.02 -69.06 34.33
CA TYR D 95 -3.85 -67.96 33.85
C TYR D 95 -2.97 -66.81 33.39
N CYS D 96 -3.49 -66.05 32.43
CA CYS D 96 -2.82 -64.89 31.85
C CYS D 96 -3.65 -63.66 32.13
N ALA D 97 -3.03 -62.62 32.70
CA ALA D 97 -3.74 -61.43 33.13
C ALA D 97 -3.08 -60.19 32.57
N ALA D 98 -3.89 -59.18 32.27
CA ALA D 98 -3.43 -57.90 31.76
C ALA D 98 -3.61 -56.83 32.83
N ALA D 99 -2.58 -56.04 33.07
CA ALA D 99 -2.55 -55.07 34.15
C ALA D 99 -2.22 -53.68 33.63
N MET D 100 -2.77 -52.69 34.30
CA MET D 100 -2.52 -51.28 34.05
C MET D 100 -2.87 -50.53 35.33
N TYR D 101 -2.26 -49.36 35.52
CA TYR D 101 -2.40 -48.59 36.76
C TYR D 101 -1.96 -49.42 37.96
N GLY D 102 -0.69 -49.77 37.98
CA GLY D 102 -0.17 -50.58 39.06
C GLY D 102 0.95 -49.96 39.86
N SER D 103 1.57 -50.78 40.71
CA SER D 103 2.71 -50.38 41.52
C SER D 103 3.83 -51.39 41.30
N ARG D 104 4.86 -51.37 42.14
CA ARG D 104 5.94 -52.33 42.02
C ARG D 104 5.40 -53.76 42.08
N TRP D 105 5.90 -54.62 41.21
CA TRP D 105 5.43 -55.99 41.13
C TRP D 105 5.70 -56.71 42.45
N PRO D 106 4.79 -57.58 42.92
CA PRO D 106 3.54 -58.00 42.28
C PRO D 106 2.30 -57.22 42.69
N ASP D 107 2.42 -55.89 42.88
CA ASP D 107 1.30 -55.06 43.26
C ASP D 107 0.74 -54.40 42.00
N TRP D 108 0.00 -55.17 41.22
CA TRP D 108 -0.62 -54.71 39.99
C TRP D 108 -2.14 -54.89 40.07
N GLU D 109 -2.86 -54.01 39.40
CA GLU D 109 -4.32 -54.11 39.28
C GLU D 109 -4.64 -54.69 37.91
N TYR D 110 -5.07 -55.95 37.89
CA TYR D 110 -5.31 -56.67 36.65
C TYR D 110 -6.75 -56.43 36.20
N ASP D 111 -6.91 -55.76 35.06
CA ASP D 111 -8.24 -55.41 34.57
C ASP D 111 -8.94 -56.61 33.95
N TYR D 112 -8.21 -57.47 33.24
CA TYR D 112 -8.79 -58.57 32.50
C TYR D 112 -8.07 -59.86 32.86
N TRP D 113 -8.77 -60.98 32.64
CA TRP D 113 -8.27 -62.29 32.99
C TRP D 113 -8.50 -63.27 31.85
N GLY D 114 -7.71 -64.34 31.83
CA GLY D 114 -7.81 -65.36 30.81
C GLY D 114 -8.53 -66.60 31.30
N GLN D 115 -8.73 -67.53 30.37
CA GLN D 115 -9.46 -68.76 30.69
C GLN D 115 -8.61 -69.70 31.56
N GLY D 116 -7.35 -69.86 31.21
CA GLY D 116 -6.47 -70.75 31.96
C GLY D 116 -6.38 -72.12 31.31
N THR D 117 -5.26 -72.81 31.55
CA THR D 117 -5.02 -74.12 30.97
C THR D 117 -4.29 -74.99 31.97
N GLN D 118 -4.59 -76.28 31.95
CA GLN D 118 -4.01 -77.24 32.89
C GLN D 118 -2.67 -77.76 32.36
N VAL D 119 -1.68 -77.82 33.25
CA VAL D 119 -0.38 -78.41 32.97
C VAL D 119 -0.14 -79.50 34.00
N THR D 120 0.11 -80.71 33.53
CA THR D 120 0.34 -81.87 34.38
C THR D 120 1.70 -82.48 34.07
N VAL D 121 2.37 -82.96 35.12
CA VAL D 121 3.71 -83.51 35.02
C VAL D 121 3.66 -84.97 35.48
N SER D 122 4.24 -85.85 34.67
CA SER D 122 4.32 -87.28 34.98
C SER D 122 5.77 -87.69 35.14
N SER D 123 6.07 -88.39 36.22
CA SER D 123 7.44 -88.83 36.50
C SER D 123 7.76 -90.12 35.74
#